data_2AJF
#
_entry.id   2AJF
#
_cell.length_a   82.299
_cell.length_b   119.429
_cell.length_c   113.237
_cell.angle_alpha   90.00
_cell.angle_beta   91.97
_cell.angle_gamma   90.00
#
_symmetry.space_group_name_H-M   'P 1 21 1'
#
loop_
_entity.id
_entity.type
_entity.pdbx_description
1 polymer 'Angiotensin-converting enzyme-Related Carboxypeptidase (Ace2)'
2 polymer 'SARS-coronavirus spike protein'
3 branched beta-D-mannopyranose-(1-4)-2-acetamido-2-deoxy-beta-D-glucopyranose-(1-4)-2-acetamido-2-deoxy-beta-D-glucopyranose
4 non-polymer 2-acetamido-2-deoxy-beta-D-glucopyranose
5 non-polymer 'ZINC ION'
6 non-polymer 'CHLORIDE ION'
7 water water
#
loop_
_entity_poly.entity_id
_entity_poly.type
_entity_poly.pdbx_seq_one_letter_code
_entity_poly.pdbx_strand_id
1 'polypeptide(L)'
;STIEEQAKTFLDKFNHEAEDLFYQSSLASWNYNTNITEENVQNMNNAGDKWSAFLKEQSTLAQMYPLQEIQNLTVKLQLQ
ALQQNGSSVLSEDKSKRLNTILNTMSTIYSTGKVCNPDNPQECLLLEPGLNEIMANSLDYNERLWAWESWRSEVGKQLRP
LYEEYVVLKNEMARANHYEDYGDYWRGDYEVNGVDGYDYSRGQLIEDVEHTFEEIKPLYEHLHAYVRAKLMNAYPSYISP
IGCLPAHLLGDMWGRFWTNLYSLTVPFGQKPNIDVTDAMVDQAWDAQRIFKEAEKFFVSVGLPNMTQGFWENSMLTDPGN
VQKAVCHPTAWDLGKGDFRILMCTKVTMDDFLTAHHEMGHIQYDMAYAAQPFLLRNGANEGFHEAVGEIMSLSAATPKHL
KSIGLLSPDFQEDNETEINFLLKQALTIVGTLPFTYMLEKWRWMVFKGEIPKDQWMKKWWEMKREIVGVVEPVPHDETYC
DPASLFHVSNDYSFIRYYTRTLYQFQFQEALCQAAKHEGPLHKCDISNSTEAGQKLFNMLRLGKSEPWTLALENVVGAKN
MNVRPLLNYFEPLFTWLKDQNKNSFVGWSTDWSPYAD
;
A,B
2 'polypeptide(L)'
;CPFGEVFNATKFPSVYAWERKKISNCVADYSVLYNSTFFSTFKCYGVSATKLNDLCFSNVYADSFVVKGDDVRQIAPGQT
GVIADYNYKLPDDFMGCVLAWNTRNIDATSTGNYNYKYRYLRHGKLRPFERDISNVPFSPDGKPCTPPALNCYWPLNDYG
FYTTTGIGYQPYRVVVLSFE
;
E,F
#
loop_
_chem_comp.id
_chem_comp.type
_chem_comp.name
_chem_comp.formula
BMA D-saccharide, beta linking beta-D-mannopyranose 'C6 H12 O6'
CL non-polymer 'CHLORIDE ION' 'Cl -1'
NAG D-saccharide, beta linking 2-acetamido-2-deoxy-beta-D-glucopyranose 'C8 H15 N O6'
ZN non-polymer 'ZINC ION' 'Zn 2'
#
# COMPACT_ATOMS: atom_id res chain seq x y z
N SER A 1 -17.92 45.62 27.72
CA SER A 1 -17.52 44.99 26.42
C SER A 1 -18.59 44.00 25.95
N THR A 2 -18.37 43.41 24.76
CA THR A 2 -19.25 42.39 24.22
C THR A 2 -19.56 41.36 25.29
N ILE A 3 -20.80 40.86 25.32
CA ILE A 3 -21.16 39.82 26.29
C ILE A 3 -20.28 38.58 26.09
N GLU A 4 -19.61 38.54 24.95
CA GLU A 4 -18.61 37.54 24.65
C GLU A 4 -17.44 37.76 25.59
N GLU A 5 -16.82 38.95 25.48
CA GLU A 5 -15.70 39.32 26.34
C GLU A 5 -16.06 39.18 27.82
N GLN A 6 -17.34 39.39 28.14
CA GLN A 6 -17.88 39.13 29.47
C GLN A 6 -17.84 37.64 29.81
N ALA A 7 -18.45 36.84 28.95
CA ALA A 7 -18.54 35.38 29.13
C ALA A 7 -17.17 34.74 29.26
N LYS A 8 -16.18 35.31 28.57
CA LYS A 8 -14.80 34.87 28.66
C LYS A 8 -14.34 34.99 30.10
N THR A 9 -14.64 36.13 30.72
CA THR A 9 -14.24 36.42 32.08
C THR A 9 -14.99 35.50 33.06
N PHE A 10 -16.29 35.37 32.90
CA PHE A 10 -17.04 34.39 33.67
C PHE A 10 -16.37 33.01 33.66
N LEU A 11 -16.06 32.50 32.46
CA LEU A 11 -15.40 31.20 32.29
C LEU A 11 -14.04 31.16 32.95
N ASP A 12 -13.34 32.29 32.91
CA ASP A 12 -12.03 32.36 33.53
C ASP A 12 -12.07 32.32 35.04
N LYS A 13 -13.17 32.74 35.63
CA LYS A 13 -13.34 32.61 37.06
C LYS A 13 -13.75 31.18 37.35
N PHE A 14 -14.58 30.64 36.47
CA PHE A 14 -15.08 29.29 36.65
C PHE A 14 -13.93 28.27 36.68
N ASN A 15 -13.13 28.29 35.63
CA ASN A 15 -12.01 27.36 35.47
C ASN A 15 -11.11 27.28 36.66
N HIS A 16 -10.82 28.41 37.29
CA HIS A 16 -9.96 28.42 38.47
C HIS A 16 -10.70 27.92 39.72
N GLU A 17 -12.00 28.21 39.78
CA GLU A 17 -12.80 27.94 40.97
C GLU A 17 -13.16 26.47 41.00
N ALA A 18 -13.17 25.86 39.80
CA ALA A 18 -13.59 24.48 39.62
C ALA A 18 -12.39 23.56 39.66
N GLU A 19 -11.34 23.91 38.90
CA GLU A 19 -10.08 23.17 38.89
C GLU A 19 -9.72 22.80 40.32
N ASP A 20 -9.96 23.74 41.23
CA ASP A 20 -9.62 23.53 42.63
C ASP A 20 -10.66 22.68 43.34
N LEU A 21 -11.92 23.00 43.10
CA LEU A 21 -13.01 22.43 43.85
C LEU A 21 -13.19 20.98 43.49
N PHE A 22 -12.84 20.66 42.24
CA PHE A 22 -12.82 19.31 41.71
C PHE A 22 -11.67 18.56 42.36
N TYR A 23 -10.47 19.17 42.31
CA TYR A 23 -9.28 18.51 42.87
C TYR A 23 -9.52 18.05 44.32
N GLN A 24 -10.26 18.85 45.04
CA GLN A 24 -10.58 18.54 46.40
C GLN A 24 -11.46 17.31 46.40
N SER A 25 -12.54 17.33 45.60
CA SER A 25 -13.46 16.19 45.55
C SER A 25 -12.66 14.96 45.15
N SER A 26 -12.05 15.06 43.97
CA SER A 26 -11.12 14.10 43.47
C SER A 26 -10.35 13.38 44.61
N LEU A 27 -9.71 14.18 45.47
CA LEU A 27 -8.71 13.73 46.42
C LEU A 27 -9.34 12.96 47.56
N ALA A 28 -10.53 13.40 47.94
CA ALA A 28 -11.32 12.72 48.96
C ALA A 28 -11.77 11.39 48.38
N SER A 29 -12.41 11.45 47.21
CA SER A 29 -12.77 10.27 46.43
C SER A 29 -11.59 9.29 46.36
N TRP A 30 -10.41 9.84 46.11
CA TRP A 30 -9.19 9.04 46.11
C TRP A 30 -8.95 8.39 47.47
N ASN A 31 -8.87 9.21 48.52
CA ASN A 31 -8.69 8.71 49.90
C ASN A 31 -9.57 7.50 50.23
N TYR A 32 -10.78 7.52 49.69
CA TYR A 32 -11.79 6.52 49.94
C TYR A 32 -11.56 5.21 49.19
N ASN A 33 -11.36 5.29 47.87
CA ASN A 33 -11.20 4.08 47.08
C ASN A 33 -9.97 3.25 47.45
N THR A 34 -9.01 3.89 48.10
CA THR A 34 -7.77 3.23 48.55
C THR A 34 -7.86 2.80 50.01
N ASN A 35 -8.77 3.45 50.75
CA ASN A 35 -8.91 3.28 52.19
C ASN A 35 -10.39 3.47 52.54
N ILE A 36 -11.19 2.44 52.32
CA ILE A 36 -12.61 2.45 52.75
C ILE A 36 -12.65 2.59 54.26
N THR A 37 -13.41 3.59 54.74
CA THR A 37 -13.47 3.98 56.14
C THR A 37 -14.66 4.91 56.35
N GLU A 38 -15.33 4.76 57.49
CA GLU A 38 -16.38 5.70 57.92
C GLU A 38 -15.95 7.17 57.76
N GLU A 39 -14.72 7.47 58.18
CA GLU A 39 -14.14 8.80 58.08
C GLU A 39 -13.89 9.18 56.63
N ASN A 40 -13.36 8.22 55.87
CA ASN A 40 -13.00 8.43 54.47
C ASN A 40 -14.21 8.45 53.54
N VAL A 41 -15.26 7.71 53.91
CA VAL A 41 -16.51 7.70 53.13
C VAL A 41 -17.25 9.04 53.27
N GLN A 42 -17.45 9.48 54.51
CA GLN A 42 -18.17 10.71 54.83
C GLN A 42 -17.53 11.90 54.12
N ASN A 43 -16.21 11.98 54.24
CA ASN A 43 -15.42 13.01 53.58
C ASN A 43 -15.67 13.06 52.08
N MET A 44 -15.66 11.89 51.43
CA MET A 44 -15.89 11.80 49.96
C MET A 44 -17.18 12.49 49.53
N ASN A 45 -18.21 12.36 50.36
CA ASN A 45 -19.52 12.95 50.11
C ASN A 45 -19.51 14.47 50.21
N ASN A 46 -18.95 14.99 51.31
CA ASN A 46 -18.92 16.43 51.58
C ASN A 46 -18.30 17.23 50.45
N ALA A 47 -17.10 16.80 50.02
CA ALA A 47 -16.41 17.43 48.94
C ALA A 47 -17.18 17.27 47.64
N GLY A 48 -17.75 16.09 47.44
CA GLY A 48 -18.52 15.79 46.23
C GLY A 48 -19.74 16.68 46.07
N ASP A 49 -20.31 17.09 47.19
CA ASP A 49 -21.55 17.85 47.17
C ASP A 49 -21.36 19.36 47.09
N LYS A 50 -20.29 19.87 47.71
CA LYS A 50 -19.89 21.26 47.50
C LYS A 50 -19.64 21.42 46.00
N TRP A 51 -19.22 20.32 45.39
CA TRP A 51 -18.95 20.29 43.97
C TRP A 51 -20.23 20.41 43.15
N SER A 52 -21.06 19.38 43.13
CA SER A 52 -22.29 19.39 42.34
C SER A 52 -23.12 20.67 42.59
N ALA A 53 -23.01 21.23 43.79
CA ALA A 53 -23.69 22.48 44.14
C ALA A 53 -23.01 23.69 43.52
N PHE A 54 -21.71 23.59 43.33
CA PHE A 54 -20.95 24.62 42.65
C PHE A 54 -21.31 24.61 41.17
N LEU A 55 -21.43 23.41 40.62
CA LEU A 55 -21.84 23.23 39.23
C LEU A 55 -23.24 23.76 38.98
N LYS A 56 -24.14 23.48 39.92
CA LYS A 56 -25.52 23.89 39.77
C LYS A 56 -25.53 25.41 39.77
N GLU A 57 -24.77 25.99 40.71
CA GLU A 57 -24.71 27.44 40.87
C GLU A 57 -24.13 28.11 39.62
N GLN A 58 -23.06 27.54 39.06
CA GLN A 58 -22.42 28.14 37.89
C GLN A 58 -23.25 27.88 36.64
N SER A 59 -24.01 26.79 36.66
CA SER A 59 -24.93 26.48 35.57
C SER A 59 -26.03 27.53 35.55
N THR A 60 -26.64 27.79 36.70
CA THR A 60 -27.65 28.84 36.79
C THR A 60 -27.06 30.22 36.51
N LEU A 61 -25.74 30.36 36.66
CA LEU A 61 -25.09 31.64 36.44
C LEU A 61 -24.80 31.86 34.96
N ALA A 62 -24.30 30.84 34.27
CA ALA A 62 -24.05 30.91 32.83
C ALA A 62 -25.36 31.04 32.07
N GLN A 63 -26.41 30.46 32.66
CA GLN A 63 -27.78 30.56 32.17
C GLN A 63 -28.18 32.02 31.94
N MET A 64 -27.32 32.94 32.36
CA MET A 64 -27.58 34.37 32.19
C MET A 64 -26.77 35.00 31.05
N TYR A 65 -25.86 34.21 30.49
CA TYR A 65 -25.13 34.61 29.28
C TYR A 65 -25.78 33.92 28.08
N PRO A 66 -26.42 34.70 27.19
CA PRO A 66 -27.22 34.19 26.06
C PRO A 66 -26.37 33.58 24.95
N LEU A 67 -26.50 32.28 24.73
CA LEU A 67 -25.66 31.57 23.76
C LEU A 67 -25.83 32.14 22.34
N GLN A 68 -27.07 32.52 22.01
CA GLN A 68 -27.42 33.09 20.70
C GLN A 68 -26.84 34.51 20.55
N GLU A 69 -25.66 34.75 21.13
CA GLU A 69 -25.00 36.06 21.10
C GLU A 69 -23.46 35.95 21.13
N ILE A 70 -22.95 34.74 20.91
CA ILE A 70 -21.51 34.50 20.91
C ILE A 70 -21.03 34.00 19.55
N GLN A 71 -19.91 34.54 19.07
CA GLN A 71 -19.36 34.11 17.79
C GLN A 71 -18.00 33.40 17.89
N ASN A 72 -17.57 33.13 19.12
CA ASN A 72 -16.37 32.34 19.37
C ASN A 72 -16.78 30.88 19.62
N LEU A 73 -16.32 29.98 18.75
CA LEU A 73 -16.61 28.55 18.85
C LEU A 73 -16.21 27.99 20.23
N THR A 74 -14.98 28.25 20.63
CA THR A 74 -14.43 27.72 21.87
C THR A 74 -15.29 28.07 23.08
N VAL A 75 -15.62 29.34 23.27
CA VAL A 75 -16.37 29.72 24.48
C VAL A 75 -17.84 29.30 24.38
N LYS A 76 -18.38 29.30 23.18
CA LYS A 76 -19.75 28.85 22.99
C LYS A 76 -19.86 27.43 23.53
N LEU A 77 -18.94 26.57 23.09
CA LEU A 77 -18.83 25.22 23.62
C LEU A 77 -18.87 25.20 25.16
N GLN A 78 -17.89 25.83 25.79
CA GLN A 78 -17.80 25.82 27.25
C GLN A 78 -19.12 26.22 27.90
N LEU A 79 -19.70 27.31 27.41
CA LEU A 79 -21.00 27.77 27.91
C LEU A 79 -22.08 26.71 27.72
N GLN A 80 -22.24 26.22 26.49
CA GLN A 80 -23.21 25.17 26.18
C GLN A 80 -23.17 24.10 27.25
N ALA A 81 -21.97 23.58 27.51
CA ALA A 81 -21.76 22.58 28.55
C ALA A 81 -22.36 23.07 29.87
N LEU A 82 -21.84 24.18 30.37
CA LEU A 82 -22.30 24.76 31.64
C LEU A 82 -23.79 24.99 31.77
N GLN A 83 -24.41 25.61 30.76
CA GLN A 83 -25.82 25.96 30.85
C GLN A 83 -26.77 24.85 30.42
N GLN A 84 -26.43 23.61 30.77
CA GLN A 84 -27.42 22.53 30.66
C GLN A 84 -28.33 22.54 31.88
N ASN A 85 -29.60 22.86 31.64
CA ASN A 85 -30.63 22.89 32.68
C ASN A 85 -30.78 21.54 33.38
N GLY A 86 -30.77 20.47 32.59
CA GLY A 86 -30.78 19.12 33.12
C GLY A 86 -32.07 18.78 33.85
N SER A 87 -31.92 18.32 35.09
CA SER A 87 -33.07 17.92 35.92
C SER A 87 -33.71 19.10 36.66
N SER A 88 -33.06 20.27 36.61
CA SER A 88 -33.59 21.48 37.22
C SER A 88 -34.85 21.98 36.50
N VAL A 89 -34.93 21.75 35.18
CA VAL A 89 -36.01 22.27 34.34
C VAL A 89 -37.40 21.70 34.67
N LEU A 90 -37.44 20.75 35.62
CA LEU A 90 -38.70 20.13 36.03
C LEU A 90 -39.29 20.79 37.27
N SER A 91 -40.52 20.40 37.59
CA SER A 91 -41.19 20.85 38.81
C SER A 91 -40.47 20.33 40.05
N GLU A 92 -40.57 21.09 41.14
CA GLU A 92 -40.01 20.74 42.44
C GLU A 92 -39.97 19.23 42.74
N ASP A 93 -41.12 18.57 42.59
CA ASP A 93 -41.25 17.15 42.97
C ASP A 93 -41.17 16.19 41.78
N LYS A 94 -41.39 16.70 40.57
CA LYS A 94 -41.21 15.91 39.35
C LYS A 94 -39.77 15.45 39.26
N SER A 95 -38.85 16.40 39.46
CA SER A 95 -37.43 16.10 39.52
C SER A 95 -37.10 15.27 40.75
N LYS A 96 -37.85 15.50 41.83
CA LYS A 96 -37.61 14.79 43.07
C LYS A 96 -37.94 13.32 42.89
N ARG A 97 -39.19 13.05 42.55
CA ARG A 97 -39.69 11.70 42.35
C ARG A 97 -38.88 10.95 41.29
N LEU A 98 -38.51 11.63 40.20
CA LEU A 98 -37.65 11.02 39.18
C LEU A 98 -36.39 10.44 39.81
N ASN A 99 -35.66 11.27 40.56
CA ASN A 99 -34.51 10.84 41.33
C ASN A 99 -34.82 9.68 42.27
N THR A 100 -36.06 9.60 42.70
CA THR A 100 -36.51 8.52 43.58
C THR A 100 -36.53 7.22 42.78
N ILE A 101 -37.09 7.29 41.56
CA ILE A 101 -37.14 6.16 40.62
C ILE A 101 -35.72 5.71 40.33
N LEU A 102 -34.94 6.61 39.71
CA LEU A 102 -33.57 6.33 39.31
C LEU A 102 -32.75 5.70 40.42
N ASN A 103 -33.11 6.02 41.67
CA ASN A 103 -32.37 5.53 42.82
C ASN A 103 -32.73 4.10 43.19
N THR A 104 -34.02 3.81 43.30
CA THR A 104 -34.43 2.47 43.72
C THR A 104 -34.15 1.47 42.61
N MET A 105 -34.36 1.87 41.36
CA MET A 105 -33.99 1.00 40.25
C MET A 105 -32.55 0.53 40.43
N SER A 106 -31.63 1.49 40.55
CA SER A 106 -30.22 1.19 40.78
C SER A 106 -30.01 0.23 41.94
N THR A 107 -30.82 0.39 42.99
CA THR A 107 -30.69 -0.38 44.20
C THR A 107 -31.25 -1.78 44.03
N ILE A 108 -32.52 -1.89 43.67
CA ILE A 108 -33.15 -3.20 43.58
C ILE A 108 -32.42 -4.09 42.58
N TYR A 109 -31.71 -3.47 41.63
CA TYR A 109 -30.82 -4.18 40.71
C TYR A 109 -29.60 -4.72 41.45
N SER A 110 -28.93 -3.85 42.19
CA SER A 110 -27.70 -4.25 42.88
C SER A 110 -27.96 -5.13 44.10
N THR A 111 -29.19 -5.03 44.63
CA THR A 111 -29.57 -5.73 45.86
C THR A 111 -30.33 -7.03 45.59
N GLY A 112 -31.00 -7.07 44.43
CA GLY A 112 -31.82 -8.21 44.04
C GLY A 112 -31.09 -9.54 44.14
N LYS A 113 -31.70 -10.44 44.90
CA LYS A 113 -31.27 -11.83 45.00
C LYS A 113 -32.36 -12.74 44.45
N VAL A 114 -31.99 -13.98 44.16
CA VAL A 114 -32.95 -14.99 43.71
C VAL A 114 -32.65 -16.32 44.40
N CYS A 115 -33.70 -17.05 44.75
CA CYS A 115 -33.54 -18.29 45.50
C CYS A 115 -34.02 -19.47 44.70
N ASN A 116 -33.46 -20.65 45.00
CA ASN A 116 -33.82 -21.91 44.32
C ASN A 116 -35.31 -22.20 44.37
N PRO A 117 -35.88 -22.77 43.30
CA PRO A 117 -37.30 -23.03 43.35
C PRO A 117 -37.58 -24.27 44.18
N ASP A 118 -36.52 -24.93 44.64
CA ASP A 118 -36.63 -26.12 45.50
C ASP A 118 -35.96 -25.93 46.85
N ASN A 119 -34.81 -25.25 46.85
CA ASN A 119 -34.06 -24.97 48.07
C ASN A 119 -34.06 -23.48 48.41
N PRO A 120 -35.03 -23.05 49.25
CA PRO A 120 -35.25 -21.62 49.48
C PRO A 120 -34.19 -20.97 50.38
N GLN A 121 -33.21 -21.73 50.86
CA GLN A 121 -32.14 -21.19 51.71
C GLN A 121 -30.90 -20.76 50.93
N GLU A 122 -30.67 -21.36 49.76
CA GLU A 122 -29.61 -20.91 48.87
C GLU A 122 -30.18 -19.83 47.97
N CYS A 123 -29.76 -18.59 48.21
CA CYS A 123 -30.20 -17.46 47.40
C CYS A 123 -29.00 -16.79 46.76
N LEU A 124 -29.09 -16.59 45.44
CA LEU A 124 -27.99 -16.04 44.67
C LEU A 124 -28.19 -14.57 44.31
N LEU A 125 -27.08 -13.85 44.30
CA LEU A 125 -27.00 -12.48 43.84
C LEU A 125 -26.48 -12.59 42.43
N LEU A 126 -26.70 -11.56 41.61
CA LEU A 126 -26.15 -11.53 40.25
C LEU A 126 -24.63 -11.61 40.25
N GLU A 127 -24.03 -10.89 41.19
CA GLU A 127 -22.59 -10.92 41.39
C GLU A 127 -22.29 -11.47 42.78
N PRO A 128 -21.52 -12.57 42.85
CA PRO A 128 -21.09 -13.36 41.71
C PRO A 128 -22.15 -14.45 41.45
N GLY A 129 -21.79 -15.71 41.68
CA GLY A 129 -22.76 -16.81 41.79
C GLY A 129 -23.77 -17.01 40.67
N LEU A 130 -24.60 -16.01 40.41
CA LEU A 130 -25.61 -16.07 39.36
C LEU A 130 -25.02 -15.83 37.98
N ASN A 131 -24.23 -14.78 37.83
CA ASN A 131 -23.54 -14.56 36.57
C ASN A 131 -22.43 -15.60 36.36
N GLU A 132 -22.12 -16.31 37.44
CA GLU A 132 -21.13 -17.37 37.42
C GLU A 132 -21.74 -18.62 36.82
N ILE A 133 -23.02 -18.87 37.14
CA ILE A 133 -23.80 -19.93 36.51
C ILE A 133 -23.88 -19.63 35.03
N MET A 134 -24.39 -18.44 34.73
CA MET A 134 -24.56 -17.99 33.35
C MET A 134 -23.28 -17.93 32.52
N ALA A 135 -22.12 -18.05 33.14
CA ALA A 135 -20.85 -17.97 32.42
C ALA A 135 -20.14 -19.30 32.36
N ASN A 136 -20.55 -20.25 33.19
CA ASN A 136 -19.86 -21.53 33.26
C ASN A 136 -20.72 -22.74 33.00
N SER A 137 -21.88 -22.81 33.64
CA SER A 137 -22.72 -24.00 33.58
C SER A 137 -23.02 -24.43 32.16
N LEU A 138 -23.03 -25.74 31.94
CA LEU A 138 -23.42 -26.33 30.67
C LEU A 138 -24.72 -27.10 30.83
N ASP A 139 -25.35 -26.97 31.99
CA ASP A 139 -26.61 -27.66 32.30
C ASP A 139 -27.84 -26.83 31.88
N TYR A 140 -28.46 -27.23 30.76
CA TYR A 140 -29.49 -26.44 30.07
C TYR A 140 -30.54 -25.84 31.00
N ASN A 141 -31.07 -26.69 31.88
CA ASN A 141 -32.10 -26.28 32.81
C ASN A 141 -31.59 -25.33 33.89
N GLU A 142 -30.52 -25.72 34.57
CA GLU A 142 -29.90 -24.85 35.56
C GLU A 142 -29.80 -23.43 34.99
N ARG A 143 -29.30 -23.31 33.76
CA ARG A 143 -29.15 -22.00 33.08
C ARG A 143 -30.49 -21.33 32.86
N LEU A 144 -31.47 -22.10 32.39
CA LEU A 144 -32.77 -21.56 32.08
C LEU A 144 -33.36 -20.93 33.32
N TRP A 145 -33.15 -21.59 34.46
CA TRP A 145 -33.65 -21.10 35.73
C TRP A 145 -33.01 -19.75 36.06
N ALA A 146 -31.68 -19.71 36.03
CA ALA A 146 -30.91 -18.50 36.31
C ALA A 146 -31.29 -17.34 35.37
N TRP A 147 -31.54 -17.66 34.11
CA TRP A 147 -31.95 -16.66 33.14
C TRP A 147 -33.33 -16.08 33.49
N GLU A 148 -34.27 -16.98 33.75
CA GLU A 148 -35.66 -16.62 34.00
C GLU A 148 -35.89 -15.98 35.36
N SER A 149 -35.21 -16.49 36.39
CA SER A 149 -35.38 -15.98 37.73
C SER A 149 -35.07 -14.49 37.77
N TRP A 150 -33.95 -14.11 37.18
CA TRP A 150 -33.53 -12.71 37.16
C TRP A 150 -34.64 -11.87 36.52
N ARG A 151 -35.07 -12.26 35.33
CA ARG A 151 -36.01 -11.47 34.57
C ARG A 151 -37.41 -11.46 35.15
N SER A 152 -37.70 -12.44 36.01
CA SER A 152 -39.01 -12.56 36.67
C SER A 152 -39.06 -11.90 38.05
N GLU A 153 -38.08 -12.20 38.91
CA GLU A 153 -38.04 -11.64 40.25
C GLU A 153 -37.70 -10.15 40.24
N VAL A 154 -36.75 -9.73 39.39
CA VAL A 154 -36.34 -8.32 39.32
C VAL A 154 -36.88 -7.54 38.11
N GLY A 155 -37.03 -8.20 36.96
CA GLY A 155 -37.58 -7.52 35.80
C GLY A 155 -38.94 -6.89 36.13
N LYS A 156 -39.83 -7.73 36.66
CA LYS A 156 -41.21 -7.35 37.02
C LYS A 156 -41.27 -6.23 38.05
N GLN A 157 -40.28 -6.20 38.95
CA GLN A 157 -40.13 -5.11 39.90
C GLN A 157 -39.78 -3.78 39.22
N LEU A 158 -38.90 -3.84 38.22
CA LEU A 158 -38.42 -2.66 37.51
C LEU A 158 -39.41 -2.13 36.49
N ARG A 159 -40.35 -2.98 36.10
CA ARG A 159 -41.33 -2.62 35.07
C ARG A 159 -42.11 -1.34 35.37
N PRO A 160 -42.73 -1.24 36.56
CA PRO A 160 -43.57 -0.05 36.82
C PRO A 160 -42.73 1.21 36.90
N LEU A 161 -41.53 1.09 37.44
CA LEU A 161 -40.63 2.24 37.57
C LEU A 161 -40.10 2.66 36.21
N TYR A 162 -39.75 1.71 35.37
CA TYR A 162 -39.28 2.07 34.04
C TYR A 162 -40.40 2.73 33.25
N GLU A 163 -41.62 2.28 33.49
CA GLU A 163 -42.81 2.88 32.89
C GLU A 163 -42.83 4.39 33.15
N GLU A 164 -42.75 4.77 34.42
CA GLU A 164 -42.81 6.17 34.80
C GLU A 164 -41.53 6.90 34.43
N TYR A 165 -40.42 6.16 34.46
CA TYR A 165 -39.09 6.67 34.06
C TYR A 165 -39.20 7.37 32.72
N VAL A 166 -39.67 6.63 31.71
CA VAL A 166 -39.70 7.13 30.34
C VAL A 166 -40.49 8.44 30.20
N VAL A 167 -41.57 8.56 30.97
CA VAL A 167 -42.43 9.73 30.93
C VAL A 167 -41.65 10.95 31.35
N LEU A 168 -41.29 10.99 32.64
CA LEU A 168 -40.65 12.13 33.25
C LEU A 168 -39.37 12.52 32.53
N LYS A 169 -38.71 11.53 31.93
CA LYS A 169 -37.43 11.77 31.26
C LYS A 169 -37.68 12.43 29.92
N ASN A 170 -38.71 11.96 29.22
CA ASN A 170 -39.09 12.54 27.94
C ASN A 170 -39.62 13.95 28.11
N GLU A 171 -40.20 14.20 29.28
CA GLU A 171 -40.67 15.54 29.65
C GLU A 171 -39.46 16.47 29.79
N MET A 172 -38.51 16.08 30.63
CA MET A 172 -37.29 16.84 30.81
C MET A 172 -36.69 17.11 29.45
N ALA A 173 -36.55 16.05 28.67
CA ALA A 173 -35.91 16.12 27.36
C ALA A 173 -36.58 17.11 26.42
N ARG A 174 -37.91 17.10 26.39
CA ARG A 174 -38.64 17.97 25.47
C ARG A 174 -38.59 19.41 25.92
N ALA A 175 -38.58 19.61 27.24
CA ALA A 175 -38.48 20.94 27.83
C ALA A 175 -37.11 21.61 27.58
N ASN A 176 -36.13 20.81 27.15
CA ASN A 176 -34.80 21.32 26.81
C ASN A 176 -34.63 21.55 25.30
N HIS A 177 -35.76 21.48 24.61
CA HIS A 177 -35.83 21.66 23.15
C HIS A 177 -35.21 20.49 22.37
N TYR A 178 -35.54 19.28 22.81
CA TYR A 178 -35.22 18.04 22.10
C TYR A 178 -36.51 17.31 21.76
N GLU A 179 -36.43 16.33 20.85
CA GLU A 179 -37.63 15.60 20.40
C GLU A 179 -38.06 14.53 21.39
N ASP A 180 -37.07 13.84 21.95
CA ASP A 180 -37.28 12.82 22.96
C ASP A 180 -35.98 12.61 23.74
N TYR A 181 -36.04 11.81 24.81
CA TYR A 181 -34.84 11.55 25.64
C TYR A 181 -33.74 10.90 24.83
N GLY A 182 -34.14 10.08 23.85
CA GLY A 182 -33.23 9.49 22.89
C GLY A 182 -32.47 10.56 22.14
N ASP A 183 -33.22 11.48 21.52
CA ASP A 183 -32.63 12.63 20.85
C ASP A 183 -31.69 13.41 21.77
N TYR A 184 -32.03 13.45 23.06
CA TYR A 184 -31.18 14.07 24.08
C TYR A 184 -29.83 13.36 24.25
N TRP A 185 -29.82 12.05 23.97
CA TRP A 185 -28.60 11.26 24.10
C TRP A 185 -27.72 11.30 22.87
N ARG A 186 -28.34 11.28 21.69
CA ARG A 186 -27.59 11.41 20.46
C ARG A 186 -26.92 12.79 20.39
N GLY A 187 -27.43 13.70 21.21
CA GLY A 187 -26.90 15.05 21.33
C GLY A 187 -25.42 15.08 21.60
N ASP A 188 -24.90 14.03 22.26
CA ASP A 188 -23.47 13.94 22.51
C ASP A 188 -22.65 14.00 21.21
N TYR A 189 -23.20 13.46 20.14
CA TYR A 189 -22.51 13.40 18.85
C TYR A 189 -22.72 14.66 17.99
N GLU A 190 -23.48 15.61 18.51
CA GLU A 190 -23.90 16.80 17.76
C GLU A 190 -22.79 17.84 17.61
N VAL A 191 -22.66 18.37 16.40
CA VAL A 191 -21.78 19.53 16.17
C VAL A 191 -22.43 20.51 15.19
N ASN A 192 -22.72 21.72 15.69
CA ASN A 192 -23.33 22.77 14.89
C ASN A 192 -22.39 23.97 14.79
N GLY A 193 -22.38 24.59 13.62
CA GLY A 193 -21.70 25.87 13.40
C GLY A 193 -20.21 25.80 13.13
N VAL A 194 -19.78 24.77 12.39
CA VAL A 194 -18.38 24.66 11.98
C VAL A 194 -18.35 24.05 10.58
N ASP A 195 -18.66 24.87 9.58
CA ASP A 195 -18.80 24.39 8.18
C ASP A 195 -17.98 23.15 7.84
N GLY A 196 -18.67 22.09 7.41
CA GLY A 196 -18.01 20.88 6.92
C GLY A 196 -17.88 19.77 7.93
N TYR A 197 -17.54 20.13 9.17
CA TYR A 197 -17.31 19.13 10.21
C TYR A 197 -18.53 18.94 11.11
N ASP A 198 -19.67 19.44 10.65
CA ASP A 198 -20.91 19.37 11.43
C ASP A 198 -21.45 17.94 11.42
N TYR A 199 -22.38 17.69 12.34
CA TYR A 199 -23.02 16.38 12.50
C TYR A 199 -24.30 16.53 13.30
N SER A 200 -25.43 16.18 12.69
CA SER A 200 -26.74 16.35 13.32
C SER A 200 -27.14 15.12 14.14
N ARG A 201 -27.91 15.34 15.21
CA ARG A 201 -28.41 14.27 16.09
C ARG A 201 -29.02 13.06 15.37
N GLY A 202 -29.56 13.29 14.18
CA GLY A 202 -30.13 12.22 13.36
C GLY A 202 -29.08 11.50 12.52
N GLN A 203 -28.08 12.23 12.05
CA GLN A 203 -27.02 11.67 11.20
C GLN A 203 -26.35 10.46 11.85
N LEU A 204 -26.51 10.34 13.18
CA LEU A 204 -26.04 9.16 13.92
C LEU A 204 -26.86 7.92 13.55
N ILE A 205 -28.16 7.95 13.86
CA ILE A 205 -29.07 6.83 13.58
C ILE A 205 -28.79 6.20 12.21
N GLU A 206 -28.70 7.03 11.17
CA GLU A 206 -28.50 6.49 9.84
C GLU A 206 -27.09 5.93 9.69
N ASP A 207 -26.10 6.63 10.26
CA ASP A 207 -24.72 6.17 10.21
C ASP A 207 -24.51 4.83 10.89
N VAL A 208 -25.03 4.71 12.11
CA VAL A 208 -25.03 3.46 12.87
C VAL A 208 -25.65 2.32 12.05
N GLU A 209 -26.85 2.56 11.52
CA GLU A 209 -27.58 1.53 10.80
C GLU A 209 -26.87 1.15 9.52
N HIS A 210 -26.34 2.17 8.83
CA HIS A 210 -25.62 1.95 7.58
C HIS A 210 -24.41 1.09 7.83
N THR A 211 -23.65 1.45 8.85
CA THR A 211 -22.47 0.68 9.22
C THR A 211 -22.87 -0.72 9.68
N PHE A 212 -23.95 -0.80 10.46
CA PHE A 212 -24.43 -2.08 10.97
C PHE A 212 -24.80 -3.07 9.85
N GLU A 213 -25.26 -2.56 8.73
CA GLU A 213 -25.61 -3.44 7.62
C GLU A 213 -24.38 -4.23 7.14
N GLU A 214 -23.21 -3.58 7.07
CA GLU A 214 -21.99 -4.21 6.54
C GLU A 214 -21.43 -5.31 7.47
N ILE A 215 -21.76 -5.19 8.77
CA ILE A 215 -21.49 -6.22 9.78
C ILE A 215 -22.25 -7.54 9.55
N LYS A 216 -23.52 -7.42 9.14
CA LYS A 216 -24.34 -8.60 8.89
C LYS A 216 -23.59 -9.83 8.32
N PRO A 217 -22.98 -9.70 7.12
CA PRO A 217 -22.34 -10.90 6.60
C PRO A 217 -21.37 -11.50 7.62
N LEU A 218 -20.52 -10.66 8.23
CA LEU A 218 -19.59 -11.16 9.21
C LEU A 218 -20.39 -11.79 10.34
N TYR A 219 -21.26 -11.00 10.97
CA TYR A 219 -22.06 -11.50 12.08
C TYR A 219 -22.83 -12.77 11.74
N GLU A 220 -23.57 -12.74 10.63
CA GLU A 220 -24.38 -13.89 10.23
C GLU A 220 -23.61 -15.18 10.27
N HIS A 221 -22.39 -15.13 9.75
CA HIS A 221 -21.54 -16.29 9.70
C HIS A 221 -21.03 -16.71 11.08
N LEU A 222 -20.75 -15.72 11.94
CA LEU A 222 -20.24 -16.02 13.28
C LEU A 222 -21.35 -16.82 13.91
N HIS A 223 -22.54 -16.23 13.80
CA HIS A 223 -23.77 -16.83 14.26
C HIS A 223 -23.89 -18.28 13.82
N ALA A 224 -23.85 -18.51 12.51
CA ALA A 224 -24.04 -19.85 11.96
C ALA A 224 -23.05 -20.82 12.60
N TYR A 225 -21.80 -20.38 12.76
CA TYR A 225 -20.74 -21.23 13.27
C TYR A 225 -21.01 -21.60 14.70
N VAL A 226 -21.16 -20.58 15.55
CA VAL A 226 -21.44 -20.88 16.94
C VAL A 226 -22.76 -21.62 17.04
N ARG A 227 -23.77 -21.18 16.30
CA ARG A 227 -25.03 -21.94 16.31
C ARG A 227 -24.72 -23.43 16.22
N ALA A 228 -23.91 -23.82 15.26
CA ALA A 228 -23.63 -25.22 15.05
C ALA A 228 -22.90 -25.87 16.24
N LYS A 229 -21.83 -25.24 16.73
CA LYS A 229 -21.08 -25.85 17.82
C LYS A 229 -22.04 -26.03 18.99
N LEU A 230 -22.90 -25.04 19.20
CA LEU A 230 -23.77 -25.04 20.34
C LEU A 230 -24.65 -26.27 20.34
N MET A 231 -25.23 -26.58 19.18
CA MET A 231 -26.02 -27.79 19.00
C MET A 231 -25.38 -29.01 19.63
N ASN A 232 -24.08 -29.19 19.39
CA ASN A 232 -23.34 -30.28 19.98
C ASN A 232 -23.36 -30.27 21.52
N ALA A 233 -23.26 -29.10 22.14
CA ALA A 233 -23.27 -29.04 23.60
C ALA A 233 -24.68 -29.13 24.21
N TYR A 234 -25.70 -28.74 23.43
CA TYR A 234 -27.09 -28.83 23.88
C TYR A 234 -27.93 -29.61 22.88
N PRO A 235 -27.67 -30.93 22.76
CA PRO A 235 -28.29 -31.76 21.73
C PRO A 235 -29.81 -31.69 21.81
N SER A 236 -30.43 -31.44 20.66
CA SER A 236 -31.89 -31.45 20.51
C SER A 236 -32.58 -30.19 21.05
N TYR A 237 -31.82 -29.23 21.56
CA TYR A 237 -32.39 -27.97 21.99
C TYR A 237 -32.37 -26.84 20.95
N ILE A 238 -31.60 -27.04 19.88
CA ILE A 238 -31.35 -25.95 18.93
C ILE A 238 -31.69 -26.33 17.50
N SER A 239 -32.39 -25.42 16.82
CA SER A 239 -32.77 -25.59 15.43
C SER A 239 -31.66 -25.07 14.55
N PRO A 240 -31.24 -25.88 13.58
CA PRO A 240 -30.13 -25.47 12.72
C PRO A 240 -30.53 -24.30 11.81
N ILE A 241 -31.76 -23.82 11.93
CA ILE A 241 -32.23 -22.69 11.12
C ILE A 241 -32.92 -21.59 11.94
N GLY A 242 -33.02 -21.78 13.24
CA GLY A 242 -33.59 -20.74 14.11
C GLY A 242 -32.57 -19.91 14.88
N CYS A 243 -33.09 -19.07 15.77
CA CYS A 243 -32.27 -18.23 16.61
C CYS A 243 -31.66 -19.05 17.72
N LEU A 244 -30.72 -18.42 18.42
CA LEU A 244 -30.08 -18.97 19.59
C LEU A 244 -30.89 -18.63 20.83
N PRO A 245 -31.24 -19.66 21.63
CA PRO A 245 -31.88 -19.47 22.94
C PRO A 245 -31.09 -18.53 23.85
N ALA A 246 -31.76 -17.45 24.25
CA ALA A 246 -31.14 -16.36 24.98
C ALA A 246 -30.27 -16.80 26.16
N HIS A 247 -30.65 -17.91 26.79
CA HIS A 247 -29.97 -18.35 28.01
C HIS A 247 -28.76 -19.21 27.78
N LEU A 248 -28.43 -19.51 26.53
CA LEU A 248 -27.26 -20.35 26.24
C LEU A 248 -26.02 -19.57 25.81
N LEU A 249 -26.06 -18.25 25.96
CA LEU A 249 -25.09 -17.38 25.31
C LEU A 249 -23.88 -16.96 26.16
N GLY A 250 -23.61 -17.72 27.22
CA GLY A 250 -22.41 -17.50 28.03
C GLY A 250 -22.28 -16.28 28.97
N ASP A 251 -23.10 -15.25 28.78
CA ASP A 251 -23.30 -14.29 29.88
C ASP A 251 -24.80 -14.20 30.15
N MET A 252 -25.20 -13.33 31.06
CA MET A 252 -26.60 -13.25 31.48
C MET A 252 -27.55 -12.71 30.40
N TRP A 253 -27.10 -11.74 29.62
CA TRP A 253 -28.00 -11.11 28.66
C TRP A 253 -27.63 -11.55 27.27
N GLY A 254 -26.38 -11.93 27.09
CA GLY A 254 -25.86 -12.31 25.77
C GLY A 254 -25.16 -11.15 25.11
N ARG A 255 -24.82 -10.13 25.91
CA ARG A 255 -24.05 -8.96 25.48
C ARG A 255 -22.71 -9.39 24.92
N PHE A 256 -22.08 -10.35 25.59
CA PHE A 256 -20.80 -10.92 25.17
C PHE A 256 -20.87 -12.42 25.00
N TRP A 257 -20.24 -12.94 23.95
CA TRP A 257 -20.23 -14.36 23.74
C TRP A 257 -18.88 -14.92 24.19
N THR A 258 -18.11 -14.09 24.89
CA THR A 258 -16.79 -14.48 25.40
C THR A 258 -16.75 -15.92 25.94
N ASN A 259 -17.57 -16.19 26.93
CA ASN A 259 -17.50 -17.46 27.61
C ASN A 259 -17.82 -18.72 26.81
N LEU A 260 -18.47 -18.56 25.65
CA LEU A 260 -18.64 -19.71 24.75
C LEU A 260 -17.35 -20.15 24.03
N TYR A 261 -16.20 -19.69 24.50
CA TYR A 261 -14.96 -20.07 23.86
C TYR A 261 -14.66 -21.55 24.10
N SER A 262 -14.94 -22.04 25.30
CA SER A 262 -14.82 -23.46 25.65
C SER A 262 -15.51 -24.31 24.60
N LEU A 263 -16.77 -23.93 24.36
CA LEU A 263 -17.69 -24.67 23.52
C LEU A 263 -17.43 -24.52 22.01
N THR A 264 -16.68 -23.50 21.61
CA THR A 264 -16.56 -23.15 20.20
C THR A 264 -15.13 -23.04 19.66
N VAL A 265 -14.14 -23.45 20.45
CA VAL A 265 -12.75 -23.24 20.03
C VAL A 265 -12.45 -24.02 18.75
N PRO A 266 -12.09 -23.29 17.67
CA PRO A 266 -11.81 -23.85 16.34
C PRO A 266 -10.85 -25.03 16.35
N PHE A 267 -9.66 -24.80 16.93
CA PHE A 267 -8.63 -25.84 17.03
C PHE A 267 -8.16 -26.00 18.47
N GLY A 268 -8.94 -26.75 19.25
CA GLY A 268 -8.78 -26.82 20.71
C GLY A 268 -7.62 -27.63 21.22
N GLN A 269 -6.85 -28.19 20.31
CA GLN A 269 -5.63 -28.93 20.64
C GLN A 269 -4.49 -27.94 20.77
N LYS A 270 -4.53 -26.90 19.94
CA LYS A 270 -3.57 -25.81 20.02
C LYS A 270 -3.76 -25.06 21.33
N PRO A 271 -2.66 -24.70 22.01
CA PRO A 271 -2.76 -24.19 23.36
C PRO A 271 -2.94 -22.67 23.39
N ASN A 272 -2.60 -22.07 24.52
CA ASN A 272 -2.89 -20.66 24.75
C ASN A 272 -1.65 -19.79 24.81
N ILE A 273 -1.69 -18.67 24.10
CA ILE A 273 -0.67 -17.65 24.23
C ILE A 273 -0.88 -17.04 25.59
N ASP A 274 -0.02 -17.40 26.53
CA ASP A 274 -0.17 -16.97 27.92
C ASP A 274 1.16 -16.97 28.65
N VAL A 275 1.64 -15.77 28.96
CA VAL A 275 2.98 -15.60 29.53
C VAL A 275 2.96 -15.33 31.01
N THR A 276 1.77 -15.42 31.63
CA THR A 276 1.62 -15.15 33.06
C THR A 276 2.61 -15.96 33.90
N ASP A 277 2.69 -17.26 33.62
CA ASP A 277 3.59 -18.18 34.32
C ASP A 277 5.06 -18.07 33.87
N ALA A 278 5.32 -17.15 32.95
CA ALA A 278 6.67 -16.83 32.50
C ALA A 278 7.07 -15.39 32.88
N MET A 279 6.11 -14.64 33.42
CA MET A 279 6.41 -13.38 34.07
C MET A 279 6.85 -13.71 35.49
N VAL A 280 6.14 -14.64 36.13
CA VAL A 280 6.51 -15.13 37.45
C VAL A 280 7.85 -15.85 37.37
N ASP A 281 8.12 -16.40 36.19
CA ASP A 281 9.35 -17.13 35.88
C ASP A 281 10.59 -16.22 35.98
N GLN A 282 10.44 -14.96 35.58
CA GLN A 282 11.51 -13.97 35.69
C GLN A 282 11.26 -13.06 36.88
N ALA A 283 10.53 -13.60 37.87
CA ALA A 283 10.13 -12.87 39.08
C ALA A 283 9.85 -11.38 38.84
N TRP A 284 8.92 -11.11 37.93
CA TRP A 284 8.41 -9.77 37.65
C TRP A 284 7.45 -9.31 38.74
N ASP A 285 7.36 -8.01 38.96
CA ASP A 285 6.34 -7.47 39.84
C ASP A 285 5.60 -6.27 39.26
N ALA A 286 4.62 -5.77 40.02
CA ALA A 286 3.82 -4.60 39.66
C ALA A 286 4.61 -3.55 38.91
N GLN A 287 5.62 -3.00 39.58
CA GLN A 287 6.44 -1.94 39.01
C GLN A 287 7.04 -2.30 37.67
N ARG A 288 7.49 -3.54 37.52
CA ARG A 288 8.00 -4.00 36.23
C ARG A 288 6.93 -3.88 35.14
N ILE A 289 5.69 -4.23 35.49
CA ILE A 289 4.56 -4.14 34.57
C ILE A 289 4.37 -2.70 34.07
N PHE A 290 4.42 -1.76 35.00
CA PHE A 290 4.07 -0.41 34.68
C PHE A 290 5.23 0.30 34.04
N LYS A 291 6.43 0.02 34.54
CA LYS A 291 7.66 0.54 33.95
C LYS A 291 7.75 0.13 32.48
N GLU A 292 7.20 -1.05 32.19
CA GLU A 292 7.20 -1.63 30.87
C GLU A 292 6.19 -0.98 29.93
N ALA A 293 5.00 -0.73 30.43
CA ALA A 293 4.02 -0.02 29.62
C ALA A 293 4.54 1.39 29.37
N GLU A 294 5.19 1.94 30.40
CA GLU A 294 5.77 3.27 30.33
C GLU A 294 6.76 3.27 29.19
N LYS A 295 7.61 2.24 29.13
CA LYS A 295 8.49 2.09 27.98
C LYS A 295 7.67 2.13 26.70
N PHE A 296 6.64 1.28 26.62
CA PHE A 296 5.80 1.17 25.43
C PHE A 296 5.41 2.50 24.81
N PHE A 297 5.16 3.49 25.65
CA PHE A 297 4.70 4.77 25.15
C PHE A 297 5.88 5.67 24.85
N VAL A 298 6.84 5.74 25.78
CA VAL A 298 8.03 6.52 25.53
C VAL A 298 8.62 6.10 24.18
N SER A 299 8.23 4.91 23.72
CA SER A 299 8.75 4.29 22.50
C SER A 299 8.17 4.88 21.22
N VAL A 300 7.00 5.51 21.36
CA VAL A 300 6.33 6.12 20.22
C VAL A 300 6.34 7.63 20.36
N GLY A 301 7.11 8.11 21.33
CA GLY A 301 7.29 9.54 21.52
C GLY A 301 6.26 10.27 22.36
N LEU A 302 5.48 9.52 23.13
CA LEU A 302 4.73 10.11 24.24
C LEU A 302 5.67 10.19 25.43
N PRO A 303 5.30 11.02 26.44
CA PRO A 303 6.20 11.19 27.57
C PRO A 303 6.10 10.07 28.63
N ASN A 304 7.12 9.99 29.47
CA ASN A 304 7.13 9.17 30.67
C ASN A 304 5.95 9.56 31.52
N MET A 305 5.71 8.79 32.59
CA MET A 305 4.71 9.18 33.58
C MET A 305 5.26 10.29 34.47
N THR A 306 4.41 10.93 35.25
CA THR A 306 4.87 12.00 36.16
C THR A 306 5.50 11.40 37.42
N GLN A 307 6.37 12.16 38.07
CA GLN A 307 6.99 11.71 39.32
C GLN A 307 5.85 11.48 40.32
N GLY A 308 4.91 12.41 40.36
CA GLY A 308 3.71 12.27 41.15
C GLY A 308 2.82 11.09 40.76
N PHE A 309 3.06 10.50 39.59
CA PHE A 309 2.31 9.32 39.15
C PHE A 309 2.88 8.14 39.91
N TRP A 310 4.20 8.05 39.92
CA TRP A 310 4.93 6.97 40.55
C TRP A 310 4.87 7.14 42.04
N GLU A 311 4.89 8.40 42.50
CA GLU A 311 4.77 8.71 43.92
C GLU A 311 3.37 8.45 44.46
N ASN A 312 2.36 8.92 43.74
CA ASN A 312 0.99 8.96 44.26
C ASN A 312 0.07 7.84 43.81
N SER A 313 0.48 7.02 42.84
CA SER A 313 -0.39 5.95 42.34
C SER A 313 -0.48 4.86 43.39
N MET A 314 -1.19 3.77 43.06
CA MET A 314 -1.24 2.54 43.87
C MET A 314 -1.38 1.31 42.97
N LEU A 315 -0.29 0.57 42.80
CA LEU A 315 -0.28 -0.49 41.80
C LEU A 315 -0.51 -1.88 42.37
N THR A 316 -0.64 -1.98 43.69
CA THR A 316 -0.82 -3.27 44.35
C THR A 316 -1.85 -3.16 45.46
N ASP A 317 -2.63 -4.23 45.65
CA ASP A 317 -3.48 -4.37 46.83
C ASP A 317 -2.54 -4.35 48.03
N PRO A 318 -2.78 -3.45 49.00
CA PRO A 318 -1.95 -3.38 50.21
C PRO A 318 -2.37 -4.37 51.33
N GLY A 319 -2.65 -5.62 50.95
CA GLY A 319 -3.01 -6.66 51.91
C GLY A 319 -4.32 -6.40 52.61
N ASN A 320 -4.51 -7.03 53.78
CA ASN A 320 -5.71 -6.80 54.58
C ASN A 320 -5.58 -5.62 55.54
N VAL A 321 -6.45 -5.57 56.54
CA VAL A 321 -6.59 -4.44 57.47
C VAL A 321 -7.01 -3.15 56.76
N GLN A 322 -6.33 -2.84 55.65
CA GLN A 322 -6.70 -1.72 54.80
C GLN A 322 -7.24 -2.24 53.47
N LYS A 323 -8.56 -2.21 53.32
CA LYS A 323 -9.24 -2.81 52.16
C LYS A 323 -9.65 -1.76 51.15
N ALA A 324 -9.32 -2.01 49.87
CA ALA A 324 -9.52 -1.03 48.77
C ALA A 324 -10.26 -1.61 47.55
N VAL A 325 -11.11 -0.80 46.91
CA VAL A 325 -11.85 -1.24 45.72
C VAL A 325 -10.91 -1.42 44.53
N CYS A 326 -10.89 -2.64 43.99
CA CYS A 326 -9.85 -3.05 43.04
C CYS A 326 -10.06 -2.80 41.55
N HIS A 327 -11.23 -2.26 41.19
CA HIS A 327 -11.54 -2.01 39.77
C HIS A 327 -10.48 -1.16 39.06
N PRO A 328 -9.83 -1.74 38.04
CA PRO A 328 -8.77 -1.04 37.29
C PRO A 328 -9.30 0.26 36.67
N THR A 329 -8.97 1.37 37.31
CA THR A 329 -9.36 2.71 36.87
C THR A 329 -8.13 3.60 36.82
N ALA A 330 -8.15 4.56 35.90
CA ALA A 330 -7.06 5.50 35.77
C ALA A 330 -7.59 6.89 36.12
N TRP A 331 -6.87 7.59 36.99
CA TRP A 331 -7.40 8.80 37.60
C TRP A 331 -6.76 10.06 37.05
N ASP A 332 -7.60 10.98 36.60
CA ASP A 332 -7.21 12.32 36.22
C ASP A 332 -7.84 13.25 37.27
N LEU A 333 -7.01 13.77 38.17
CA LEU A 333 -7.48 14.41 39.38
C LEU A 333 -7.65 15.89 39.24
N GLY A 334 -6.84 16.50 38.38
CA GLY A 334 -6.72 17.95 38.34
C GLY A 334 -5.34 18.30 38.83
N LYS A 335 -4.89 19.49 38.48
CA LYS A 335 -3.57 19.99 38.86
C LYS A 335 -2.40 19.06 38.45
N GLY A 336 -2.44 18.53 37.23
CA GLY A 336 -1.35 17.65 36.76
C GLY A 336 -1.08 16.40 37.59
N ASP A 337 -1.98 16.11 38.51
CA ASP A 337 -1.92 14.89 39.27
C ASP A 337 -2.60 13.83 38.44
N PHE A 338 -1.83 12.86 37.93
CA PHE A 338 -2.37 11.67 37.26
C PHE A 338 -1.85 10.42 37.94
N ARG A 339 -2.73 9.43 38.09
CA ARG A 339 -2.39 8.21 38.81
C ARG A 339 -3.29 7.02 38.43
N ILE A 340 -2.83 5.83 38.77
CA ILE A 340 -3.62 4.62 38.54
C ILE A 340 -3.86 3.85 39.83
N LEU A 341 -5.08 3.30 39.96
CA LEU A 341 -5.41 2.42 41.06
C LEU A 341 -5.80 1.06 40.51
N MET A 342 -4.93 0.11 40.75
CA MET A 342 -5.00 -1.22 40.17
C MET A 342 -4.38 -2.20 41.15
N CYS A 343 -5.05 -3.33 41.37
CA CYS A 343 -4.54 -4.35 42.27
C CYS A 343 -3.77 -5.37 41.45
N THR A 344 -2.63 -4.89 40.93
CA THR A 344 -1.84 -5.62 39.94
C THR A 344 -1.38 -6.99 40.44
N LYS A 345 -1.74 -8.02 39.69
CA LYS A 345 -1.21 -9.36 39.91
C LYS A 345 -0.35 -9.75 38.70
N VAL A 346 0.73 -10.49 38.96
CA VAL A 346 1.68 -10.82 37.92
C VAL A 346 1.03 -11.79 36.94
N THR A 347 0.38 -11.22 35.92
CA THR A 347 -0.41 -11.97 34.94
C THR A 347 -0.49 -11.21 33.61
N MET A 348 -0.52 -11.94 32.50
CA MET A 348 -0.75 -11.34 31.18
C MET A 348 -1.98 -10.39 31.18
N ASP A 349 -3.10 -10.87 31.70
CA ASP A 349 -4.31 -10.09 31.65
C ASP A 349 -4.14 -8.77 32.39
N ASP A 350 -3.49 -8.83 33.55
CA ASP A 350 -3.20 -7.63 34.34
C ASP A 350 -2.16 -6.74 33.68
N PHE A 351 -1.22 -7.38 32.98
CA PHE A 351 -0.19 -6.70 32.18
C PHE A 351 -0.84 -5.87 31.09
N LEU A 352 -1.76 -6.50 30.35
CA LEU A 352 -2.49 -5.83 29.28
C LEU A 352 -3.34 -4.70 29.83
N THR A 353 -4.03 -4.96 30.93
CA THR A 353 -4.90 -3.97 31.50
C THR A 353 -4.02 -2.76 31.78
N ALA A 354 -2.91 -2.99 32.47
CA ALA A 354 -1.97 -1.92 32.76
C ALA A 354 -1.66 -1.04 31.53
N HIS A 355 -1.38 -1.62 30.36
CA HIS A 355 -1.26 -0.83 29.12
C HIS A 355 -2.52 -0.04 28.78
N HIS A 356 -3.69 -0.69 28.93
CA HIS A 356 -4.98 -0.07 28.60
C HIS A 356 -5.25 1.18 29.49
N GLU A 357 -5.20 1.00 30.80
CA GLU A 357 -5.37 2.11 31.74
C GLU A 357 -4.30 3.21 31.57
N MET A 358 -3.05 2.80 31.44
CA MET A 358 -2.02 3.81 31.28
C MET A 358 -2.22 4.58 29.96
N GLY A 359 -3.01 4.00 29.05
CA GLY A 359 -3.38 4.69 27.81
C GLY A 359 -4.39 5.80 28.02
N HIS A 360 -5.32 5.59 28.98
CA HIS A 360 -6.24 6.64 29.44
C HIS A 360 -5.41 7.76 30.04
N ILE A 361 -4.46 7.41 30.92
CA ILE A 361 -3.64 8.45 31.58
C ILE A 361 -3.00 9.34 30.54
N GLN A 362 -2.37 8.72 29.55
CA GLN A 362 -1.72 9.49 28.49
C GLN A 362 -2.67 10.50 27.85
N TYR A 363 -3.85 10.05 27.43
CA TYR A 363 -4.86 10.91 26.80
C TYR A 363 -5.14 12.10 27.74
N ASP A 364 -5.41 11.77 29.01
CA ASP A 364 -5.53 12.75 30.08
C ASP A 364 -4.38 13.78 30.07
N MET A 365 -3.14 13.30 30.16
CA MET A 365 -1.94 14.15 30.07
C MET A 365 -1.92 15.01 28.80
N ALA A 366 -2.49 14.47 27.74
CA ALA A 366 -2.50 15.14 26.44
C ALA A 366 -3.39 16.36 26.49
N TYR A 367 -4.67 16.13 26.75
CA TYR A 367 -5.62 17.22 26.73
C TYR A 367 -5.53 18.11 27.96
N ALA A 368 -4.52 17.92 28.81
CA ALA A 368 -4.41 18.71 30.04
C ALA A 368 -4.18 20.22 29.81
N ALA A 369 -3.41 20.56 28.79
CA ALA A 369 -3.19 21.97 28.47
C ALA A 369 -4.54 22.67 28.33
N GLN A 370 -5.48 22.02 27.64
CA GLN A 370 -6.85 22.50 27.44
C GLN A 370 -7.48 23.17 28.67
N PRO A 371 -8.37 24.15 28.43
CA PRO A 371 -9.20 24.66 29.53
C PRO A 371 -10.09 23.54 30.11
N PHE A 372 -10.28 23.62 31.42
CA PHE A 372 -11.01 22.62 32.22
C PHE A 372 -12.15 21.90 31.50
N LEU A 373 -13.06 22.65 30.88
CA LEU A 373 -14.29 22.04 30.38
C LEU A 373 -14.09 21.25 29.10
N LEU A 374 -12.94 21.46 28.48
CA LEU A 374 -12.60 20.83 27.23
C LEU A 374 -11.70 19.61 27.45
N ARG A 375 -11.55 19.23 28.71
CA ARG A 375 -10.68 18.12 29.09
C ARG A 375 -11.45 16.81 29.11
N ASN A 376 -11.58 16.23 27.92
CA ASN A 376 -12.32 14.98 27.74
C ASN A 376 -12.11 14.38 26.38
N GLY A 377 -12.51 13.12 26.23
CA GLY A 377 -12.51 12.47 24.93
C GLY A 377 -13.40 13.26 24.00
N ALA A 378 -12.97 13.37 22.74
CA ALA A 378 -13.75 14.04 21.70
C ALA A 378 -15.25 13.75 21.84
N ASN A 379 -15.66 12.51 21.66
CA ASN A 379 -16.99 12.11 22.11
C ASN A 379 -16.93 11.02 23.18
N GLU A 380 -18.12 10.62 23.66
CA GLU A 380 -18.28 9.63 24.73
C GLU A 380 -17.53 8.33 24.45
N GLY A 381 -17.23 8.09 23.16
CA GLY A 381 -16.52 6.89 22.71
C GLY A 381 -15.00 6.97 22.50
N PHE A 382 -14.41 8.16 22.53
CA PHE A 382 -12.98 8.24 22.24
C PHE A 382 -12.06 7.62 23.29
N HIS A 383 -12.31 7.90 24.58
CA HIS A 383 -11.36 7.47 25.62
C HIS A 383 -11.11 5.97 25.58
N GLU A 384 -12.16 5.20 25.75
CA GLU A 384 -12.02 3.76 25.70
C GLU A 384 -11.45 3.19 24.39
N ALA A 385 -11.75 3.85 23.27
CA ALA A 385 -11.18 3.45 21.98
C ALA A 385 -9.67 3.40 22.07
N VAL A 386 -9.12 4.51 22.56
CA VAL A 386 -7.71 4.65 22.88
C VAL A 386 -7.22 3.63 23.90
N GLY A 387 -8.03 3.37 24.93
CA GLY A 387 -7.72 2.33 25.91
C GLY A 387 -7.40 1.00 25.25
N GLU A 388 -8.29 0.54 24.38
CA GLU A 388 -8.20 -0.78 23.76
C GLU A 388 -7.03 -0.89 22.78
N ILE A 389 -6.77 0.20 22.07
CA ILE A 389 -5.73 0.28 21.06
C ILE A 389 -4.34 -0.11 21.59
N MET A 390 -4.07 0.32 22.82
CA MET A 390 -2.91 -0.16 23.58
C MET A 390 -2.93 -1.67 23.94
N SER A 391 -4.07 -2.22 24.36
CA SER A 391 -4.14 -3.69 24.57
C SER A 391 -3.86 -4.43 23.26
N LEU A 392 -4.47 -3.93 22.20
CA LEU A 392 -4.38 -4.57 20.89
C LEU A 392 -2.92 -4.80 20.49
N SER A 393 -2.12 -3.73 20.45
CA SER A 393 -0.69 -3.80 20.14
C SER A 393 0.11 -4.64 21.14
N ALA A 394 -0.06 -4.36 22.43
CA ALA A 394 0.73 -5.01 23.47
C ALA A 394 0.57 -6.52 23.58
N ALA A 395 -0.43 -7.07 22.88
CA ALA A 395 -0.75 -8.50 22.96
C ALA A 395 -0.23 -9.33 21.80
N THR A 396 0.34 -8.69 20.79
CA THR A 396 0.76 -9.41 19.59
C THR A 396 1.96 -10.33 19.87
N PRO A 397 2.01 -11.49 19.22
CA PRO A 397 3.08 -12.44 19.48
C PRO A 397 4.45 -11.79 19.30
N LYS A 398 4.47 -10.71 18.50
CA LYS A 398 5.67 -9.96 18.18
C LYS A 398 6.18 -9.19 19.39
N HIS A 399 5.32 -8.35 19.95
CA HIS A 399 5.65 -7.55 21.13
C HIS A 399 6.18 -8.47 22.24
N LEU A 400 5.48 -9.58 22.47
CA LEU A 400 5.85 -10.49 23.56
C LEU A 400 7.26 -11.07 23.45
N LYS A 401 7.73 -11.28 22.20
CA LYS A 401 9.10 -11.74 21.94
C LYS A 401 10.13 -10.71 22.38
N SER A 402 9.89 -9.47 21.96
CA SER A 402 10.84 -8.37 22.17
C SER A 402 10.94 -8.02 23.64
N ILE A 403 9.80 -8.07 24.31
CA ILE A 403 9.70 -7.80 25.73
C ILE A 403 10.30 -8.96 26.53
N GLY A 404 10.79 -9.97 25.83
CA GLY A 404 11.38 -11.14 26.47
C GLY A 404 10.42 -11.93 27.35
N LEU A 405 9.11 -11.87 27.05
CA LEU A 405 8.15 -12.76 27.69
C LEU A 405 7.87 -14.01 26.86
N LEU A 406 7.53 -13.81 25.60
CA LEU A 406 7.35 -14.95 24.71
C LEU A 406 8.73 -15.35 24.17
N SER A 407 9.02 -16.65 24.16
CA SER A 407 10.32 -17.16 23.74
C SER A 407 10.59 -16.84 22.28
N PRO A 408 11.80 -16.30 21.98
CA PRO A 408 12.19 -15.94 20.62
C PRO A 408 11.83 -17.03 19.61
N ASP A 409 12.16 -18.28 19.95
CA ASP A 409 12.08 -19.41 19.01
C ASP A 409 10.66 -19.91 18.74
N PHE A 410 9.65 -19.24 19.31
CA PHE A 410 8.26 -19.60 19.10
C PHE A 410 7.78 -19.18 17.70
N GLN A 411 7.17 -20.12 16.98
CA GLN A 411 6.59 -19.82 15.66
C GLN A 411 5.09 -19.56 15.81
N GLU A 412 4.51 -18.89 14.82
CA GLU A 412 3.09 -18.58 14.86
C GLU A 412 2.38 -19.08 13.61
N ASP A 413 1.84 -20.28 13.75
CA ASP A 413 1.10 -20.95 12.66
C ASP A 413 -0.29 -20.35 12.43
N ASN A 414 -0.80 -20.51 11.21
CA ASN A 414 -2.06 -19.87 10.81
C ASN A 414 -3.33 -20.41 11.50
N GLU A 415 -3.18 -21.45 12.32
CA GLU A 415 -4.29 -22.01 13.09
C GLU A 415 -4.47 -21.31 14.43
N THR A 416 -3.36 -20.94 15.08
CA THR A 416 -3.39 -20.20 16.35
C THR A 416 -4.03 -18.84 16.11
N GLU A 417 -3.68 -18.26 14.96
CA GLU A 417 -4.22 -16.99 14.50
C GLU A 417 -5.73 -17.02 14.37
N ILE A 418 -6.28 -18.13 13.86
CA ILE A 418 -7.73 -18.30 13.76
C ILE A 418 -8.37 -18.41 15.14
N ASN A 419 -7.84 -19.28 16.00
CA ASN A 419 -8.31 -19.39 17.40
C ASN A 419 -8.42 -18.02 18.06
N PHE A 420 -7.38 -17.22 17.92
CA PHE A 420 -7.34 -15.92 18.55
C PHE A 420 -8.39 -14.98 17.97
N LEU A 421 -8.49 -14.91 16.65
CA LEU A 421 -9.53 -14.10 16.01
C LEU A 421 -10.95 -14.45 16.45
N LEU A 422 -11.24 -15.76 16.53
CA LEU A 422 -12.53 -16.24 17.04
C LEU A 422 -12.78 -15.88 18.49
N LYS A 423 -11.71 -15.87 19.29
CA LYS A 423 -11.82 -15.44 20.68
C LYS A 423 -12.30 -14.00 20.65
N GLN A 424 -11.65 -13.21 19.80
CA GLN A 424 -12.02 -11.81 19.66
C GLN A 424 -13.43 -11.64 19.14
N ALA A 425 -13.78 -12.39 18.10
CA ALA A 425 -15.06 -12.19 17.44
C ALA A 425 -16.20 -12.42 18.41
N LEU A 426 -16.05 -13.45 19.24
CA LEU A 426 -17.00 -13.74 20.33
C LEU A 426 -17.34 -12.51 21.16
N THR A 427 -16.31 -11.71 21.48
CA THR A 427 -16.46 -10.49 22.29
C THR A 427 -16.74 -9.22 21.44
N ILE A 428 -15.78 -8.80 20.61
CA ILE A 428 -15.98 -7.64 19.73
C ILE A 428 -17.20 -7.79 18.80
N VAL A 429 -17.23 -8.84 17.99
CA VAL A 429 -18.31 -8.96 16.99
C VAL A 429 -19.64 -9.41 17.57
N GLY A 430 -19.61 -10.19 18.63
CA GLY A 430 -20.85 -10.66 19.24
C GLY A 430 -21.74 -9.52 19.69
N THR A 431 -21.14 -8.56 20.39
CA THR A 431 -21.88 -7.53 21.05
C THR A 431 -22.41 -6.41 20.16
N LEU A 432 -21.98 -6.34 18.89
CA LEU A 432 -22.44 -5.21 18.05
C LEU A 432 -23.94 -5.24 17.73
N PRO A 433 -24.47 -6.35 17.20
CA PRO A 433 -25.92 -6.34 17.06
C PRO A 433 -26.61 -6.23 18.42
N PHE A 434 -26.10 -6.92 19.43
CA PHE A 434 -26.72 -6.80 20.74
C PHE A 434 -26.88 -5.33 21.07
N THR A 435 -25.78 -4.59 21.04
CA THR A 435 -25.79 -3.19 21.42
C THR A 435 -26.74 -2.40 20.55
N TYR A 436 -26.57 -2.48 19.24
CA TYR A 436 -27.41 -1.72 18.33
C TYR A 436 -28.89 -1.97 18.64
N MET A 437 -29.31 -3.23 18.60
CA MET A 437 -30.70 -3.60 18.88
C MET A 437 -31.17 -3.02 20.22
N LEU A 438 -30.48 -3.38 21.30
CA LEU A 438 -30.71 -2.79 22.61
C LEU A 438 -31.03 -1.30 22.52
N GLU A 439 -30.13 -0.52 21.89
CA GLU A 439 -30.35 0.93 21.79
C GLU A 439 -31.51 1.31 20.90
N LYS A 440 -31.70 0.57 19.82
CA LYS A 440 -32.82 0.83 18.90
C LYS A 440 -34.13 0.77 19.66
N TRP A 441 -34.33 -0.29 20.44
CA TRP A 441 -35.52 -0.43 21.27
C TRP A 441 -35.76 0.81 22.12
N ARG A 442 -34.78 1.15 22.96
CA ARG A 442 -34.87 2.37 23.77
C ARG A 442 -35.24 3.59 22.93
N TRP A 443 -34.41 3.91 21.94
CA TRP A 443 -34.64 5.06 21.08
C TRP A 443 -36.09 5.17 20.70
N MET A 444 -36.61 4.10 20.11
CA MET A 444 -38.00 4.01 19.68
C MET A 444 -38.97 4.15 20.86
N VAL A 445 -38.71 3.42 21.95
CA VAL A 445 -39.52 3.55 23.15
C VAL A 445 -39.58 5.00 23.60
N PHE A 446 -38.46 5.72 23.50
CA PHE A 446 -38.41 7.15 23.82
C PHE A 446 -39.12 8.00 22.78
N LYS A 447 -39.05 7.58 21.51
CA LYS A 447 -39.69 8.32 20.42
C LYS A 447 -41.21 8.11 20.42
N GLY A 448 -41.69 7.27 21.33
CA GLY A 448 -43.11 6.96 21.46
C GLY A 448 -43.61 5.99 20.41
N GLU A 449 -42.70 5.19 19.85
CA GLU A 449 -43.02 4.28 18.76
C GLU A 449 -43.42 2.89 19.24
N ILE A 450 -43.11 2.58 20.50
CA ILE A 450 -43.50 1.30 21.08
C ILE A 450 -44.47 1.56 22.23
N PRO A 451 -45.73 1.12 22.07
CA PRO A 451 -46.77 1.27 23.09
C PRO A 451 -46.49 0.39 24.29
N LYS A 452 -46.84 0.89 25.47
CA LYS A 452 -46.63 0.19 26.74
C LYS A 452 -46.98 -1.30 26.68
N ASP A 453 -48.12 -1.63 26.08
CA ASP A 453 -48.61 -3.02 26.05
C ASP A 453 -47.91 -3.95 25.04
N GLN A 454 -46.95 -3.41 24.29
CA GLN A 454 -46.15 -4.20 23.35
C GLN A 454 -44.64 -4.04 23.59
N TRP A 455 -44.29 -3.60 24.79
CA TRP A 455 -42.90 -3.34 25.19
C TRP A 455 -42.00 -4.56 25.14
N MET A 456 -42.53 -5.70 25.54
CA MET A 456 -41.74 -6.93 25.53
C MET A 456 -42.00 -7.72 24.25
N LYS A 457 -43.03 -7.31 23.53
CA LYS A 457 -43.42 -7.94 22.27
C LYS A 457 -42.45 -7.50 21.16
N LYS A 458 -42.09 -6.22 21.16
CA LYS A 458 -41.20 -5.67 20.13
C LYS A 458 -39.73 -5.89 20.50
N TRP A 459 -39.45 -5.81 21.79
CA TRP A 459 -38.15 -6.19 22.32
C TRP A 459 -37.77 -7.54 21.70
N TRP A 460 -38.56 -8.58 21.97
CA TRP A 460 -38.21 -9.92 21.48
C TRP A 460 -38.38 -10.14 19.98
N GLU A 461 -39.25 -9.36 19.36
CA GLU A 461 -39.34 -9.29 17.89
C GLU A 461 -37.95 -8.92 17.35
N MET A 462 -37.39 -7.85 17.93
CA MET A 462 -36.13 -7.25 17.50
C MET A 462 -34.88 -8.10 17.81
N LYS A 463 -34.89 -8.74 18.98
CA LYS A 463 -33.88 -9.73 19.35
C LYS A 463 -33.81 -10.89 18.37
N ARG A 464 -34.98 -11.44 18.02
CA ARG A 464 -35.09 -12.49 17.01
C ARG A 464 -34.58 -12.06 15.61
N GLU A 465 -34.90 -10.83 15.23
CA GLU A 465 -34.70 -10.38 13.86
C GLU A 465 -33.34 -9.76 13.62
N ILE A 466 -32.84 -9.03 14.62
CA ILE A 466 -31.54 -8.34 14.53
C ILE A 466 -30.40 -9.15 15.15
N VAL A 467 -30.58 -9.55 16.39
CA VAL A 467 -29.54 -10.25 17.15
C VAL A 467 -29.52 -11.72 16.82
N GLY A 468 -30.68 -12.26 16.44
CA GLY A 468 -30.82 -13.68 16.12
C GLY A 468 -30.87 -14.58 17.35
N VAL A 469 -31.67 -14.18 18.33
CA VAL A 469 -31.70 -14.81 19.66
C VAL A 469 -33.15 -14.93 20.23
N VAL A 470 -33.57 -16.14 20.64
CA VAL A 470 -34.94 -16.36 21.14
C VAL A 470 -35.09 -16.53 22.64
N GLU A 471 -36.02 -15.79 23.23
CA GLU A 471 -36.48 -16.03 24.60
C GLU A 471 -36.88 -17.51 24.80
N PRO A 472 -36.24 -18.19 25.77
CA PRO A 472 -36.57 -19.58 26.10
C PRO A 472 -37.94 -19.77 26.77
N VAL A 473 -38.48 -18.68 27.32
CA VAL A 473 -39.78 -18.67 27.93
C VAL A 473 -40.45 -17.41 27.39
N PRO A 474 -41.75 -17.47 27.01
CA PRO A 474 -42.39 -16.24 26.53
C PRO A 474 -42.65 -15.27 27.68
N HIS A 475 -42.51 -13.98 27.38
CA HIS A 475 -42.73 -12.91 28.34
C HIS A 475 -43.84 -11.95 27.91
N ASP A 476 -44.81 -11.76 28.79
CA ASP A 476 -45.82 -10.72 28.61
C ASP A 476 -45.31 -9.42 29.23
N GLU A 477 -46.15 -8.39 29.26
CA GLU A 477 -45.75 -7.08 29.77
C GLU A 477 -45.62 -7.03 31.29
N THR A 478 -45.68 -8.21 31.92
CA THR A 478 -45.38 -8.35 33.36
C THR A 478 -43.87 -8.20 33.62
N TYR A 479 -43.06 -8.61 32.63
CA TYR A 479 -41.60 -8.52 32.69
C TYR A 479 -41.08 -7.17 32.19
N CYS A 480 -39.75 -7.00 32.20
CA CYS A 480 -39.09 -5.81 31.66
C CYS A 480 -37.61 -6.10 31.44
N ASP A 481 -37.34 -7.09 30.61
CA ASP A 481 -36.00 -7.61 30.42
C ASP A 481 -34.98 -6.59 29.93
N PRO A 482 -35.36 -5.69 29.00
CA PRO A 482 -34.39 -4.68 28.62
C PRO A 482 -33.79 -3.98 29.82
N ALA A 483 -34.57 -3.75 30.87
CA ALA A 483 -34.05 -3.10 32.06
C ALA A 483 -33.45 -4.03 33.10
N SER A 484 -33.27 -5.30 32.73
CA SER A 484 -32.56 -6.23 33.58
C SER A 484 -31.05 -6.12 33.34
N LEU A 485 -30.65 -5.08 32.64
CA LEU A 485 -29.26 -4.89 32.29
C LEU A 485 -28.78 -3.56 32.87
N PHE A 486 -27.74 -3.66 33.71
CA PHE A 486 -27.19 -2.52 34.44
C PHE A 486 -27.35 -1.17 33.72
N HIS A 487 -26.87 -1.10 32.50
CA HIS A 487 -26.90 0.15 31.74
C HIS A 487 -28.31 0.72 31.50
N VAL A 488 -29.26 -0.17 31.21
CA VAL A 488 -30.62 0.28 30.91
C VAL A 488 -31.38 0.78 32.15
N SER A 489 -31.27 0.05 33.26
CA SER A 489 -31.96 0.38 34.48
C SER A 489 -31.21 1.40 35.31
N ASN A 490 -29.95 1.66 34.94
CA ASN A 490 -29.17 2.68 35.64
C ASN A 490 -28.89 3.90 34.78
N ASP A 491 -29.82 4.17 33.86
CA ASP A 491 -29.84 5.40 33.08
C ASP A 491 -28.53 5.67 32.30
N TYR A 492 -28.25 4.87 31.27
CA TYR A 492 -26.97 4.98 30.59
C TYR A 492 -27.00 4.83 29.05
N SER A 493 -26.54 5.86 28.32
CA SER A 493 -26.51 5.73 26.87
C SER A 493 -25.62 4.52 26.56
N PHE A 494 -26.09 3.65 25.68
CA PHE A 494 -25.45 2.37 25.47
C PHE A 494 -24.76 2.30 24.13
N ILE A 495 -25.16 3.16 23.20
CA ILE A 495 -24.53 3.16 21.90
C ILE A 495 -23.05 3.50 21.93
N ARG A 496 -22.59 4.24 22.94
CA ARG A 496 -21.15 4.47 23.04
C ARG A 496 -20.39 3.18 22.92
N TYR A 497 -20.93 2.08 23.44
CA TYR A 497 -20.29 0.78 23.27
C TYR A 497 -20.19 0.31 21.83
N TYR A 498 -21.09 0.78 20.96
CA TYR A 498 -21.04 0.41 19.55
C TYR A 498 -19.98 1.25 18.89
N THR A 499 -20.09 2.56 19.03
CA THR A 499 -19.21 3.48 18.32
C THR A 499 -17.75 3.39 18.78
N ARG A 500 -17.54 3.09 20.08
CA ARG A 500 -16.17 2.92 20.60
C ARG A 500 -15.50 1.74 19.94
N THR A 501 -16.24 0.64 19.81
CA THR A 501 -15.74 -0.51 19.07
C THR A 501 -15.26 -0.09 17.67
N LEU A 502 -16.12 0.59 16.94
CA LEU A 502 -15.80 0.97 15.59
C LEU A 502 -14.57 1.90 15.50
N TYR A 503 -14.43 2.84 16.44
CA TYR A 503 -13.31 3.76 16.33
C TYR A 503 -12.04 2.99 16.55
N GLN A 504 -11.99 2.21 17.63
CA GLN A 504 -10.75 1.56 18.05
C GLN A 504 -10.06 0.92 16.85
N PHE A 505 -10.84 0.39 15.92
CA PHE A 505 -10.26 -0.23 14.73
C PHE A 505 -9.83 0.76 13.67
N GLN A 506 -10.65 1.78 13.46
CA GLN A 506 -10.25 2.89 12.60
C GLN A 506 -8.96 3.51 13.12
N PHE A 507 -8.80 3.60 14.45
CA PHE A 507 -7.58 4.21 15.00
C PHE A 507 -6.40 3.31 14.72
N GLN A 508 -6.60 2.00 14.89
CA GLN A 508 -5.52 1.05 14.72
C GLN A 508 -5.08 0.93 13.25
N GLU A 509 -6.01 0.64 12.36
CA GLU A 509 -5.66 0.57 10.94
C GLU A 509 -4.86 1.80 10.51
N ALA A 510 -5.24 2.98 11.02
CA ALA A 510 -4.51 4.20 10.71
C ALA A 510 -3.13 4.17 11.34
N LEU A 511 -3.09 3.98 12.66
CA LEU A 511 -1.84 3.91 13.40
C LEU A 511 -0.87 2.88 12.83
N CYS A 512 -1.37 1.72 12.43
CA CYS A 512 -0.53 0.63 11.90
C CYS A 512 0.06 0.92 10.53
N GLN A 513 -0.76 1.49 9.67
CA GLN A 513 -0.33 1.97 8.37
C GLN A 513 0.83 2.95 8.51
N ALA A 514 0.66 3.96 9.37
CA ALA A 514 1.70 4.95 9.61
C ALA A 514 2.92 4.35 10.30
N ALA A 515 2.74 3.20 10.91
CA ALA A 515 3.84 2.50 11.53
C ALA A 515 4.45 1.56 10.51
N LYS A 516 3.93 1.59 9.28
CA LYS A 516 4.53 0.87 8.14
C LYS A 516 4.48 -0.64 8.30
N HIS A 517 3.41 -1.15 8.91
CA HIS A 517 3.30 -2.56 9.29
C HIS A 517 2.89 -3.47 8.13
N GLU A 518 3.60 -4.60 7.97
CA GLU A 518 3.47 -5.45 6.78
C GLU A 518 2.24 -6.39 6.66
N GLY A 519 2.12 -7.34 7.60
CA GLY A 519 1.15 -8.44 7.49
C GLY A 519 -0.33 -8.14 7.77
N PRO A 520 -1.11 -9.18 8.14
CA PRO A 520 -2.51 -9.06 8.54
C PRO A 520 -2.66 -8.10 9.70
N LEU A 521 -3.68 -7.24 9.63
CA LEU A 521 -3.82 -6.13 10.58
C LEU A 521 -3.88 -6.50 12.09
N HIS A 522 -4.13 -7.78 12.39
CA HIS A 522 -4.28 -8.23 13.77
C HIS A 522 -2.95 -8.67 14.38
N LYS A 523 -1.90 -8.67 13.57
CA LYS A 523 -0.57 -9.00 14.07
C LYS A 523 0.23 -7.74 14.37
N CYS A 524 -0.43 -6.60 14.17
CA CYS A 524 0.21 -5.30 14.32
C CYS A 524 0.46 -4.85 15.75
N ASP A 525 1.69 -4.37 15.96
CA ASP A 525 2.10 -3.75 17.20
C ASP A 525 2.78 -2.43 16.82
N ILE A 526 2.31 -1.33 17.40
CA ILE A 526 2.79 0.02 17.07
C ILE A 526 4.06 0.43 17.84
N SER A 527 4.60 -0.48 18.63
CA SER A 527 5.80 -0.21 19.42
C SER A 527 6.87 0.41 18.58
N ASN A 528 7.60 1.34 19.18
CA ASN A 528 8.80 1.84 18.56
C ASN A 528 8.60 2.79 17.37
N SER A 529 7.38 2.90 16.86
CA SER A 529 7.08 3.91 15.84
C SER A 529 6.70 5.26 16.45
N THR A 530 7.64 6.20 16.51
CA THR A 530 7.29 7.56 16.93
C THR A 530 6.30 8.19 15.95
N GLU A 531 6.23 7.61 14.76
CA GLU A 531 5.33 8.10 13.73
C GLU A 531 3.87 7.85 14.10
N ALA A 532 3.57 6.62 14.49
CA ALA A 532 2.26 6.25 15.02
C ALA A 532 1.94 7.14 16.24
N GLY A 533 2.97 7.36 17.07
CA GLY A 533 2.86 8.29 18.18
C GLY A 533 2.28 9.61 17.75
N GLN A 534 3.05 10.37 16.98
CA GLN A 534 2.64 11.68 16.49
C GLN A 534 1.18 11.80 16.04
N LYS A 535 0.69 10.81 15.29
CA LYS A 535 -0.59 10.95 14.64
C LYS A 535 -1.68 10.80 15.67
N LEU A 536 -1.53 9.78 16.51
CA LEU A 536 -2.38 9.56 17.67
C LEU A 536 -2.41 10.80 18.55
N PHE A 537 -1.25 11.17 19.06
CA PHE A 537 -1.10 12.36 19.89
C PHE A 537 -1.70 13.63 19.28
N ASN A 538 -1.85 13.64 17.97
CA ASN A 538 -2.36 14.81 17.27
C ASN A 538 -3.82 15.01 17.59
N MET A 539 -4.56 13.92 17.63
CA MET A 539 -5.94 13.98 18.08
C MET A 539 -5.97 14.02 19.60
N LEU A 540 -5.02 13.37 20.23
CA LEU A 540 -5.05 13.17 21.67
C LEU A 540 -5.04 14.51 22.44
N ARG A 541 -4.24 15.47 21.98
CA ARG A 541 -4.08 16.78 22.66
C ARG A 541 -5.28 17.71 22.56
N LEU A 542 -6.19 17.42 21.65
CA LEU A 542 -7.38 18.26 21.47
C LEU A 542 -8.41 18.20 22.59
N GLY A 543 -8.66 17.01 23.13
CA GLY A 543 -9.80 16.84 24.03
C GLY A 543 -11.06 17.22 23.26
N LYS A 544 -12.01 17.84 23.96
CA LYS A 544 -13.25 18.31 23.34
C LYS A 544 -13.14 19.65 22.57
N SER A 545 -11.96 20.28 22.59
CA SER A 545 -11.67 21.56 21.92
C SER A 545 -12.09 21.65 20.44
N GLU A 546 -11.96 20.56 19.71
CA GLU A 546 -12.51 20.49 18.38
C GLU A 546 -13.66 19.47 18.33
N PRO A 547 -14.41 19.45 17.20
CA PRO A 547 -15.50 18.52 16.96
C PRO A 547 -14.99 17.12 16.72
N TRP A 548 -15.70 16.12 17.24
CA TRP A 548 -15.23 14.73 17.12
C TRP A 548 -14.94 14.28 15.68
N THR A 549 -15.55 14.95 14.70
CA THR A 549 -15.29 14.67 13.28
C THR A 549 -13.86 15.03 12.86
N LEU A 550 -13.34 16.15 13.39
CA LEU A 550 -11.98 16.58 13.11
C LEU A 550 -11.00 15.70 13.85
N ALA A 551 -11.30 15.47 15.13
CA ALA A 551 -10.46 14.64 16.00
C ALA A 551 -10.24 13.28 15.36
N LEU A 552 -11.32 12.72 14.82
CA LEU A 552 -11.25 11.52 14.03
C LEU A 552 -10.37 11.79 12.83
N GLU A 553 -10.69 12.84 12.08
CA GLU A 553 -9.99 13.16 10.83
C GLU A 553 -8.50 13.43 11.04
N ASN A 554 -8.12 13.68 12.29
CA ASN A 554 -6.73 13.93 12.64
C ASN A 554 -5.87 12.68 12.62
N VAL A 555 -6.52 11.53 12.79
CA VAL A 555 -5.84 10.25 12.82
C VAL A 555 -6.21 9.34 11.65
N VAL A 556 -7.46 9.37 11.24
CA VAL A 556 -7.93 8.37 10.30
C VAL A 556 -7.97 8.85 8.88
N GLY A 557 -8.18 10.15 8.70
CA GLY A 557 -8.31 10.76 7.37
C GLY A 557 -9.74 10.91 6.87
N ALA A 558 -10.70 10.93 7.78
CA ALA A 558 -12.11 11.13 7.42
C ALA A 558 -12.93 11.75 8.55
N LYS A 559 -14.02 12.40 8.17
CA LYS A 559 -14.87 13.17 9.09
C LYS A 559 -15.97 12.32 9.72
N ASN A 560 -15.97 11.02 9.42
CA ASN A 560 -17.11 10.14 9.76
C ASN A 560 -16.67 8.75 10.18
N MET A 561 -17.64 7.98 10.67
CA MET A 561 -17.43 6.65 11.24
C MET A 561 -17.38 5.60 10.13
N ASN A 562 -16.60 4.55 10.33
CA ASN A 562 -16.34 3.59 9.27
C ASN A 562 -16.05 2.16 9.74
N VAL A 563 -16.87 1.21 9.26
CA VAL A 563 -16.83 -0.18 9.71
C VAL A 563 -15.80 -1.04 8.99
N ARG A 564 -15.27 -0.54 7.88
CA ARG A 564 -14.32 -1.32 7.09
C ARG A 564 -13.05 -1.72 7.82
N PRO A 565 -12.40 -0.80 8.56
CA PRO A 565 -11.26 -1.29 9.32
C PRO A 565 -11.61 -2.47 10.24
N LEU A 566 -12.69 -2.34 11.01
CA LEU A 566 -13.20 -3.42 11.86
C LEU A 566 -13.40 -4.73 11.13
N LEU A 567 -13.85 -4.67 9.87
CA LEU A 567 -13.95 -5.87 9.04
C LEU A 567 -12.59 -6.37 8.63
N ASN A 568 -11.69 -5.45 8.29
CA ASN A 568 -10.40 -5.83 7.73
C ASN A 568 -9.60 -6.65 8.71
N TYR A 569 -9.87 -6.40 9.99
CA TYR A 569 -9.20 -7.06 11.11
C TYR A 569 -9.63 -8.51 11.20
N PHE A 570 -10.92 -8.72 10.95
CA PHE A 570 -11.53 -10.05 11.01
C PHE A 570 -11.61 -10.70 9.64
N GLU A 571 -10.92 -10.16 8.65
CA GLU A 571 -10.91 -10.76 7.31
C GLU A 571 -10.62 -12.27 7.32
N PRO A 572 -9.49 -12.71 7.92
CA PRO A 572 -9.15 -14.12 7.82
C PRO A 572 -9.98 -15.00 8.77
N LEU A 573 -10.79 -14.38 9.61
CA LEU A 573 -11.76 -15.15 10.35
C LEU A 573 -12.96 -15.34 9.43
N PHE A 574 -13.38 -14.23 8.84
CA PHE A 574 -14.53 -14.19 7.95
C PHE A 574 -14.41 -15.24 6.87
N THR A 575 -13.34 -15.17 6.08
CA THR A 575 -13.12 -16.17 5.04
C THR A 575 -13.19 -17.60 5.61
N TRP A 576 -12.50 -17.81 6.73
CA TRP A 576 -12.47 -19.13 7.38
C TRP A 576 -13.83 -19.61 7.92
N LEU A 577 -14.65 -18.66 8.39
CA LEU A 577 -16.02 -18.96 8.82
C LEU A 577 -16.90 -19.44 7.68
N LYS A 578 -16.73 -18.85 6.51
CA LYS A 578 -17.57 -19.18 5.37
C LYS A 578 -17.41 -20.64 5.01
N ASP A 579 -16.19 -21.13 5.17
CA ASP A 579 -15.89 -22.53 4.91
C ASP A 579 -16.50 -23.47 5.90
N GLN A 580 -16.34 -23.16 7.17
CA GLN A 580 -16.98 -23.94 8.21
C GLN A 580 -18.47 -23.97 7.97
N ASN A 581 -19.04 -22.84 7.53
CA ASN A 581 -20.47 -22.75 7.22
C ASN A 581 -20.94 -23.39 5.89
N LYS A 582 -19.97 -23.82 5.07
CA LYS A 582 -20.19 -24.62 3.82
C LYS A 582 -21.46 -25.47 3.78
N ASN A 583 -21.58 -26.37 4.75
CA ASN A 583 -22.71 -27.25 4.88
C ASN A 583 -23.58 -26.91 6.10
N SER A 584 -23.48 -25.66 6.54
CA SER A 584 -24.33 -25.13 7.59
C SER A 584 -25.32 -24.15 6.95
N PHE A 585 -26.27 -23.68 7.76
CA PHE A 585 -27.23 -22.67 7.33
C PHE A 585 -26.88 -21.29 7.92
N VAL A 586 -26.78 -20.31 7.03
CA VAL A 586 -26.40 -18.93 7.34
C VAL A 586 -27.67 -18.07 7.36
N GLY A 587 -27.89 -17.31 8.42
CA GLY A 587 -29.14 -16.58 8.60
C GLY A 587 -29.98 -17.39 9.56
N TRP A 588 -31.18 -16.90 9.88
CA TRP A 588 -32.06 -17.63 10.79
C TRP A 588 -33.55 -17.38 10.49
N SER A 589 -34.42 -18.18 11.11
CA SER A 589 -35.86 -17.94 11.12
C SER A 589 -36.27 -17.32 12.45
N THR A 590 -37.16 -16.35 12.40
CA THR A 590 -37.65 -15.71 13.61
C THR A 590 -38.85 -16.42 14.21
N ASP A 591 -39.33 -17.47 13.54
CA ASP A 591 -40.55 -18.12 13.98
C ASP A 591 -40.35 -19.28 14.94
N TRP A 592 -39.23 -20.00 14.79
CA TRP A 592 -38.92 -21.10 15.69
C TRP A 592 -38.81 -20.62 17.14
N SER A 593 -39.16 -21.49 18.08
CA SER A 593 -39.14 -21.20 19.53
C SER A 593 -38.80 -22.45 20.30
N PRO A 594 -38.08 -22.30 21.42
CA PRO A 594 -37.76 -23.54 22.13
C PRO A 594 -38.86 -24.00 23.09
N TYR A 595 -40.00 -23.30 23.11
CA TYR A 595 -41.07 -23.60 24.05
C TYR A 595 -42.42 -23.92 23.40
N ALA A 596 -42.72 -23.23 22.29
CA ALA A 596 -44.05 -23.28 21.66
C ALA A 596 -44.57 -24.70 21.47
N ASP A 597 -43.63 -25.65 21.48
CA ASP A 597 -43.89 -27.10 21.42
C ASP A 597 -44.68 -27.63 22.63
N SER B 1 -11.71 -21.38 -57.11
CA SER B 1 -12.82 -20.43 -56.86
C SER B 1 -12.32 -18.97 -56.81
N THR B 2 -12.86 -18.19 -55.87
CA THR B 2 -12.59 -16.75 -55.76
C THR B 2 -11.10 -16.41 -55.58
N ILE B 3 -10.72 -15.19 -55.98
CA ILE B 3 -9.33 -14.72 -55.88
C ILE B 3 -8.83 -14.66 -54.43
N GLU B 4 -9.77 -14.44 -53.50
CA GLU B 4 -9.49 -14.48 -52.07
C GLU B 4 -9.05 -15.89 -51.70
N GLU B 5 -9.85 -16.88 -52.11
CA GLU B 5 -9.61 -18.28 -51.78
C GLU B 5 -8.27 -18.80 -52.30
N GLN B 6 -7.84 -18.28 -53.46
CA GLN B 6 -6.58 -18.70 -54.06
C GLN B 6 -5.40 -17.96 -53.44
N ALA B 7 -5.66 -16.76 -52.92
CA ALA B 7 -4.67 -16.01 -52.15
C ALA B 7 -4.43 -16.65 -50.78
N LYS B 8 -5.51 -17.15 -50.17
CA LYS B 8 -5.47 -17.94 -48.93
C LYS B 8 -4.62 -19.21 -49.06
N THR B 9 -4.65 -19.82 -50.25
CA THR B 9 -3.82 -20.97 -50.56
C THR B 9 -2.37 -20.55 -50.74
N PHE B 10 -2.17 -19.43 -51.45
CA PHE B 10 -0.83 -18.90 -51.70
C PHE B 10 -0.11 -18.57 -50.39
N LEU B 11 -0.82 -17.91 -49.48
CA LEU B 11 -0.34 -17.62 -48.14
C LEU B 11 0.03 -18.90 -47.41
N ASP B 12 -0.82 -19.92 -47.51
CA ASP B 12 -0.54 -21.24 -46.93
C ASP B 12 0.76 -21.83 -47.47
N LYS B 13 0.92 -21.86 -48.79
CA LYS B 13 2.17 -22.34 -49.41
C LYS B 13 3.37 -21.61 -48.81
N PHE B 14 3.28 -20.28 -48.78
CA PHE B 14 4.34 -19.42 -48.24
C PHE B 14 4.65 -19.66 -46.77
N ASN B 15 3.64 -19.55 -45.91
CA ASN B 15 3.79 -19.73 -44.47
C ASN B 15 4.62 -20.95 -44.07
N HIS B 16 4.35 -22.09 -44.69
CA HIS B 16 5.14 -23.30 -44.48
C HIS B 16 6.55 -23.14 -45.08
N GLU B 17 6.61 -22.67 -46.33
CA GLU B 17 7.85 -22.54 -47.08
C GLU B 17 8.87 -21.58 -46.42
N ALA B 18 8.36 -20.57 -45.72
CA ALA B 18 9.19 -19.55 -45.07
C ALA B 18 9.61 -19.92 -43.65
N GLU B 19 8.65 -20.32 -42.82
CA GLU B 19 8.92 -20.89 -41.52
C GLU B 19 10.28 -21.60 -41.53
N ASP B 20 10.44 -22.53 -42.44
CA ASP B 20 11.64 -23.36 -42.56
C ASP B 20 12.88 -22.63 -43.13
N LEU B 21 12.72 -21.78 -44.13
CA LEU B 21 13.86 -21.03 -44.67
C LEU B 21 14.40 -20.01 -43.67
N PHE B 22 13.47 -19.40 -42.94
CA PHE B 22 13.80 -18.43 -41.91
C PHE B 22 14.51 -19.14 -40.77
N TYR B 23 14.02 -20.33 -40.43
CA TYR B 23 14.59 -21.08 -39.34
C TYR B 23 16.07 -21.29 -39.59
N GLN B 24 16.39 -21.76 -40.78
CA GLN B 24 17.78 -22.01 -41.17
C GLN B 24 18.63 -20.76 -41.04
N SER B 25 18.23 -19.69 -41.74
CA SER B 25 18.94 -18.40 -41.64
C SER B 25 19.29 -18.11 -40.19
N SER B 26 18.26 -18.16 -39.36
CA SER B 26 18.37 -17.85 -37.95
C SER B 26 19.32 -18.78 -37.22
N LEU B 27 19.34 -20.05 -37.61
CA LEU B 27 20.28 -20.99 -36.98
C LEU B 27 21.74 -20.69 -37.28
N ALA B 28 22.04 -20.40 -38.55
CA ALA B 28 23.40 -20.05 -38.97
C ALA B 28 23.76 -18.71 -38.35
N SER B 29 22.80 -17.79 -38.37
CA SER B 29 22.91 -16.54 -37.64
C SER B 29 23.28 -16.78 -36.18
N TRP B 30 22.68 -17.80 -35.56
CA TRP B 30 22.96 -18.10 -34.15
C TRP B 30 24.35 -18.69 -33.97
N ASN B 31 24.78 -19.51 -34.93
CA ASN B 31 26.11 -20.12 -34.86
C ASN B 31 27.22 -19.12 -35.09
N TYR B 32 26.99 -18.12 -35.93
CA TYR B 32 27.98 -17.06 -36.10
C TYR B 32 28.06 -16.20 -34.84
N ASN B 33 26.93 -15.65 -34.42
CA ASN B 33 26.91 -14.69 -33.33
C ASN B 33 27.34 -15.29 -32.02
N THR B 34 27.44 -16.61 -31.97
CA THR B 34 27.90 -17.32 -30.77
C THR B 34 29.32 -17.85 -30.95
N ASN B 35 29.70 -18.11 -32.19
CA ASN B 35 30.95 -18.78 -32.51
C ASN B 35 31.53 -18.17 -33.78
N ILE B 36 32.18 -17.03 -33.63
CA ILE B 36 32.64 -16.23 -34.76
C ILE B 36 33.85 -16.89 -35.43
N THR B 37 33.62 -17.41 -36.62
CA THR B 37 34.65 -18.00 -37.47
C THR B 37 34.36 -17.54 -38.89
N GLU B 38 35.36 -17.61 -39.77
CA GLU B 38 35.15 -17.30 -41.17
C GLU B 38 34.09 -18.21 -41.80
N GLU B 39 34.03 -19.46 -41.35
CA GLU B 39 33.06 -20.43 -41.85
C GLU B 39 31.63 -20.14 -41.40
N ASN B 40 31.45 -19.83 -40.11
CA ASN B 40 30.13 -19.56 -39.55
C ASN B 40 29.51 -18.27 -40.09
N VAL B 41 30.37 -17.30 -40.38
CA VAL B 41 29.94 -16.00 -40.92
C VAL B 41 29.55 -16.14 -42.38
N GLN B 42 30.28 -16.99 -43.11
CA GLN B 42 30.01 -17.22 -44.52
C GLN B 42 28.60 -17.77 -44.69
N ASN B 43 28.18 -18.64 -43.77
CA ASN B 43 26.83 -19.20 -43.76
C ASN B 43 25.74 -18.18 -43.39
N MET B 44 26.01 -17.35 -42.38
CA MET B 44 25.07 -16.35 -41.88
C MET B 44 24.39 -15.58 -43.02
N ASN B 45 25.20 -15.05 -43.94
CA ASN B 45 24.70 -14.36 -45.14
C ASN B 45 24.44 -15.30 -46.32
N ASN B 46 24.85 -16.56 -46.18
CA ASN B 46 24.57 -17.61 -47.16
C ASN B 46 23.12 -18.05 -47.06
N ALA B 47 22.75 -18.60 -45.90
CA ALA B 47 21.36 -18.94 -45.58
C ALA B 47 20.47 -17.69 -45.50
N GLY B 48 21.12 -16.54 -45.37
CA GLY B 48 20.45 -15.24 -45.44
C GLY B 48 20.24 -14.77 -46.87
N ASP B 49 21.09 -15.22 -47.80
CA ASP B 49 20.92 -14.96 -49.23
C ASP B 49 19.84 -15.83 -49.83
N LYS B 50 19.79 -17.09 -49.37
CA LYS B 50 18.79 -18.06 -49.83
C LYS B 50 17.41 -17.65 -49.33
N TRP B 51 17.38 -16.70 -48.41
CA TRP B 51 16.15 -16.19 -47.85
C TRP B 51 15.80 -14.81 -48.42
N SER B 52 16.79 -13.91 -48.48
CA SER B 52 16.61 -12.57 -49.05
C SER B 52 16.22 -12.61 -50.52
N ALA B 53 16.75 -13.59 -51.25
CA ALA B 53 16.39 -13.78 -52.65
C ALA B 53 15.02 -14.45 -52.77
N PHE B 54 14.73 -15.34 -51.84
CA PHE B 54 13.41 -15.97 -51.72
C PHE B 54 12.34 -14.93 -51.39
N LEU B 55 12.76 -13.78 -50.89
CA LEU B 55 11.80 -12.76 -50.51
C LEU B 55 11.34 -11.98 -51.73
N LYS B 56 12.27 -11.67 -52.64
CA LYS B 56 11.92 -10.96 -53.87
C LYS B 56 11.22 -11.86 -54.89
N GLU B 57 11.65 -13.12 -54.96
CA GLU B 57 10.98 -14.11 -55.78
C GLU B 57 9.51 -14.24 -55.35
N GLN B 58 9.28 -14.23 -54.04
CA GLN B 58 7.93 -14.28 -53.50
C GLN B 58 7.24 -12.92 -53.47
N SER B 59 8.03 -11.85 -53.57
CA SER B 59 7.48 -10.49 -53.60
C SER B 59 6.58 -10.30 -54.82
N THR B 60 7.19 -10.29 -56.01
CA THR B 60 6.45 -10.16 -57.28
C THR B 60 5.30 -11.17 -57.38
N LEU B 61 5.54 -12.36 -56.84
CA LEU B 61 4.56 -13.43 -56.83
C LEU B 61 3.29 -13.07 -56.06
N ALA B 62 3.41 -12.16 -55.09
CA ALA B 62 2.24 -11.67 -54.38
C ALA B 62 1.68 -10.45 -55.09
N GLN B 63 2.58 -9.65 -55.67
CA GLN B 63 2.22 -8.45 -56.42
C GLN B 63 1.30 -8.78 -57.59
N MET B 64 1.09 -10.08 -57.81
CA MET B 64 0.18 -10.55 -58.85
C MET B 64 -1.26 -10.36 -58.38
N TYR B 65 -1.55 -10.86 -57.19
CA TYR B 65 -2.89 -10.77 -56.59
C TYR B 65 -3.32 -9.32 -56.37
N PRO B 66 -4.60 -9.00 -56.65
CA PRO B 66 -5.11 -7.64 -56.53
C PRO B 66 -5.59 -7.27 -55.12
N LEU B 67 -4.97 -6.24 -54.55
CA LEU B 67 -5.29 -5.81 -53.18
C LEU B 67 -6.71 -5.28 -53.08
N GLN B 68 -7.00 -4.21 -53.83
CA GLN B 68 -8.34 -3.64 -53.85
C GLN B 68 -9.28 -4.63 -54.52
N GLU B 69 -9.81 -5.54 -53.72
CA GLU B 69 -10.70 -6.61 -54.15
C GLU B 69 -11.01 -7.46 -52.92
N ILE B 70 -10.01 -7.60 -52.05
CA ILE B 70 -10.07 -8.51 -50.91
C ILE B 70 -10.91 -7.99 -49.74
N GLN B 71 -11.88 -8.80 -49.35
CA GLN B 71 -12.88 -8.42 -48.36
C GLN B 71 -12.46 -8.78 -46.94
N ASN B 72 -11.69 -9.86 -46.80
CA ASN B 72 -11.19 -10.32 -45.51
C ASN B 72 -10.02 -9.48 -45.02
N LEU B 73 -10.09 -9.08 -43.75
CA LEU B 73 -9.06 -8.23 -43.14
C LEU B 73 -7.71 -8.93 -43.01
N THR B 74 -7.72 -10.10 -42.36
CA THR B 74 -6.51 -10.84 -41.98
C THR B 74 -5.58 -11.14 -43.15
N VAL B 75 -6.16 -11.42 -44.31
CA VAL B 75 -5.36 -11.74 -45.49
C VAL B 75 -4.83 -10.47 -46.14
N LYS B 76 -5.67 -9.44 -46.20
CA LYS B 76 -5.31 -8.15 -46.78
C LYS B 76 -4.05 -7.60 -46.12
N LEU B 77 -4.03 -7.62 -44.79
CA LEU B 77 -2.83 -7.26 -44.04
C LEU B 77 -1.63 -8.05 -44.55
N GLN B 78 -1.72 -9.38 -44.50
CA GLN B 78 -0.60 -10.27 -44.83
C GLN B 78 0.02 -9.99 -46.19
N LEU B 79 -0.83 -9.78 -47.19
CA LEU B 79 -0.38 -9.50 -48.55
C LEU B 79 0.45 -8.24 -48.66
N GLN B 80 -0.06 -7.15 -48.07
CA GLN B 80 0.62 -5.86 -48.11
C GLN B 80 2.12 -6.06 -47.91
N ALA B 81 2.48 -6.65 -46.77
CA ALA B 81 3.86 -6.93 -46.38
C ALA B 81 4.68 -7.54 -47.52
N LEU B 82 4.12 -8.53 -48.20
CA LEU B 82 4.82 -9.19 -49.32
C LEU B 82 4.84 -8.32 -50.56
N GLN B 83 3.71 -7.69 -50.86
CA GLN B 83 3.58 -6.85 -52.04
C GLN B 83 4.41 -5.56 -51.94
N GLN B 84 5.18 -5.43 -50.86
CA GLN B 84 6.05 -4.28 -50.64
C GLN B 84 7.33 -4.42 -51.47
N ASN B 85 7.51 -3.53 -52.44
CA ASN B 85 8.64 -3.56 -53.40
C ASN B 85 10.04 -3.49 -52.76
N GLY B 86 10.15 -2.71 -51.68
CA GLY B 86 11.36 -2.67 -50.85
C GLY B 86 12.57 -1.99 -51.46
N SER B 87 13.71 -2.68 -51.37
CA SER B 87 14.99 -2.15 -51.84
C SER B 87 15.33 -2.67 -53.24
N SER B 88 14.54 -3.61 -53.72
CA SER B 88 14.71 -4.20 -55.05
C SER B 88 14.39 -3.21 -56.18
N VAL B 89 13.66 -2.15 -55.84
CA VAL B 89 13.20 -1.14 -56.81
C VAL B 89 14.29 -0.07 -57.11
N LEU B 90 15.47 -0.55 -57.51
CA LEU B 90 16.60 0.33 -57.83
C LEU B 90 17.42 -0.20 -59.01
N SER B 91 17.85 0.73 -59.86
CA SER B 91 18.72 0.41 -61.00
C SER B 91 19.92 -0.40 -60.54
N GLU B 92 20.02 -1.63 -61.07
CA GLU B 92 20.97 -2.66 -60.64
C GLU B 92 22.22 -2.19 -59.88
N ASP B 93 22.94 -1.23 -60.45
CA ASP B 93 24.18 -0.70 -59.86
C ASP B 93 23.93 0.03 -58.54
N LYS B 94 22.96 0.94 -58.55
CA LYS B 94 22.57 1.71 -57.38
C LYS B 94 22.00 0.82 -56.26
N SER B 95 21.56 -0.38 -56.61
CA SER B 95 20.93 -1.30 -55.65
C SER B 95 21.92 -1.93 -54.68
N LYS B 96 22.77 -2.82 -55.16
CA LYS B 96 23.73 -3.50 -54.30
C LYS B 96 24.96 -2.63 -54.00
N ARG B 97 25.11 -1.53 -54.75
CA ARG B 97 26.12 -0.52 -54.44
C ARG B 97 25.76 0.16 -53.11
N LEU B 98 24.46 0.28 -52.85
CA LEU B 98 23.94 0.67 -51.53
C LEU B 98 24.31 -0.38 -50.50
N ASN B 99 24.04 -1.64 -50.85
CA ASN B 99 24.33 -2.78 -49.99
C ASN B 99 25.79 -2.78 -49.51
N THR B 100 26.64 -2.10 -50.27
CA THR B 100 28.06 -1.93 -49.92
C THR B 100 28.22 -0.82 -48.88
N ILE B 101 27.60 0.32 -49.15
CA ILE B 101 27.64 1.47 -48.25
C ILE B 101 27.26 1.02 -46.85
N LEU B 102 26.14 0.31 -46.73
CA LEU B 102 25.66 -0.19 -45.45
C LEU B 102 26.67 -1.07 -44.71
N ASN B 103 27.30 -1.98 -45.44
CA ASN B 103 28.27 -2.91 -44.87
C ASN B 103 29.50 -2.24 -44.29
N THR B 104 30.12 -1.37 -45.09
CA THR B 104 31.29 -0.59 -44.68
C THR B 104 30.98 0.22 -43.43
N MET B 105 29.86 0.93 -43.43
CA MET B 105 29.44 1.70 -42.26
C MET B 105 29.33 0.76 -41.07
N SER B 106 28.44 -0.22 -41.17
CA SER B 106 28.23 -1.20 -40.10
C SER B 106 29.53 -1.78 -39.58
N THR B 107 30.45 -2.09 -40.49
CA THR B 107 31.72 -2.74 -40.10
C THR B 107 32.80 -1.81 -39.54
N ILE B 108 33.01 -0.63 -40.15
CA ILE B 108 34.05 0.28 -39.65
C ILE B 108 33.71 0.82 -38.26
N TYR B 109 32.40 0.93 -37.99
CA TYR B 109 31.90 1.21 -36.66
C TYR B 109 32.40 0.13 -35.70
N SER B 110 32.27 -1.13 -36.11
CA SER B 110 32.65 -2.26 -35.27
C SER B 110 34.14 -2.55 -35.30
N THR B 111 34.82 -2.17 -36.38
CA THR B 111 36.23 -2.54 -36.55
C THR B 111 37.21 -1.39 -36.28
N GLY B 112 36.69 -0.17 -36.19
CA GLY B 112 37.49 1.01 -35.92
C GLY B 112 37.99 1.06 -34.48
N LYS B 113 39.26 1.41 -34.32
CA LYS B 113 39.89 1.57 -33.01
C LYS B 113 40.52 2.96 -32.85
N VAL B 114 40.75 3.37 -31.61
CA VAL B 114 41.49 4.62 -31.33
C VAL B 114 42.73 4.35 -30.49
N CYS B 115 43.85 4.93 -30.89
CA CYS B 115 45.12 4.71 -30.20
C CYS B 115 45.72 6.02 -29.69
N ASN B 116 46.31 5.94 -28.50
CA ASN B 116 46.91 7.07 -27.78
C ASN B 116 47.59 8.12 -28.66
N PRO B 117 47.35 9.43 -28.37
CA PRO B 117 47.95 10.50 -29.16
C PRO B 117 49.46 10.29 -29.34
N ASP B 118 50.19 10.29 -28.23
CA ASP B 118 51.64 10.11 -28.23
C ASP B 118 52.07 8.66 -28.47
N ASN B 119 51.14 7.72 -28.28
CA ASN B 119 51.45 6.30 -28.39
C ASN B 119 50.61 5.56 -29.44
N PRO B 120 51.22 5.26 -30.60
CA PRO B 120 50.57 4.52 -31.68
C PRO B 120 50.56 2.99 -31.46
N GLN B 121 50.34 2.55 -30.22
CA GLN B 121 50.30 1.13 -29.87
C GLN B 121 49.15 0.82 -28.91
N GLU B 122 48.90 1.76 -27.99
CA GLU B 122 47.87 1.63 -26.97
C GLU B 122 46.48 1.84 -27.60
N CYS B 123 45.91 0.76 -28.12
CA CYS B 123 44.68 0.82 -28.88
C CYS B 123 43.49 0.19 -28.18
N LEU B 124 42.36 0.88 -28.22
CA LEU B 124 41.10 0.35 -27.71
C LEU B 124 39.95 0.71 -28.64
N LEU B 125 39.01 -0.21 -28.77
CA LEU B 125 37.83 -0.01 -29.60
C LEU B 125 36.68 0.50 -28.74
N LEU B 126 35.52 0.73 -29.37
CA LEU B 126 34.34 1.18 -28.66
C LEU B 126 34.05 0.29 -27.45
N GLU B 127 34.02 -1.02 -27.68
CA GLU B 127 33.83 -2.01 -26.62
C GLU B 127 35.07 -2.92 -26.57
N PRO B 128 35.70 -3.05 -25.38
CA PRO B 128 35.29 -2.45 -24.11
C PRO B 128 35.96 -1.09 -23.93
N GLY B 129 36.71 -0.92 -22.85
CA GLY B 129 37.60 0.22 -22.68
C GLY B 129 36.99 1.59 -22.84
N LEU B 130 36.66 1.95 -24.08
CA LEU B 130 36.07 3.26 -24.38
C LEU B 130 34.71 3.45 -23.70
N ASN B 131 33.84 2.45 -23.81
CA ASN B 131 32.56 2.49 -23.11
C ASN B 131 32.68 2.18 -21.61
N GLU B 132 33.89 1.92 -21.15
CA GLU B 132 34.19 1.83 -19.72
C GLU B 132 34.81 3.15 -19.23
N ILE B 133 35.59 3.79 -20.11
CA ILE B 133 36.19 5.09 -19.83
C ILE B 133 35.18 6.25 -19.90
N MET B 134 34.16 6.10 -20.74
CA MET B 134 33.06 7.04 -20.76
C MET B 134 32.13 6.82 -19.58
N ALA B 135 32.02 5.57 -19.15
CA ALA B 135 31.10 5.21 -18.07
C ALA B 135 31.69 5.40 -16.68
N ASN B 136 32.99 5.68 -16.59
CA ASN B 136 33.65 5.71 -15.28
C ASN B 136 34.72 6.77 -15.05
N SER B 137 35.39 7.23 -16.11
CA SER B 137 36.40 8.28 -15.95
C SER B 137 35.85 9.51 -15.27
N LEU B 138 36.70 10.17 -14.49
CA LEU B 138 36.37 11.42 -13.83
C LEU B 138 37.33 12.52 -14.27
N ASP B 139 38.19 12.20 -15.24
CA ASP B 139 39.17 13.15 -15.76
C ASP B 139 38.67 13.83 -17.03
N TYR B 140 38.49 15.16 -16.95
CA TYR B 140 38.03 15.96 -18.09
C TYR B 140 38.80 15.68 -19.36
N ASN B 141 40.14 15.67 -19.29
CA ASN B 141 40.98 15.46 -20.48
C ASN B 141 40.80 14.09 -21.11
N GLU B 142 40.80 13.05 -20.28
CA GLU B 142 40.66 11.67 -20.75
C GLU B 142 39.31 11.49 -21.45
N ARG B 143 38.24 11.90 -20.77
CA ARG B 143 36.89 11.87 -21.35
C ARG B 143 36.85 12.68 -22.63
N LEU B 144 37.46 13.86 -22.60
CA LEU B 144 37.52 14.74 -23.77
C LEU B 144 38.12 13.98 -24.93
N TRP B 145 39.35 13.51 -24.73
CA TRP B 145 40.08 12.78 -25.75
C TRP B 145 39.26 11.61 -26.28
N ALA B 146 38.74 10.78 -25.39
CA ALA B 146 37.95 9.61 -25.78
C ALA B 146 36.79 10.01 -26.69
N TRP B 147 35.93 10.91 -26.20
CA TRP B 147 34.78 11.40 -26.93
C TRP B 147 35.16 11.95 -28.30
N GLU B 148 36.19 12.81 -28.31
CA GLU B 148 36.71 13.40 -29.54
C GLU B 148 37.30 12.35 -30.50
N SER B 149 38.14 11.47 -29.96
CA SER B 149 38.89 10.50 -30.77
C SER B 149 37.97 9.69 -31.67
N TRP B 150 36.98 9.04 -31.06
CA TRP B 150 36.00 8.21 -31.74
C TRP B 150 35.22 8.95 -32.82
N ARG B 151 34.92 10.22 -32.59
CA ARG B 151 34.17 11.03 -33.54
C ARG B 151 35.05 11.60 -34.66
N SER B 152 36.36 11.56 -34.46
CA SER B 152 37.31 12.06 -35.43
C SER B 152 37.90 10.93 -36.27
N GLU B 153 38.02 9.76 -35.67
CA GLU B 153 38.57 8.59 -36.34
C GLU B 153 37.54 7.93 -37.24
N VAL B 154 36.39 7.57 -36.68
CA VAL B 154 35.34 6.91 -37.45
C VAL B 154 34.39 7.90 -38.11
N GLY B 155 34.23 9.06 -37.49
CA GLY B 155 33.29 10.08 -37.96
C GLY B 155 33.72 10.70 -39.28
N LYS B 156 34.99 11.10 -39.34
CA LYS B 156 35.57 11.66 -40.57
C LYS B 156 35.52 10.66 -41.72
N GLN B 157 35.61 9.38 -41.37
CA GLN B 157 35.53 8.26 -42.32
C GLN B 157 34.12 8.01 -42.85
N LEU B 158 33.13 8.17 -41.97
CA LEU B 158 31.74 7.83 -42.29
C LEU B 158 31.02 8.92 -43.07
N ARG B 159 31.61 10.11 -43.11
CA ARG B 159 30.98 11.27 -43.74
C ARG B 159 30.65 11.09 -45.23
N PRO B 160 31.63 10.62 -46.05
CA PRO B 160 31.35 10.41 -47.48
C PRO B 160 30.37 9.25 -47.73
N LEU B 161 30.27 8.36 -46.75
CA LEU B 161 29.40 7.19 -46.84
C LEU B 161 27.95 7.57 -46.60
N TYR B 162 27.70 8.37 -45.56
CA TYR B 162 26.35 8.84 -45.27
C TYR B 162 25.89 9.81 -46.35
N GLU B 163 26.84 10.61 -46.84
CA GLU B 163 26.63 11.53 -47.96
C GLU B 163 26.04 10.87 -49.22
N GLU B 164 26.31 9.56 -49.37
CA GLU B 164 25.71 8.78 -50.44
C GLU B 164 24.49 7.98 -49.93
N TYR B 165 24.56 7.54 -48.68
CA TYR B 165 23.45 6.84 -48.02
C TYR B 165 22.14 7.59 -48.20
N VAL B 166 22.14 8.87 -47.83
CA VAL B 166 20.95 9.72 -47.97
C VAL B 166 20.43 9.77 -49.40
N VAL B 167 21.35 9.90 -50.35
CA VAL B 167 21.03 10.03 -51.78
C VAL B 167 20.28 8.79 -52.31
N LEU B 168 20.87 7.62 -52.07
CA LEU B 168 20.35 6.37 -52.64
C LEU B 168 19.11 5.86 -51.91
N LYS B 169 19.04 6.12 -50.61
CA LYS B 169 17.93 5.66 -49.79
C LYS B 169 16.69 6.51 -50.04
N ASN B 170 16.90 7.78 -50.39
CA ASN B 170 15.80 8.67 -50.76
C ASN B 170 15.20 8.34 -52.14
N GLU B 171 16.07 7.98 -53.09
CA GLU B 171 15.63 7.58 -54.43
C GLU B 171 14.79 6.32 -54.35
N MET B 172 15.14 5.45 -53.40
CA MET B 172 14.38 4.24 -53.10
C MET B 172 13.03 4.58 -52.47
N ALA B 173 13.05 5.45 -51.46
CA ALA B 173 11.84 5.88 -50.76
C ALA B 173 10.82 6.53 -51.69
N ARG B 174 11.31 7.43 -52.54
CA ARG B 174 10.48 8.12 -53.52
C ARG B 174 9.95 7.18 -54.59
N ALA B 175 10.65 6.07 -54.77
CA ALA B 175 10.22 5.02 -55.68
C ALA B 175 9.05 4.19 -55.13
N ASN B 176 8.93 4.16 -53.80
CA ASN B 176 7.89 3.37 -53.15
C ASN B 176 6.66 4.17 -52.75
N HIS B 177 6.41 5.25 -53.50
CA HIS B 177 5.23 6.12 -53.33
C HIS B 177 5.23 6.84 -51.97
N TYR B 178 6.41 7.25 -51.52
CA TYR B 178 6.57 7.98 -50.25
C TYR B 178 7.15 9.38 -50.47
N GLU B 179 7.12 10.22 -49.44
CA GLU B 179 7.70 11.57 -49.50
C GLU B 179 9.22 11.52 -49.46
N ASP B 180 9.75 11.10 -48.31
CA ASP B 180 11.19 10.85 -48.15
C ASP B 180 11.37 9.58 -47.33
N TYR B 181 12.63 9.21 -47.05
CA TYR B 181 12.93 8.06 -46.20
C TYR B 181 12.37 8.29 -44.81
N GLY B 182 12.39 9.54 -44.37
CA GLY B 182 11.74 9.93 -43.13
C GLY B 182 10.32 9.42 -43.14
N ASP B 183 9.61 9.71 -44.23
CA ASP B 183 8.23 9.27 -44.39
C ASP B 183 8.14 7.74 -44.41
N TYR B 184 9.12 7.11 -45.05
CA TYR B 184 9.17 5.65 -45.22
C TYR B 184 9.18 4.98 -43.85
N TRP B 185 9.98 5.49 -42.94
CA TRP B 185 10.12 4.91 -41.61
C TRP B 185 8.86 5.05 -40.77
N ARG B 186 8.30 6.24 -40.74
CA ARG B 186 7.07 6.52 -39.99
C ARG B 186 5.90 5.68 -40.49
N GLY B 187 6.10 5.05 -41.64
CA GLY B 187 5.10 4.17 -42.22
C GLY B 187 4.84 2.93 -41.40
N ASP B 188 5.54 2.82 -40.27
CA ASP B 188 5.37 1.70 -39.35
C ASP B 188 4.12 1.88 -38.50
N TYR B 189 3.94 3.11 -38.01
CA TYR B 189 2.81 3.45 -37.17
C TYR B 189 1.55 3.75 -37.98
N GLU B 190 1.65 3.70 -39.30
CA GLU B 190 0.51 3.98 -40.17
C GLU B 190 -0.49 2.84 -40.22
N VAL B 191 -1.76 3.16 -39.97
CA VAL B 191 -2.83 2.20 -40.18
C VAL B 191 -3.88 2.75 -41.14
N ASN B 192 -4.43 1.85 -41.96
CA ASN B 192 -5.36 2.21 -43.03
C ASN B 192 -6.65 1.42 -43.06
N GLY B 193 -7.77 2.14 -43.12
CA GLY B 193 -9.07 1.56 -43.44
C GLY B 193 -9.77 0.84 -42.32
N VAL B 194 -9.58 1.29 -41.08
CA VAL B 194 -10.26 0.69 -39.93
C VAL B 194 -11.15 1.72 -39.20
N ASP B 195 -11.03 2.99 -39.62
CA ASP B 195 -11.91 4.09 -39.21
C ASP B 195 -11.85 4.45 -37.73
N GLY B 196 -11.35 5.65 -37.45
CA GLY B 196 -11.15 6.11 -36.07
C GLY B 196 -9.96 5.40 -35.45
N TYR B 197 -9.84 4.11 -35.75
CA TYR B 197 -8.65 3.35 -35.43
C TYR B 197 -7.64 3.49 -36.56
N ASP B 198 -7.72 4.60 -37.30
CA ASP B 198 -6.73 4.92 -38.33
C ASP B 198 -5.64 5.82 -37.74
N TYR B 199 -4.51 5.88 -38.46
CA TYR B 199 -3.36 6.69 -38.04
C TYR B 199 -2.48 7.02 -39.24
N SER B 200 -2.19 8.31 -39.41
CA SER B 200 -1.40 8.79 -40.56
C SER B 200 0.03 9.16 -40.20
N ARG B 201 0.96 8.86 -41.09
CA ARG B 201 2.39 9.13 -40.89
C ARG B 201 2.66 10.56 -40.40
N GLY B 202 1.72 11.46 -40.66
CA GLY B 202 1.82 12.83 -40.17
C GLY B 202 1.51 12.91 -38.68
N GLN B 203 0.34 12.38 -38.31
CA GLN B 203 -0.16 12.42 -36.94
C GLN B 203 0.89 12.02 -35.89
N LEU B 204 1.88 11.23 -36.30
CA LEU B 204 3.00 10.87 -35.44
C LEU B 204 3.90 12.06 -35.12
N ILE B 205 4.33 12.81 -36.13
CA ILE B 205 5.15 14.00 -35.90
C ILE B 205 4.35 15.01 -35.10
N GLU B 206 3.08 15.15 -35.44
CA GLU B 206 2.14 15.96 -34.69
C GLU B 206 2.12 15.51 -33.22
N ASP B 207 2.15 14.20 -32.98
CA ASP B 207 2.00 13.64 -31.62
C ASP B 207 3.28 13.61 -30.79
N VAL B 208 4.40 13.32 -31.44
CA VAL B 208 5.70 13.31 -30.78
C VAL B 208 5.97 14.68 -30.18
N GLU B 209 5.84 15.72 -31.00
CA GLU B 209 6.03 17.08 -30.56
C GLU B 209 5.03 17.49 -29.48
N HIS B 210 3.75 17.30 -29.76
CA HIS B 210 2.68 17.60 -28.80
C HIS B 210 3.04 17.02 -27.46
N THR B 211 3.41 15.74 -27.49
CA THR B 211 3.65 14.96 -26.31
C THR B 211 4.98 15.35 -25.68
N PHE B 212 5.97 15.64 -26.52
CA PHE B 212 7.28 16.10 -26.08
C PHE B 212 7.18 17.35 -25.19
N GLU B 213 6.48 18.37 -25.66
CA GLU B 213 6.31 19.60 -24.89
C GLU B 213 6.15 19.33 -23.40
N GLU B 214 5.13 18.55 -23.06
CA GLU B 214 4.80 18.28 -21.66
C GLU B 214 5.97 17.64 -20.88
N ILE B 215 6.92 17.04 -21.61
CA ILE B 215 8.12 16.49 -20.97
C ILE B 215 9.17 17.57 -20.73
N LYS B 216 9.03 18.70 -21.40
CA LYS B 216 10.04 19.76 -21.27
C LYS B 216 10.27 20.21 -19.82
N PRO B 217 9.20 20.62 -19.08
CA PRO B 217 9.44 21.13 -17.73
C PRO B 217 10.18 20.13 -16.87
N LEU B 218 9.72 18.88 -16.87
CA LEU B 218 10.40 17.86 -16.10
C LEU B 218 11.86 17.82 -16.48
N TYR B 219 12.15 17.58 -17.77
CA TYR B 219 13.53 17.44 -18.21
C TYR B 219 14.37 18.60 -17.71
N GLU B 220 13.81 19.81 -17.85
CA GLU B 220 14.49 21.04 -17.51
C GLU B 220 15.04 21.06 -16.07
N HIS B 221 14.26 20.55 -15.13
CA HIS B 221 14.71 20.43 -13.75
C HIS B 221 15.71 19.29 -13.50
N LEU B 222 15.58 18.18 -14.22
CA LEU B 222 16.62 17.14 -14.23
C LEU B 222 17.92 17.79 -14.67
N HIS B 223 17.84 18.53 -15.76
CA HIS B 223 18.97 19.19 -16.32
C HIS B 223 19.58 20.19 -15.31
N ALA B 224 18.76 21.12 -14.82
CA ALA B 224 19.22 22.06 -13.81
C ALA B 224 19.92 21.36 -12.65
N TYR B 225 19.40 20.20 -12.26
CA TYR B 225 19.91 19.45 -11.10
C TYR B 225 21.22 18.76 -11.40
N VAL B 226 21.26 17.92 -12.43
CA VAL B 226 22.53 17.29 -12.79
C VAL B 226 23.58 18.36 -13.13
N ARG B 227 23.18 19.45 -13.79
CA ARG B 227 24.12 20.52 -14.10
C ARG B 227 24.83 20.93 -12.81
N ALA B 228 24.04 21.26 -11.79
CA ALA B 228 24.56 21.64 -10.48
C ALA B 228 25.43 20.55 -9.88
N LYS B 229 24.97 19.31 -9.87
CA LYS B 229 25.76 18.23 -9.30
C LYS B 229 27.05 18.00 -10.07
N LEU B 230 26.99 18.19 -11.39
CA LEU B 230 28.15 17.98 -12.25
C LEU B 230 29.19 19.06 -12.10
N MET B 231 28.75 20.32 -12.03
CA MET B 231 29.65 21.44 -11.78
C MET B 231 30.57 21.13 -10.60
N ASN B 232 29.97 20.81 -9.45
CA ASN B 232 30.70 20.30 -8.28
C ASN B 232 31.70 19.20 -8.65
N ALA B 233 31.29 18.27 -9.52
CA ALA B 233 32.13 17.14 -9.89
C ALA B 233 33.25 17.51 -10.87
N TYR B 234 32.96 18.43 -11.79
CA TYR B 234 33.95 18.89 -12.76
C TYR B 234 34.22 20.38 -12.60
N PRO B 235 34.92 20.78 -11.51
CA PRO B 235 34.93 22.18 -11.13
C PRO B 235 35.52 23.05 -12.23
N SER B 236 35.00 24.28 -12.35
CA SER B 236 35.43 25.27 -13.34
C SER B 236 35.09 24.95 -14.81
N TYR B 237 34.50 23.78 -15.06
CA TYR B 237 34.24 23.37 -16.44
C TYR B 237 32.85 23.70 -17.00
N ILE B 238 31.84 23.84 -16.13
CA ILE B 238 30.46 23.97 -16.62
C ILE B 238 29.80 25.26 -16.17
N SER B 239 29.38 26.08 -17.14
CA SER B 239 28.65 27.31 -16.82
C SER B 239 27.30 26.98 -16.21
N PRO B 240 26.87 27.76 -15.23
CA PRO B 240 25.60 27.54 -14.54
C PRO B 240 24.38 27.95 -15.37
N ILE B 241 24.62 28.44 -16.58
CA ILE B 241 23.54 28.83 -17.49
C ILE B 241 23.79 28.22 -18.87
N GLY B 242 24.94 27.58 -19.02
CA GLY B 242 25.33 26.96 -20.29
C GLY B 242 24.85 25.53 -20.37
N CYS B 243 25.01 24.94 -21.54
CA CYS B 243 24.64 23.54 -21.75
C CYS B 243 25.66 22.60 -21.12
N LEU B 244 25.50 21.31 -21.35
CA LEU B 244 26.39 20.32 -20.76
C LEU B 244 27.33 19.75 -21.82
N PRO B 245 28.65 19.93 -21.64
CA PRO B 245 29.62 19.33 -22.53
C PRO B 245 29.29 17.85 -22.81
N ALA B 246 29.09 17.54 -24.08
CA ALA B 246 28.56 16.26 -24.50
C ALA B 246 29.38 15.06 -24.04
N HIS B 247 30.60 15.35 -23.60
CA HIS B 247 31.54 14.32 -23.16
C HIS B 247 31.45 13.97 -21.67
N LEU B 248 30.62 14.70 -20.91
CA LEU B 248 30.57 14.50 -19.47
C LEU B 248 29.35 13.72 -19.02
N LEU B 249 28.56 13.26 -19.99
CA LEU B 249 27.19 12.76 -19.74
C LEU B 249 26.99 11.27 -19.41
N GLY B 250 28.07 10.49 -19.29
CA GLY B 250 27.92 9.11 -18.81
C GLY B 250 28.26 7.97 -19.78
N ASP B 251 27.63 7.94 -20.93
CA ASP B 251 28.06 7.01 -21.96
C ASP B 251 28.75 7.80 -23.06
N MET B 252 28.91 7.17 -24.23
CA MET B 252 29.62 7.80 -25.32
C MET B 252 28.88 8.99 -25.93
N TRP B 253 27.56 8.89 -26.04
CA TRP B 253 26.77 9.83 -26.84
C TRP B 253 25.93 10.73 -25.97
N GLY B 254 25.90 10.41 -24.68
CA GLY B 254 24.98 11.05 -23.75
C GLY B 254 23.62 10.38 -23.82
N ARG B 255 23.54 9.30 -24.60
CA ARG B 255 22.26 8.65 -24.93
C ARG B 255 21.42 8.34 -23.70
N PHE B 256 22.06 7.70 -22.70
CA PHE B 256 21.47 7.60 -21.37
C PHE B 256 22.33 8.39 -20.41
N TRP B 257 21.72 8.99 -19.39
CA TRP B 257 22.55 9.58 -18.34
C TRP B 257 22.82 8.59 -17.22
N THR B 258 22.76 7.30 -17.52
CA THR B 258 22.66 6.33 -16.45
C THR B 258 23.87 6.27 -15.51
N ASN B 259 25.08 6.30 -16.07
CA ASN B 259 26.29 6.20 -15.26
C ASN B 259 26.54 7.45 -14.39
N LEU B 260 25.75 8.51 -14.63
CA LEU B 260 25.82 9.75 -13.86
C LEU B 260 25.24 9.62 -12.46
N TYR B 261 24.84 8.42 -12.07
CA TYR B 261 24.18 8.25 -10.78
C TYR B 261 25.10 8.56 -9.60
N SER B 262 26.28 7.95 -9.59
CA SER B 262 27.24 8.02 -8.48
C SER B 262 27.48 9.45 -7.98
N LEU B 263 27.45 10.41 -8.90
CA LEU B 263 27.73 11.78 -8.54
C LEU B 263 26.48 12.69 -8.42
N THR B 264 25.33 12.21 -8.90
CA THR B 264 24.08 12.97 -8.80
C THR B 264 23.08 12.39 -7.80
N VAL B 265 23.44 11.29 -7.14
CA VAL B 265 22.57 10.71 -6.12
C VAL B 265 22.12 11.76 -5.10
N PRO B 266 20.79 11.93 -4.94
CA PRO B 266 20.17 12.89 -4.03
C PRO B 266 20.58 12.70 -2.57
N PHE B 267 20.47 11.47 -2.09
CA PHE B 267 20.80 11.12 -0.72
C PHE B 267 21.86 10.02 -0.69
N GLY B 268 23.09 10.42 -0.98
CA GLY B 268 24.21 9.48 -1.15
C GLY B 268 24.63 8.77 0.12
N GLN B 269 23.78 8.85 1.15
CA GLN B 269 24.12 8.33 2.47
C GLN B 269 23.27 7.12 2.87
N LYS B 270 22.42 6.70 1.96
CA LYS B 270 21.49 5.62 2.23
C LYS B 270 21.89 4.35 1.47
N PRO B 271 21.37 3.19 1.89
CA PRO B 271 21.71 1.92 1.25
C PRO B 271 21.45 1.92 -0.25
N ASN B 272 22.53 1.99 -1.02
CA ASN B 272 22.47 1.95 -2.46
C ASN B 272 21.34 1.06 -2.92
N ILE B 273 20.36 1.65 -3.63
CA ILE B 273 19.26 0.88 -4.21
C ILE B 273 19.76 0.04 -5.37
N ASP B 274 20.97 0.33 -5.82
CA ASP B 274 21.66 -0.57 -6.72
C ASP B 274 22.17 -1.77 -5.92
N VAL B 275 21.59 -2.94 -6.20
CA VAL B 275 21.82 -4.16 -5.41
C VAL B 275 22.95 -5.04 -5.96
N THR B 276 23.69 -4.51 -6.93
CA THR B 276 24.82 -5.21 -7.52
C THR B 276 25.72 -5.87 -6.50
N ASP B 277 25.93 -5.22 -5.37
CA ASP B 277 26.75 -5.77 -4.30
C ASP B 277 26.04 -6.95 -3.62
N ALA B 278 24.76 -6.78 -3.35
CA ALA B 278 23.97 -7.80 -2.63
C ALA B 278 23.96 -9.06 -3.46
N MET B 279 23.91 -8.88 -4.77
CA MET B 279 23.89 -9.97 -5.72
C MET B 279 25.20 -10.74 -5.62
N VAL B 280 26.31 -10.01 -5.59
CA VAL B 280 27.64 -10.63 -5.45
C VAL B 280 27.78 -11.39 -4.13
N ASP B 281 27.45 -10.70 -3.05
CA ASP B 281 27.58 -11.24 -1.73
C ASP B 281 26.76 -12.51 -1.54
N GLN B 282 25.71 -12.67 -2.34
CA GLN B 282 24.83 -13.81 -2.22
C GLN B 282 25.15 -14.86 -3.25
N ALA B 283 26.34 -14.74 -3.85
CA ALA B 283 26.83 -15.69 -4.86
C ALA B 283 25.79 -16.03 -5.92
N TRP B 284 25.08 -15.00 -6.38
CA TRP B 284 24.11 -15.14 -7.45
C TRP B 284 24.83 -15.30 -8.78
N ASP B 285 24.60 -16.41 -9.47
CA ASP B 285 25.10 -16.59 -10.83
C ASP B 285 24.04 -16.33 -11.90
N ALA B 286 24.46 -16.35 -13.17
CA ALA B 286 23.54 -16.07 -14.29
C ALA B 286 22.27 -16.94 -14.27
N GLN B 287 22.46 -18.25 -14.10
CA GLN B 287 21.34 -19.17 -13.81
C GLN B 287 20.33 -18.56 -12.84
N ARG B 288 20.79 -17.99 -11.73
CA ARG B 288 19.89 -17.39 -10.77
C ARG B 288 19.12 -16.25 -11.38
N ILE B 289 19.84 -15.29 -11.97
CA ILE B 289 19.21 -14.12 -12.55
C ILE B 289 18.07 -14.57 -13.45
N PHE B 290 18.41 -15.47 -14.38
CA PHE B 290 17.45 -15.93 -15.33
C PHE B 290 16.29 -16.66 -14.73
N LYS B 291 16.58 -17.72 -13.98
CA LYS B 291 15.58 -18.50 -13.27
C LYS B 291 14.64 -17.57 -12.48
N GLU B 292 15.23 -16.64 -11.73
CA GLU B 292 14.48 -15.60 -11.03
C GLU B 292 13.52 -14.82 -11.93
N ALA B 293 13.98 -14.38 -13.10
CA ALA B 293 13.15 -13.66 -14.08
C ALA B 293 12.03 -14.53 -14.65
N GLU B 294 12.38 -15.75 -15.05
CA GLU B 294 11.41 -16.76 -15.39
C GLU B 294 10.33 -16.84 -14.30
N LYS B 295 10.72 -16.87 -13.02
CA LYS B 295 9.70 -16.94 -11.98
C LYS B 295 8.76 -15.75 -12.06
N PHE B 296 9.34 -14.57 -12.34
CA PHE B 296 8.56 -13.34 -12.33
C PHE B 296 7.34 -13.54 -13.21
N PHE B 297 7.56 -14.00 -14.44
CA PHE B 297 6.47 -14.17 -15.39
C PHE B 297 5.52 -15.28 -14.98
N VAL B 298 6.01 -16.27 -14.26
CA VAL B 298 5.12 -17.35 -13.88
C VAL B 298 4.19 -16.91 -12.73
N SER B 299 4.75 -16.11 -11.82
CA SER B 299 3.99 -15.42 -10.81
C SER B 299 2.78 -14.69 -11.38
N VAL B 300 2.89 -14.20 -12.62
CA VAL B 300 1.75 -13.48 -13.25
C VAL B 300 0.95 -14.31 -14.22
N GLY B 301 1.41 -15.53 -14.52
CA GLY B 301 0.58 -16.52 -15.18
C GLY B 301 1.01 -16.89 -16.57
N LEU B 302 2.15 -16.36 -17.00
CA LEU B 302 2.70 -16.82 -18.26
C LEU B 302 3.47 -18.10 -17.99
N PRO B 303 3.71 -18.90 -19.02
CA PRO B 303 4.32 -20.21 -18.80
C PRO B 303 5.79 -20.06 -18.44
N ASN B 304 6.44 -21.14 -18.02
CA ASN B 304 7.90 -21.16 -17.90
C ASN B 304 8.52 -20.95 -19.26
N MET B 305 9.84 -20.82 -19.30
CA MET B 305 10.56 -20.87 -20.58
C MET B 305 10.51 -22.31 -21.06
N THR B 306 10.72 -22.50 -22.36
CA THR B 306 10.80 -23.82 -22.97
C THR B 306 12.06 -24.55 -22.53
N GLN B 307 11.99 -25.87 -22.49
CA GLN B 307 13.18 -26.68 -22.34
C GLN B 307 14.23 -26.14 -23.33
N GLY B 308 13.81 -25.98 -24.59
CA GLY B 308 14.65 -25.40 -25.64
C GLY B 308 15.40 -24.13 -25.28
N PHE B 309 14.75 -23.28 -24.48
CA PHE B 309 15.36 -22.05 -23.97
C PHE B 309 16.57 -22.35 -23.11
N TRP B 310 16.35 -23.14 -22.05
CA TRP B 310 17.42 -23.45 -21.11
C TRP B 310 18.53 -24.31 -21.70
N GLU B 311 18.22 -24.98 -22.80
CA GLU B 311 19.09 -25.97 -23.40
C GLU B 311 19.95 -25.34 -24.50
N ASN B 312 19.42 -24.30 -25.15
CA ASN B 312 20.09 -23.68 -26.29
C ASN B 312 20.63 -22.30 -26.00
N SER B 313 19.97 -21.57 -25.09
CA SER B 313 20.35 -20.19 -24.77
C SER B 313 21.80 -20.09 -24.35
N MET B 314 22.36 -18.91 -24.49
CA MET B 314 23.69 -18.65 -23.97
C MET B 314 23.62 -17.50 -22.99
N LEU B 315 23.78 -17.81 -21.71
CA LEU B 315 23.57 -16.83 -20.64
C LEU B 315 24.85 -16.21 -20.10
N THR B 316 26.01 -16.72 -20.53
CA THR B 316 27.32 -16.20 -20.13
C THR B 316 28.29 -16.20 -21.30
N ASP B 317 29.22 -15.25 -21.28
CA ASP B 317 30.32 -15.24 -22.22
C ASP B 317 31.07 -16.58 -22.17
N PRO B 318 31.24 -17.24 -23.33
CA PRO B 318 31.75 -18.62 -23.37
C PRO B 318 33.19 -18.73 -22.91
N GLY B 319 33.77 -17.60 -22.50
CA GLY B 319 35.19 -17.49 -22.17
C GLY B 319 36.00 -17.08 -23.39
N ASN B 320 37.23 -17.59 -23.48
CA ASN B 320 38.01 -17.48 -24.71
C ASN B 320 37.78 -18.74 -25.57
N VAL B 321 38.58 -18.89 -26.63
CA VAL B 321 38.39 -19.98 -27.60
C VAL B 321 37.08 -19.80 -28.38
N GLN B 322 36.14 -19.11 -27.77
CA GLN B 322 34.86 -18.80 -28.37
C GLN B 322 34.51 -17.34 -28.13
N LYS B 323 34.79 -16.51 -29.14
CA LYS B 323 34.42 -15.09 -29.12
C LYS B 323 33.06 -14.87 -29.81
N ALA B 324 32.25 -13.99 -29.22
CA ALA B 324 30.85 -13.84 -29.60
C ALA B 324 30.35 -12.45 -29.27
N VAL B 325 29.46 -11.92 -30.11
CA VAL B 325 28.86 -10.61 -29.89
C VAL B 325 27.95 -10.65 -28.66
N CYS B 326 28.19 -9.74 -27.73
CA CYS B 326 27.50 -9.75 -26.45
C CYS B 326 26.20 -8.94 -26.38
N HIS B 327 25.99 -8.06 -27.36
CA HIS B 327 24.75 -7.27 -27.45
C HIS B 327 23.58 -8.15 -27.01
N PRO B 328 22.96 -7.80 -25.86
CA PRO B 328 21.86 -8.59 -25.31
C PRO B 328 20.67 -8.66 -26.26
N THR B 329 20.45 -9.84 -26.85
CA THR B 329 19.43 -9.98 -27.88
C THR B 329 18.50 -11.15 -27.58
N ALA B 330 17.24 -11.00 -27.97
CA ALA B 330 16.21 -12.00 -27.68
C ALA B 330 15.77 -12.69 -28.97
N TRP B 331 16.03 -13.99 -29.06
CA TRP B 331 15.91 -14.71 -30.31
C TRP B 331 14.68 -15.57 -30.44
N ASP B 332 13.84 -15.24 -31.42
CA ASP B 332 12.76 -16.13 -31.83
C ASP B 332 13.06 -16.67 -33.24
N LEU B 333 13.63 -17.88 -33.29
CA LEU B 333 14.11 -18.46 -34.54
C LEU B 333 12.98 -19.11 -35.31
N GLY B 334 11.84 -19.25 -34.67
CA GLY B 334 10.71 -19.90 -35.30
C GLY B 334 10.62 -21.35 -34.89
N LYS B 335 9.61 -22.05 -35.43
CA LYS B 335 9.37 -23.44 -35.06
C LYS B 335 9.41 -23.63 -33.53
N GLY B 336 8.88 -22.64 -32.81
CA GLY B 336 8.82 -22.69 -31.37
C GLY B 336 10.18 -22.70 -30.69
N ASP B 337 11.20 -22.29 -31.44
CA ASP B 337 12.56 -22.28 -30.93
C ASP B 337 12.94 -20.90 -30.39
N PHE B 338 13.08 -20.80 -29.07
CA PHE B 338 13.42 -19.52 -28.44
C PHE B 338 14.68 -19.52 -27.57
N ARG B 339 15.30 -18.36 -27.45
CA ARG B 339 16.66 -18.25 -27.00
C ARG B 339 16.89 -16.81 -26.60
N ILE B 340 17.95 -16.59 -25.83
CA ILE B 340 18.47 -15.25 -25.53
C ILE B 340 19.99 -15.37 -25.63
N LEU B 341 20.60 -14.36 -26.24
CA LEU B 341 22.04 -14.27 -26.29
C LEU B 341 22.45 -13.11 -25.39
N MET B 342 23.07 -13.44 -24.26
CA MET B 342 23.49 -12.42 -23.30
C MET B 342 24.76 -12.79 -22.56
N CYS B 343 25.76 -11.92 -22.59
CA CYS B 343 26.96 -12.10 -21.78
C CYS B 343 26.69 -11.50 -20.44
N THR B 344 26.05 -12.29 -19.57
CA THR B 344 25.46 -11.80 -18.33
C THR B 344 26.53 -11.63 -17.27
N LYS B 345 26.75 -10.40 -16.88
CA LYS B 345 27.58 -10.12 -15.71
C LYS B 345 26.64 -9.95 -14.52
N VAL B 346 27.05 -10.45 -13.35
CA VAL B 346 26.27 -10.32 -12.12
C VAL B 346 26.17 -8.85 -11.71
N THR B 347 25.17 -8.14 -12.23
CA THR B 347 24.92 -6.72 -11.91
C THR B 347 23.45 -6.48 -11.87
N MET B 348 23.01 -5.40 -11.24
CA MET B 348 21.59 -5.08 -11.26
C MET B 348 21.13 -4.76 -12.67
N ASP B 349 22.00 -4.12 -13.46
CA ASP B 349 21.64 -3.77 -14.83
C ASP B 349 21.34 -5.04 -15.63
N ASP B 350 22.11 -6.11 -15.40
CA ASP B 350 21.90 -7.34 -16.14
C ASP B 350 20.69 -8.09 -15.64
N PHE B 351 20.36 -7.89 -14.37
CA PHE B 351 19.18 -8.48 -13.76
C PHE B 351 18.03 -7.85 -14.48
N LEU B 352 17.98 -6.51 -14.43
CA LEU B 352 17.06 -5.74 -15.23
C LEU B 352 17.14 -5.99 -16.75
N THR B 353 18.32 -6.21 -17.33
CA THR B 353 18.30 -6.64 -18.75
C THR B 353 17.64 -8.02 -18.93
N ALA B 354 17.98 -8.96 -18.04
CA ALA B 354 17.35 -10.28 -18.05
C ALA B 354 15.84 -10.17 -18.13
N HIS B 355 15.23 -9.36 -17.28
CA HIS B 355 13.78 -9.26 -17.29
C HIS B 355 13.25 -8.70 -18.61
N HIS B 356 13.97 -7.71 -19.14
CA HIS B 356 13.65 -7.09 -20.42
C HIS B 356 13.72 -8.07 -21.59
N GLU B 357 14.78 -8.83 -21.68
CA GLU B 357 14.87 -9.80 -22.74
C GLU B 357 13.77 -10.86 -22.62
N MET B 358 13.53 -11.32 -21.40
CA MET B 358 12.58 -12.41 -21.23
C MET B 358 11.20 -11.87 -21.60
N GLY B 359 10.94 -10.61 -21.26
CA GLY B 359 9.79 -9.90 -21.79
C GLY B 359 9.62 -10.13 -23.30
N HIS B 360 10.63 -9.79 -24.11
CA HIS B 360 10.51 -10.06 -25.56
C HIS B 360 10.07 -11.50 -25.82
N ILE B 361 10.85 -12.46 -25.31
CA ILE B 361 10.61 -13.88 -25.54
C ILE B 361 9.16 -14.22 -25.25
N GLN B 362 8.62 -13.64 -24.19
CA GLN B 362 7.27 -13.89 -23.81
C GLN B 362 6.27 -13.40 -24.90
N TYR B 363 6.45 -12.18 -25.36
CA TYR B 363 5.70 -11.60 -26.49
C TYR B 363 5.90 -12.46 -27.74
N ASP B 364 7.15 -12.84 -28.01
CA ASP B 364 7.44 -13.79 -29.05
C ASP B 364 6.56 -15.05 -28.90
N MET B 365 6.54 -15.62 -27.70
CA MET B 365 5.81 -16.86 -27.43
C MET B 365 4.31 -16.74 -27.61
N ALA B 366 3.72 -15.65 -27.12
CA ALA B 366 2.26 -15.48 -27.16
C ALA B 366 1.76 -15.34 -28.59
N TYR B 367 2.47 -14.58 -29.43
CA TYR B 367 2.01 -14.39 -30.79
C TYR B 367 2.56 -15.42 -31.78
N ALA B 368 3.04 -16.54 -31.28
CA ALA B 368 3.50 -17.62 -32.16
C ALA B 368 2.38 -18.34 -32.89
N ALA B 369 1.14 -18.16 -32.44
CA ALA B 369 -0.02 -18.80 -33.04
C ALA B 369 -0.52 -18.06 -34.27
N GLN B 370 -0.04 -16.85 -34.49
CA GLN B 370 -0.43 -16.10 -35.68
C GLN B 370 0.35 -16.62 -36.88
N PRO B 371 -0.12 -16.30 -38.12
CA PRO B 371 0.63 -16.66 -39.32
C PRO B 371 1.98 -15.99 -39.33
N PHE B 372 2.96 -16.64 -39.94
CA PHE B 372 4.35 -16.20 -39.93
C PHE B 372 4.52 -14.69 -39.98
N LEU B 373 3.96 -14.07 -41.03
CA LEU B 373 4.11 -12.64 -41.26
C LEU B 373 3.37 -11.73 -40.28
N LEU B 374 2.52 -12.32 -39.45
CA LEU B 374 1.79 -11.55 -38.45
C LEU B 374 2.39 -11.67 -37.06
N ARG B 375 3.49 -12.40 -36.96
CA ARG B 375 4.15 -12.65 -35.69
C ARG B 375 5.16 -11.56 -35.43
N ASN B 376 4.76 -10.60 -34.60
CA ASN B 376 5.56 -9.42 -34.31
C ASN B 376 4.78 -8.47 -33.42
N GLY B 377 5.48 -7.55 -32.79
CA GLY B 377 4.82 -6.49 -32.03
C GLY B 377 3.96 -5.61 -32.92
N ALA B 378 2.85 -5.14 -32.35
CA ALA B 378 1.95 -4.21 -33.02
C ALA B 378 2.70 -3.21 -33.91
N ASN B 379 3.54 -2.39 -33.28
CA ASN B 379 4.42 -1.48 -34.01
C ASN B 379 5.87 -1.71 -33.60
N GLU B 380 6.80 -1.08 -34.32
CA GLU B 380 8.23 -1.15 -34.03
C GLU B 380 8.59 -0.74 -32.61
N GLY B 381 7.58 -0.31 -31.86
CA GLY B 381 7.77 0.20 -30.52
C GLY B 381 7.09 -0.56 -29.40
N PHE B 382 6.15 -1.45 -29.73
CA PHE B 382 5.46 -2.21 -28.68
C PHE B 382 6.39 -3.20 -28.00
N HIS B 383 7.25 -3.84 -28.79
CA HIS B 383 8.07 -4.91 -28.27
C HIS B 383 9.00 -4.34 -27.20
N GLU B 384 9.66 -3.22 -27.53
CA GLU B 384 10.59 -2.60 -26.58
C GLU B 384 9.87 -2.03 -25.39
N ALA B 385 8.60 -1.66 -25.58
CA ALA B 385 7.75 -1.23 -24.44
C ALA B 385 7.41 -2.36 -23.42
N VAL B 386 7.27 -3.57 -23.92
CA VAL B 386 6.87 -4.70 -23.09
C VAL B 386 8.07 -5.17 -22.30
N GLY B 387 9.17 -5.43 -22.99
CA GLY B 387 10.45 -5.62 -22.32
C GLY B 387 10.66 -4.67 -21.16
N GLU B 388 10.27 -3.41 -21.31
CA GLU B 388 10.51 -2.43 -20.26
C GLU B 388 9.64 -2.64 -19.03
N ILE B 389 8.32 -2.57 -19.21
CA ILE B 389 7.33 -2.85 -18.15
C ILE B 389 7.81 -3.90 -17.13
N MET B 390 8.52 -4.90 -17.62
CA MET B 390 8.95 -5.97 -16.75
C MET B 390 10.02 -5.49 -15.78
N SER B 391 11.12 -4.96 -16.31
CA SER B 391 12.14 -4.40 -15.45
C SER B 391 11.49 -3.35 -14.57
N LEU B 392 10.43 -2.74 -15.09
CA LEU B 392 9.82 -1.64 -14.39
C LEU B 392 9.25 -2.13 -13.07
N SER B 393 8.61 -3.29 -13.08
CA SER B 393 8.19 -3.94 -11.84
C SER B 393 9.40 -4.49 -11.10
N ALA B 394 10.24 -5.26 -11.80
CA ALA B 394 11.45 -5.88 -11.23
C ALA B 394 12.35 -4.96 -10.37
N ALA B 395 12.35 -3.65 -10.61
CA ALA B 395 13.29 -2.74 -9.89
C ALA B 395 12.75 -2.12 -8.60
N THR B 396 11.46 -2.25 -8.36
CA THR B 396 10.87 -1.72 -7.14
C THR B 396 11.48 -2.38 -5.92
N PRO B 397 11.72 -1.59 -4.86
CA PRO B 397 12.21 -2.17 -3.60
C PRO B 397 11.22 -3.21 -3.05
N LYS B 398 9.93 -3.02 -3.31
CA LYS B 398 8.91 -4.00 -3.01
C LYS B 398 9.34 -5.39 -3.52
N HIS B 399 9.75 -5.43 -4.79
CA HIS B 399 10.19 -6.65 -5.45
C HIS B 399 11.54 -7.18 -4.93
N LEU B 400 12.55 -6.32 -4.93
CA LEU B 400 13.87 -6.68 -4.48
C LEU B 400 13.79 -7.34 -3.11
N LYS B 401 12.96 -6.75 -2.25
CA LYS B 401 12.76 -7.17 -0.88
C LYS B 401 12.39 -8.64 -0.84
N SER B 402 11.53 -9.03 -1.79
CA SER B 402 10.85 -10.30 -1.78
C SER B 402 11.63 -11.33 -2.57
N ILE B 403 12.76 -10.91 -3.11
CA ILE B 403 13.68 -11.77 -3.83
C ILE B 403 14.91 -12.07 -2.95
N GLY B 404 15.00 -11.39 -1.81
CA GLY B 404 16.04 -11.70 -0.82
C GLY B 404 17.39 -11.07 -1.07
N LEU B 405 17.49 -10.32 -2.17
CA LEU B 405 18.41 -9.19 -2.28
C LEU B 405 17.59 -8.21 -1.50
N LEU B 406 18.20 -7.22 -0.87
CA LEU B 406 17.41 -6.30 -0.02
C LEU B 406 16.67 -6.99 1.17
N SER B 407 17.16 -6.70 2.38
CA SER B 407 16.63 -7.24 3.64
C SER B 407 15.12 -7.16 3.76
N PRO B 408 14.49 -8.21 4.33
CA PRO B 408 13.08 -8.32 4.70
C PRO B 408 12.55 -7.16 5.50
N ASP B 409 13.33 -6.65 6.45
CA ASP B 409 12.93 -5.47 7.22
C ASP B 409 13.56 -4.21 6.64
N PHE B 410 13.07 -3.82 5.46
CA PHE B 410 13.62 -2.67 4.76
C PHE B 410 12.60 -1.54 4.71
N GLN B 411 12.94 -0.42 5.36
CA GLN B 411 12.13 0.81 5.40
C GLN B 411 11.88 1.38 4.00
N GLU B 412 10.80 2.13 3.83
CA GLU B 412 10.55 2.77 2.54
C GLU B 412 10.66 4.29 2.57
N ASP B 413 11.12 4.83 3.70
CA ASP B 413 11.24 6.29 3.91
C ASP B 413 11.47 7.07 2.62
N ASN B 414 10.63 8.09 2.41
CA ASN B 414 10.61 8.88 1.17
C ASN B 414 11.97 9.37 0.67
N GLU B 415 12.97 9.33 1.55
CA GLU B 415 14.35 9.59 1.16
C GLU B 415 14.78 8.57 0.11
N THR B 416 14.58 7.29 0.41
CA THR B 416 14.94 6.18 -0.48
C THR B 416 14.09 6.22 -1.76
N GLU B 417 12.82 6.55 -1.59
CA GLU B 417 11.88 6.76 -2.66
C GLU B 417 12.45 7.70 -3.76
N ILE B 418 12.99 8.85 -3.36
CA ILE B 418 13.59 9.83 -4.29
C ILE B 418 14.85 9.38 -5.03
N ASN B 419 15.66 8.52 -4.40
CA ASN B 419 16.87 7.97 -5.04
C ASN B 419 16.50 7.05 -6.15
N PHE B 420 15.46 6.26 -5.91
CA PHE B 420 14.92 5.33 -6.87
C PHE B 420 14.44 6.13 -8.07
N LEU B 421 13.58 7.12 -7.82
CA LEU B 421 13.11 7.99 -8.89
C LEU B 421 14.26 8.59 -9.68
N LEU B 422 15.13 9.33 -9.02
CA LEU B 422 16.21 10.01 -9.71
C LEU B 422 17.01 9.08 -10.60
N LYS B 423 17.31 7.88 -10.11
CA LYS B 423 18.02 6.90 -10.92
C LYS B 423 17.21 6.63 -12.16
N GLN B 424 15.94 6.29 -11.97
CA GLN B 424 15.05 6.03 -13.10
C GLN B 424 15.09 7.21 -14.10
N ALA B 425 14.72 8.40 -13.62
CA ALA B 425 14.79 9.64 -14.39
C ALA B 425 16.04 9.77 -15.29
N LEU B 426 17.24 9.56 -14.72
CA LEU B 426 18.48 9.65 -15.47
C LEU B 426 18.41 8.87 -16.79
N THR B 427 17.80 7.68 -16.74
CA THR B 427 17.74 6.78 -17.88
C THR B 427 16.50 7.05 -18.72
N ILE B 428 15.33 6.90 -18.10
CA ILE B 428 14.08 7.03 -18.83
C ILE B 428 13.87 8.44 -19.38
N VAL B 429 13.93 9.46 -18.52
CA VAL B 429 13.75 10.86 -18.96
C VAL B 429 15.01 11.38 -19.66
N GLY B 430 16.18 10.97 -19.16
CA GLY B 430 17.44 11.30 -19.81
C GLY B 430 17.40 11.12 -21.32
N THR B 431 16.96 9.95 -21.76
CA THR B 431 17.04 9.66 -23.18
C THR B 431 16.07 10.44 -24.06
N LEU B 432 14.94 10.87 -23.50
CA LEU B 432 13.87 11.43 -24.33
C LEU B 432 14.32 12.53 -25.29
N PRO B 433 14.93 13.62 -24.77
CA PRO B 433 15.32 14.68 -25.68
C PRO B 433 16.36 14.21 -26.67
N PHE B 434 17.32 13.42 -26.20
CA PHE B 434 18.32 12.80 -27.08
C PHE B 434 17.63 12.17 -28.27
N THR B 435 16.83 11.15 -27.99
CA THR B 435 16.07 10.40 -28.99
C THR B 435 15.30 11.30 -29.95
N TYR B 436 14.53 12.23 -29.40
CA TYR B 436 13.72 13.13 -30.22
C TYR B 436 14.59 13.96 -31.16
N MET B 437 15.53 14.70 -30.58
CA MET B 437 16.46 15.53 -31.34
C MET B 437 17.23 14.71 -32.38
N LEU B 438 17.59 13.48 -32.03
CA LEU B 438 18.30 12.62 -32.97
C LEU B 438 17.43 12.30 -34.18
N GLU B 439 16.29 11.65 -33.96
CA GLU B 439 15.39 11.32 -35.07
C GLU B 439 14.84 12.54 -35.77
N LYS B 440 14.84 13.69 -35.09
CA LYS B 440 14.38 14.94 -35.69
C LYS B 440 15.39 15.39 -36.72
N TRP B 441 16.66 15.26 -36.37
CA TRP B 441 17.75 15.59 -37.28
C TRP B 441 17.60 14.80 -38.57
N ARG B 442 17.57 13.48 -38.45
CA ARG B 442 17.49 12.57 -39.60
C ARG B 442 16.28 12.84 -40.48
N TRP B 443 15.09 12.92 -39.87
CA TRP B 443 13.84 13.15 -40.61
C TRP B 443 13.93 14.39 -41.48
N MET B 444 14.39 15.48 -40.87
CA MET B 444 14.62 16.71 -41.59
C MET B 444 15.61 16.49 -42.72
N VAL B 445 16.67 15.72 -42.45
CA VAL B 445 17.73 15.47 -43.43
C VAL B 445 17.20 14.81 -44.71
N PHE B 446 16.43 13.73 -44.56
CA PHE B 446 15.83 13.04 -45.70
C PHE B 446 14.84 13.96 -46.41
N LYS B 447 14.10 14.73 -45.62
CA LYS B 447 13.13 15.68 -46.13
C LYS B 447 13.83 16.79 -46.94
N GLY B 448 15.15 16.82 -46.84
CA GLY B 448 15.99 17.74 -47.60
C GLY B 448 15.98 19.17 -47.08
N GLU B 449 15.65 19.32 -45.80
CA GLU B 449 15.57 20.65 -45.16
C GLU B 449 16.93 21.16 -44.67
N ILE B 450 17.87 20.23 -44.49
CA ILE B 450 19.23 20.56 -44.07
C ILE B 450 20.21 20.34 -45.23
N PRO B 451 20.75 21.45 -45.78
CA PRO B 451 21.75 21.41 -46.84
C PRO B 451 23.03 20.74 -46.34
N LYS B 452 23.68 20.00 -47.22
CA LYS B 452 24.82 19.14 -46.88
C LYS B 452 26.02 19.87 -46.26
N ASP B 453 26.07 21.19 -46.40
CA ASP B 453 27.19 22.01 -45.91
C ASP B 453 26.93 22.67 -44.54
N GLN B 454 25.78 22.35 -43.94
CA GLN B 454 25.45 22.84 -42.61
C GLN B 454 24.93 21.69 -41.73
N TRP B 455 25.13 20.47 -42.23
CA TRP B 455 24.69 19.25 -41.56
C TRP B 455 25.09 19.22 -40.10
N MET B 456 26.39 19.17 -39.85
CA MET B 456 26.91 19.14 -38.49
C MET B 456 26.74 20.49 -37.79
N LYS B 457 26.55 21.55 -38.58
CA LYS B 457 26.33 22.89 -38.03
C LYS B 457 24.92 23.00 -37.44
N LYS B 458 23.97 22.29 -38.03
CA LYS B 458 22.59 22.35 -37.57
C LYS B 458 22.34 21.36 -36.44
N TRP B 459 22.99 20.19 -36.54
CA TRP B 459 22.90 19.12 -35.54
C TRP B 459 23.20 19.66 -34.15
N TRP B 460 24.26 20.46 -34.05
CA TRP B 460 24.70 20.97 -32.76
C TRP B 460 23.85 22.09 -32.22
N GLU B 461 23.32 22.92 -33.12
CA GLU B 461 22.29 23.89 -32.75
C GLU B 461 21.17 23.20 -31.97
N MET B 462 20.64 22.14 -32.57
CA MET B 462 19.54 21.36 -32.00
C MET B 462 19.93 20.67 -30.70
N LYS B 463 21.20 20.30 -30.57
CA LYS B 463 21.72 19.72 -29.34
C LYS B 463 21.68 20.72 -28.20
N ARG B 464 22.15 21.93 -28.48
CA ARG B 464 22.12 23.03 -27.53
C ARG B 464 20.68 23.35 -27.22
N GLU B 465 19.88 23.50 -28.27
CA GLU B 465 18.49 23.92 -28.18
C GLU B 465 17.60 22.97 -27.36
N ILE B 466 17.47 21.74 -27.84
CA ILE B 466 16.48 20.79 -27.36
C ILE B 466 17.00 19.94 -26.22
N VAL B 467 18.25 19.53 -26.32
CA VAL B 467 18.82 18.61 -25.35
C VAL B 467 19.55 19.33 -24.24
N GLY B 468 20.01 20.56 -24.50
CA GLY B 468 20.74 21.38 -23.53
C GLY B 468 22.15 20.88 -23.33
N VAL B 469 22.82 20.57 -24.44
CA VAL B 469 24.10 19.87 -24.47
C VAL B 469 25.01 20.47 -25.55
N VAL B 470 26.28 20.71 -25.22
CA VAL B 470 27.22 21.36 -26.15
C VAL B 470 28.44 20.54 -26.52
N GLU B 471 28.89 20.71 -27.76
CA GLU B 471 30.14 20.13 -28.24
C GLU B 471 31.32 20.75 -27.46
N PRO B 472 32.28 19.92 -27.01
CA PRO B 472 33.41 20.46 -26.27
C PRO B 472 34.41 21.17 -27.18
N VAL B 473 34.54 20.68 -28.42
CA VAL B 473 35.42 21.26 -29.45
C VAL B 473 34.63 21.52 -30.75
N PRO B 474 35.04 22.51 -31.57
CA PRO B 474 34.24 22.82 -32.75
C PRO B 474 34.41 21.77 -33.86
N HIS B 475 33.31 21.39 -34.48
CA HIS B 475 33.35 20.39 -35.54
C HIS B 475 33.03 20.98 -36.91
N ASP B 476 33.98 20.81 -37.83
CA ASP B 476 33.77 21.10 -39.24
C ASP B 476 32.93 19.98 -39.88
N GLU B 477 32.53 20.16 -41.13
CA GLU B 477 31.69 19.19 -41.82
C GLU B 477 32.39 17.86 -42.07
N THR B 478 33.66 17.77 -41.67
CA THR B 478 34.45 16.54 -41.84
C THR B 478 33.93 15.43 -40.94
N TYR B 479 33.50 15.82 -39.74
CA TYR B 479 32.95 14.90 -38.74
C TYR B 479 31.58 14.36 -39.13
N CYS B 480 31.17 13.29 -38.46
CA CYS B 480 29.83 12.75 -38.61
C CYS B 480 29.42 12.03 -37.33
N ASP B 481 29.12 12.84 -36.32
CA ASP B 481 28.84 12.33 -34.98
C ASP B 481 27.52 11.55 -34.86
N PRO B 482 26.48 11.94 -35.62
CA PRO B 482 25.29 11.10 -35.61
C PRO B 482 25.59 9.66 -36.05
N ALA B 483 26.44 9.50 -37.07
CA ALA B 483 26.84 8.19 -37.53
C ALA B 483 27.55 7.40 -36.43
N SER B 484 28.26 8.13 -35.59
CA SER B 484 29.00 7.52 -34.48
C SER B 484 28.11 6.72 -33.53
N LEU B 485 26.80 6.84 -33.67
CA LEU B 485 25.90 6.02 -32.88
C LEU B 485 25.57 4.75 -33.65
N PHE B 486 25.45 3.64 -32.91
CA PHE B 486 25.18 2.35 -33.50
C PHE B 486 24.01 2.34 -34.47
N HIS B 487 22.91 2.96 -34.06
CA HIS B 487 21.65 2.88 -34.78
C HIS B 487 21.67 3.66 -36.09
N VAL B 488 22.32 4.82 -36.07
CA VAL B 488 22.45 5.64 -37.28
C VAL B 488 23.38 4.92 -38.25
N SER B 489 24.43 4.29 -37.71
CA SER B 489 25.42 3.62 -38.54
C SER B 489 24.96 2.24 -39.05
N ASN B 490 24.14 1.57 -38.26
CA ASN B 490 23.69 0.25 -38.64
C ASN B 490 22.25 0.24 -39.15
N ASP B 491 21.80 1.42 -39.60
CA ASP B 491 20.47 1.60 -40.18
C ASP B 491 19.33 1.04 -39.33
N TYR B 492 18.97 1.75 -38.27
CA TYR B 492 17.81 1.39 -37.47
C TYR B 492 16.99 2.62 -37.17
N SER B 493 15.67 2.51 -37.34
CA SER B 493 14.75 3.52 -36.86
C SER B 493 15.15 3.89 -35.45
N PHE B 494 14.80 5.09 -35.00
CA PHE B 494 15.15 5.46 -33.64
C PHE B 494 14.00 5.97 -32.79
N ILE B 495 12.96 6.44 -33.43
CA ILE B 495 11.83 6.99 -32.71
C ILE B 495 11.14 5.92 -31.88
N ARG B 496 11.39 4.66 -32.22
CA ARG B 496 10.86 3.53 -31.47
C ARG B 496 11.12 3.67 -29.97
N TYR B 497 12.31 4.12 -29.59
CA TYR B 497 12.65 4.29 -28.17
C TYR B 497 11.88 5.42 -27.48
N TYR B 498 11.43 6.41 -28.25
CA TYR B 498 10.56 7.44 -27.72
C TYR B 498 9.17 6.88 -27.42
N THR B 499 8.49 6.48 -28.49
CA THR B 499 7.17 5.88 -28.45
C THR B 499 7.09 4.81 -27.37
N ARG B 500 8.05 3.88 -27.41
CA ARG B 500 8.22 2.86 -26.39
C ARG B 500 8.09 3.42 -24.95
N THR B 501 9.08 4.22 -24.55
CA THR B 501 9.05 4.99 -23.31
C THR B 501 7.69 5.59 -22.98
N LEU B 502 6.85 5.85 -23.98
CA LEU B 502 5.48 6.33 -23.67
C LEU B 502 4.45 5.23 -23.44
N TYR B 503 4.40 4.24 -24.33
CA TYR B 503 3.54 3.07 -24.10
C TYR B 503 3.93 2.46 -22.76
N GLN B 504 5.24 2.39 -22.52
CA GLN B 504 5.77 1.84 -21.30
C GLN B 504 4.81 2.19 -20.18
N PHE B 505 4.66 3.48 -19.91
CA PHE B 505 4.01 3.90 -18.68
C PHE B 505 2.51 3.81 -18.77
N GLN B 506 1.99 3.89 -19.99
CA GLN B 506 0.58 3.66 -20.21
C GLN B 506 0.22 2.27 -19.73
N PHE B 507 0.86 1.26 -20.32
CA PHE B 507 0.70 -0.11 -19.92
C PHE B 507 0.76 -0.30 -18.42
N GLN B 508 1.80 0.25 -17.80
CA GLN B 508 2.00 0.11 -16.35
C GLN B 508 0.79 0.60 -15.55
N GLU B 509 0.19 1.69 -16.00
CA GLU B 509 -0.97 2.21 -15.30
C GLU B 509 -2.04 1.14 -15.29
N ALA B 510 -2.36 0.63 -16.47
CA ALA B 510 -3.46 -0.34 -16.67
C ALA B 510 -3.19 -1.66 -15.97
N LEU B 511 -1.93 -2.06 -15.98
CA LEU B 511 -1.53 -3.29 -15.36
C LEU B 511 -1.62 -3.20 -13.83
N CYS B 512 -1.33 -2.02 -13.29
CA CYS B 512 -1.47 -1.79 -11.84
C CYS B 512 -2.92 -1.57 -11.38
N GLN B 513 -3.74 -0.96 -12.24
CA GLN B 513 -5.17 -0.86 -11.96
C GLN B 513 -5.75 -2.25 -11.86
N ALA B 514 -5.40 -3.08 -12.83
CA ALA B 514 -5.88 -4.44 -12.91
C ALA B 514 -5.31 -5.30 -11.78
N ALA B 515 -4.22 -4.83 -11.17
CA ALA B 515 -3.59 -5.55 -10.07
C ALA B 515 -4.04 -5.06 -8.70
N LYS B 516 -4.99 -4.11 -8.70
CA LYS B 516 -5.51 -3.49 -7.48
C LYS B 516 -4.44 -2.81 -6.61
N HIS B 517 -3.50 -2.13 -7.28
CA HIS B 517 -2.41 -1.42 -6.61
C HIS B 517 -2.98 -0.27 -5.80
N GLU B 518 -2.23 0.17 -4.78
CA GLU B 518 -2.71 1.25 -3.91
C GLU B 518 -1.97 2.55 -4.15
N GLY B 519 -0.67 2.58 -3.81
CA GLY B 519 0.12 3.82 -3.79
C GLY B 519 0.46 4.47 -5.12
N PRO B 520 1.51 5.34 -5.12
CA PRO B 520 2.02 5.96 -6.34
C PRO B 520 2.49 4.91 -7.34
N LEU B 521 2.09 5.07 -8.60
CA LEU B 521 2.51 4.18 -9.68
C LEU B 521 3.93 3.59 -9.50
N HIS B 522 4.90 4.44 -9.22
CA HIS B 522 6.30 4.02 -9.15
C HIS B 522 6.57 2.92 -8.12
N LYS B 523 5.69 2.75 -7.15
CA LYS B 523 5.85 1.67 -6.18
C LYS B 523 5.01 0.43 -6.48
N CYS B 524 4.59 0.31 -7.74
CA CYS B 524 3.78 -0.81 -8.17
C CYS B 524 4.59 -1.95 -8.73
N ASP B 525 4.39 -3.14 -8.17
CA ASP B 525 4.99 -4.39 -8.68
C ASP B 525 3.93 -5.41 -9.14
N ILE B 526 3.88 -5.68 -10.45
CA ILE B 526 2.82 -6.56 -10.97
C ILE B 526 2.96 -8.06 -10.63
N SER B 527 4.06 -8.49 -10.00
CA SER B 527 4.20 -9.91 -9.68
C SER B 527 3.08 -10.42 -8.80
N ASN B 528 2.69 -11.68 -9.02
CA ASN B 528 1.60 -12.34 -8.30
C ASN B 528 0.18 -11.96 -8.79
N SER B 529 0.08 -11.00 -9.70
CA SER B 529 -1.21 -10.66 -10.27
C SER B 529 -1.47 -11.39 -11.58
N THR B 530 -2.32 -12.41 -11.52
CA THR B 530 -2.73 -13.11 -12.73
C THR B 530 -3.64 -12.25 -13.61
N GLU B 531 -4.23 -11.20 -13.05
CA GLU B 531 -5.16 -10.32 -13.78
C GLU B 531 -4.44 -9.40 -14.76
N ALA B 532 -3.34 -8.79 -14.30
CA ALA B 532 -2.47 -8.01 -15.17
C ALA B 532 -1.86 -8.91 -16.24
N GLY B 533 -1.37 -10.06 -15.81
CA GLY B 533 -0.91 -11.08 -16.74
C GLY B 533 -1.92 -11.34 -17.86
N GLN B 534 -3.19 -11.50 -17.49
CA GLN B 534 -4.24 -11.75 -18.45
C GLN B 534 -4.45 -10.50 -19.32
N LYS B 535 -4.53 -9.33 -18.69
CA LYS B 535 -4.71 -8.10 -19.44
C LYS B 535 -3.62 -7.89 -20.50
N LEU B 536 -2.39 -8.28 -20.17
CA LEU B 536 -1.27 -8.08 -21.08
C LEU B 536 -1.29 -9.15 -22.16
N PHE B 537 -1.33 -10.41 -21.75
CA PHE B 537 -1.30 -11.52 -22.67
C PHE B 537 -2.31 -11.32 -23.78
N ASN B 538 -3.47 -10.75 -23.43
CA ASN B 538 -4.50 -10.54 -24.44
C ASN B 538 -4.06 -9.64 -25.60
N MET B 539 -3.24 -8.63 -25.34
CA MET B 539 -2.76 -7.83 -26.46
C MET B 539 -1.47 -8.41 -27.04
N LEU B 540 -0.88 -9.33 -26.30
CA LEU B 540 0.42 -9.89 -26.69
C LEU B 540 0.26 -10.96 -27.76
N ARG B 541 -0.81 -11.74 -27.65
CA ARG B 541 -1.09 -12.82 -28.60
C ARG B 541 -1.59 -12.27 -29.93
N LEU B 542 -2.12 -11.05 -29.91
CA LEU B 542 -2.65 -10.38 -31.10
C LEU B 542 -1.59 -10.14 -32.17
N GLY B 543 -0.33 -10.09 -31.76
CA GLY B 543 0.77 -9.85 -32.69
C GLY B 543 0.55 -8.62 -33.55
N LYS B 544 0.87 -8.74 -34.83
CA LYS B 544 0.62 -7.66 -35.78
C LYS B 544 -0.72 -7.87 -36.54
N SER B 545 -1.59 -8.71 -35.97
CA SER B 545 -2.89 -8.98 -36.53
C SER B 545 -3.82 -7.77 -36.50
N GLU B 546 -3.72 -6.97 -35.45
CA GLU B 546 -4.60 -5.82 -35.22
C GLU B 546 -3.83 -4.51 -35.31
N PRO B 547 -4.47 -3.45 -35.83
CA PRO B 547 -3.80 -2.16 -35.82
C PRO B 547 -3.33 -1.82 -34.42
N TRP B 548 -2.13 -1.25 -34.31
CA TRP B 548 -1.51 -0.97 -33.02
C TRP B 548 -2.33 -0.04 -32.14
N THR B 549 -3.16 0.79 -32.79
CA THR B 549 -4.09 1.70 -32.11
C THR B 549 -5.20 0.93 -31.37
N LEU B 550 -5.63 -0.18 -31.94
CA LEU B 550 -6.55 -1.10 -31.26
C LEU B 550 -5.81 -1.76 -30.11
N ALA B 551 -4.69 -2.41 -30.43
CA ALA B 551 -3.92 -3.17 -29.46
C ALA B 551 -3.69 -2.36 -28.19
N LEU B 552 -3.36 -1.08 -28.38
CA LEU B 552 -3.16 -0.14 -27.28
C LEU B 552 -4.44 0.01 -26.44
N GLU B 553 -5.58 0.19 -27.09
CA GLU B 553 -6.86 0.37 -26.38
C GLU B 553 -7.37 -0.84 -25.60
N ASN B 554 -6.98 -2.04 -26.00
CA ASN B 554 -7.40 -3.25 -25.28
C ASN B 554 -6.74 -3.39 -23.91
N VAL B 555 -5.62 -2.69 -23.74
CA VAL B 555 -4.88 -2.67 -22.49
C VAL B 555 -5.25 -1.43 -21.70
N VAL B 556 -5.05 -0.26 -22.32
CA VAL B 556 -5.09 1.00 -21.57
C VAL B 556 -6.36 1.83 -21.74
N GLY B 557 -7.20 1.46 -22.70
CA GLY B 557 -8.45 2.18 -22.95
C GLY B 557 -8.25 3.52 -23.62
N ALA B 558 -7.26 3.58 -24.51
CA ALA B 558 -6.90 4.80 -25.23
C ALA B 558 -6.45 4.44 -26.65
N LYS B 559 -6.83 5.28 -27.59
CA LYS B 559 -6.48 5.06 -28.99
C LYS B 559 -5.13 5.67 -29.33
N ASN B 560 -4.57 6.43 -28.39
CA ASN B 560 -3.34 7.14 -28.65
C ASN B 560 -2.30 7.07 -27.52
N MET B 561 -1.04 7.31 -27.87
CA MET B 561 0.00 7.41 -26.87
C MET B 561 -0.17 8.68 -26.05
N ASN B 562 -0.19 8.51 -24.75
CA ASN B 562 -0.48 9.58 -23.80
C ASN B 562 0.74 9.77 -22.94
N VAL B 563 0.99 10.99 -22.52
CA VAL B 563 2.17 11.30 -21.75
C VAL B 563 1.90 11.49 -20.25
N ARG B 564 0.64 11.58 -19.84
CA ARG B 564 0.37 11.76 -18.43
C ARG B 564 0.85 10.58 -17.56
N PRO B 565 0.74 9.32 -18.07
CA PRO B 565 1.28 8.21 -17.29
C PRO B 565 2.76 8.35 -16.90
N LEU B 566 3.58 8.96 -17.76
CA LEU B 566 5.00 9.08 -17.48
C LEU B 566 5.18 10.10 -16.40
N LEU B 567 4.52 11.24 -16.59
CA LEU B 567 4.52 12.30 -15.61
C LEU B 567 4.06 11.80 -14.23
N ASN B 568 2.94 11.10 -14.14
CA ASN B 568 2.48 10.66 -12.81
C ASN B 568 3.54 9.84 -12.09
N TYR B 569 4.29 9.05 -12.85
CA TYR B 569 5.28 8.15 -12.26
C TYR B 569 6.37 8.98 -11.67
N PHE B 570 6.61 10.14 -12.28
CA PHE B 570 7.73 10.99 -11.92
C PHE B 570 7.32 12.22 -11.12
N GLU B 571 6.01 12.44 -10.96
CA GLU B 571 5.53 13.50 -10.10
C GLU B 571 6.37 13.76 -8.87
N PRO B 572 6.53 12.76 -7.97
CA PRO B 572 7.15 13.15 -6.69
C PRO B 572 8.55 13.74 -6.87
N LEU B 573 9.26 13.26 -7.88
CA LEU B 573 10.58 13.77 -8.20
C LEU B 573 10.51 15.15 -8.82
N PHE B 574 9.50 15.39 -9.65
CA PHE B 574 9.32 16.71 -10.23
C PHE B 574 9.15 17.76 -9.14
N THR B 575 8.37 17.44 -8.12
CA THR B 575 8.15 18.39 -7.03
C THR B 575 9.43 18.61 -6.23
N TRP B 576 10.12 17.51 -5.90
CA TRP B 576 11.41 17.59 -5.21
C TRP B 576 12.44 18.41 -5.97
N LEU B 577 12.58 18.12 -7.27
CA LEU B 577 13.47 18.87 -8.15
C LEU B 577 13.24 20.38 -8.05
N LYS B 578 12.05 20.84 -8.39
CA LYS B 578 11.75 22.27 -8.38
C LYS B 578 12.30 22.92 -7.11
N ASP B 579 12.10 22.24 -5.98
CA ASP B 579 12.47 22.71 -4.67
C ASP B 579 13.99 22.66 -4.49
N GLN B 580 14.64 21.64 -5.05
CA GLN B 580 16.08 21.60 -5.12
C GLN B 580 16.70 22.67 -6.00
N ASN B 581 15.96 23.17 -6.99
CA ASN B 581 16.53 24.13 -7.92
C ASN B 581 16.17 25.60 -7.64
N LYS B 582 15.76 25.92 -6.42
CA LYS B 582 15.38 27.30 -6.13
C LYS B 582 16.57 28.24 -6.28
N ASN B 583 17.75 27.76 -5.87
CA ASN B 583 18.98 28.56 -5.92
C ASN B 583 19.82 28.26 -7.16
N SER B 584 19.19 27.68 -8.15
CA SER B 584 19.90 27.23 -9.32
C SER B 584 19.21 27.79 -10.55
N PHE B 585 19.96 27.90 -11.63
CA PHE B 585 19.39 28.37 -12.87
C PHE B 585 18.78 27.25 -13.71
N VAL B 586 17.50 27.39 -14.01
CA VAL B 586 16.76 26.34 -14.71
C VAL B 586 16.59 26.69 -16.19
N GLY B 587 17.30 25.95 -17.04
CA GLY B 587 17.34 26.24 -18.48
C GLY B 587 18.77 26.42 -18.93
N TRP B 588 18.95 26.80 -20.19
CA TRP B 588 20.30 26.95 -20.71
C TRP B 588 20.37 28.02 -21.77
N SER B 589 21.58 28.56 -21.93
CA SER B 589 21.90 29.41 -23.05
C SER B 589 22.50 28.51 -24.11
N THR B 590 22.12 28.76 -25.37
CA THR B 590 22.72 28.02 -26.49
C THR B 590 24.05 28.64 -26.88
N ASP B 591 24.37 29.79 -26.29
CA ASP B 591 25.57 30.51 -26.65
C ASP B 591 26.84 29.97 -26.01
N TRP B 592 26.83 29.76 -24.69
CA TRP B 592 28.01 29.31 -23.97
C TRP B 592 28.64 28.05 -24.57
N SER B 593 29.97 28.05 -24.71
CA SER B 593 30.72 26.94 -25.28
C SER B 593 32.02 26.70 -24.54
N PRO B 594 32.31 25.43 -24.20
CA PRO B 594 33.52 25.14 -23.43
C PRO B 594 34.78 25.60 -24.15
N TYR B 595 34.75 25.55 -25.47
CA TYR B 595 35.93 25.89 -26.29
C TYR B 595 35.98 27.35 -26.72
N ALA B 596 34.80 27.93 -26.97
CA ALA B 596 34.71 29.29 -27.50
C ALA B 596 34.84 30.35 -26.41
N ASP B 597 35.15 29.90 -25.19
CA ASP B 597 35.34 30.77 -24.04
C ASP B 597 36.83 31.04 -23.74
N CYS C 1 26.03 39.92 50.58
CA CYS C 1 26.18 39.48 52.00
C CYS C 1 24.83 39.10 52.62
N PRO C 2 23.84 40.02 52.58
CA PRO C 2 22.60 39.71 53.29
C PRO C 2 21.69 38.79 52.47
N PHE C 3 22.30 37.89 51.70
CA PHE C 3 21.57 36.96 50.86
C PHE C 3 20.81 35.91 51.67
N GLY C 4 21.44 35.44 52.75
CA GLY C 4 20.78 34.56 53.70
C GLY C 4 19.51 35.17 54.25
N GLU C 5 19.47 36.49 54.36
CA GLU C 5 18.25 37.19 54.76
C GLU C 5 17.19 37.15 53.66
N VAL C 6 17.63 37.05 52.40
CA VAL C 6 16.73 37.16 51.25
C VAL C 6 16.11 35.84 50.82
N PHE C 7 16.92 34.97 50.21
CA PHE C 7 16.45 33.66 49.77
C PHE C 7 17.04 32.55 50.62
N ASN C 8 16.71 32.65 51.89
CA ASN C 8 17.00 31.66 52.90
C ASN C 8 15.94 32.00 53.94
N ALA C 9 15.10 32.98 53.58
CA ALA C 9 14.07 33.53 54.46
C ALA C 9 12.94 32.54 54.73
N THR C 10 12.48 32.50 55.98
CA THR C 10 11.36 31.64 56.37
C THR C 10 10.06 31.97 55.63
N LYS C 11 9.79 33.27 55.49
CA LYS C 11 8.54 33.75 54.95
C LYS C 11 8.70 34.41 53.58
N PHE C 12 8.00 33.87 52.59
CA PHE C 12 7.98 34.45 51.24
C PHE C 12 6.60 35.02 50.92
N PRO C 13 6.55 36.16 50.22
CA PRO C 13 5.28 36.83 49.92
C PRO C 13 4.50 36.21 48.78
N SER C 14 3.26 36.68 48.57
CA SER C 14 2.50 36.36 47.35
C SER C 14 3.09 37.08 46.12
N VAL C 15 2.81 36.63 44.91
CA VAL C 15 3.36 37.36 43.76
C VAL C 15 2.86 38.80 43.70
N TYR C 16 1.55 38.96 43.80
CA TYR C 16 0.96 40.26 43.56
C TYR C 16 1.55 41.29 44.54
N ALA C 17 1.80 40.86 45.78
CA ALA C 17 2.39 41.71 46.80
C ALA C 17 3.87 41.44 47.00
N TRP C 18 4.61 41.36 45.91
CA TRP C 18 6.03 41.01 45.99
C TRP C 18 6.90 41.98 46.79
N GLU C 19 8.02 41.49 47.30
CA GLU C 19 8.93 42.31 48.11
C GLU C 19 10.21 42.68 47.38
N ARG C 20 10.71 43.87 47.67
CA ARG C 20 11.93 44.39 47.07
C ARG C 20 12.86 44.76 48.20
N LYS C 21 14.06 44.18 48.21
CA LYS C 21 15.05 44.48 49.23
C LYS C 21 16.19 45.27 48.64
N LYS C 22 16.49 46.42 49.28
CA LYS C 22 17.55 47.34 48.83
C LYS C 22 18.94 46.95 49.34
N ILE C 23 19.80 46.53 48.42
CA ILE C 23 21.18 46.16 48.75
C ILE C 23 22.20 47.07 48.07
N SER C 24 22.98 47.78 48.89
CA SER C 24 24.04 48.66 48.40
C SER C 24 25.32 48.48 49.22
N ASN C 25 26.46 48.68 48.56
CA ASN C 25 27.80 48.65 49.19
C ASN C 25 28.31 47.27 49.58
N CYS C 26 27.50 46.52 50.31
CA CYS C 26 27.80 45.15 50.76
C CYS C 26 28.62 44.34 49.75
N VAL C 27 29.67 43.67 50.25
CA VAL C 27 30.56 42.87 49.40
C VAL C 27 30.06 41.44 49.22
N ALA C 28 29.76 41.08 47.98
CA ALA C 28 29.32 39.73 47.64
C ALA C 28 30.31 39.02 46.72
N ASP C 29 30.20 37.70 46.63
CA ASP C 29 31.10 36.89 45.80
C ASP C 29 30.32 36.00 44.83
N TYR C 30 29.02 35.88 45.08
CA TYR C 30 28.07 35.08 44.28
C TYR C 30 28.19 33.56 44.46
N SER C 31 29.38 33.07 44.79
CA SER C 31 29.62 31.64 44.98
C SER C 31 28.63 30.99 45.95
N VAL C 32 27.96 31.82 46.75
CA VAL C 32 26.92 31.39 47.70
C VAL C 32 25.78 30.63 46.99
N LEU C 33 25.66 30.83 45.68
CA LEU C 33 24.60 30.23 44.88
C LEU C 33 25.14 29.60 43.58
N TYR C 34 26.25 30.14 43.09
CA TYR C 34 26.83 29.76 41.80
C TYR C 34 26.96 28.25 41.65
N ASN C 35 27.58 27.63 42.66
CA ASN C 35 27.82 26.19 42.67
C ASN C 35 26.77 25.48 43.53
N SER C 36 25.61 25.19 42.93
CA SER C 36 24.55 24.47 43.64
C SER C 36 23.48 23.93 42.70
N THR C 37 23.25 22.62 42.76
CA THR C 37 22.05 22.03 42.13
C THR C 37 20.96 21.99 43.20
N PHE C 38 20.74 23.15 43.80
CA PHE C 38 19.67 23.40 44.74
C PHE C 38 18.59 24.16 43.98
N PHE C 39 19.00 24.77 42.87
CA PHE C 39 18.13 25.61 42.09
C PHE C 39 17.61 24.88 40.85
N SER C 40 16.50 25.37 40.31
CA SER C 40 15.84 24.71 39.21
C SER C 40 15.78 25.57 37.94
N THR C 41 15.95 26.88 38.07
CA THR C 41 15.98 27.76 36.90
C THR C 41 17.36 28.41 36.67
N PHE C 42 17.68 29.43 37.45
CA PHE C 42 18.97 30.15 37.35
C PHE C 42 19.31 30.52 35.91
N LYS C 43 18.45 31.33 35.30
CA LYS C 43 18.70 31.82 33.94
C LYS C 43 18.84 33.34 33.97
N CYS C 44 20.00 33.82 33.54
CA CYS C 44 20.31 35.24 33.58
C CYS C 44 20.00 35.96 32.28
N TYR C 45 19.76 37.27 32.39
CA TYR C 45 19.40 38.09 31.25
C TYR C 45 20.31 39.32 31.19
N GLY C 46 21.62 39.10 31.27
CA GLY C 46 22.59 40.18 31.27
C GLY C 46 24.03 39.74 31.18
N VAL C 47 24.44 38.88 32.12
CA VAL C 47 25.82 38.36 32.20
C VAL C 47 25.88 37.09 33.06
N SER C 48 27.10 36.60 33.31
CA SER C 48 27.36 35.54 34.30
C SER C 48 28.87 35.36 34.52
N ALA C 49 29.50 36.44 34.99
CA ALA C 49 30.89 36.41 35.42
C ALA C 49 30.91 36.76 36.91
N THR C 50 32.09 37.13 37.42
CA THR C 50 32.25 37.50 38.83
C THR C 50 33.26 38.63 39.01
N LYS C 51 32.73 39.81 39.35
CA LYS C 51 33.57 40.96 39.70
C LYS C 51 33.19 41.46 41.10
N LEU C 52 34.04 41.14 42.08
CA LEU C 52 33.79 41.42 43.50
C LEU C 52 33.22 42.82 43.74
N ASN C 53 32.07 42.86 44.41
CA ASN C 53 31.33 44.12 44.64
C ASN C 53 30.64 44.11 46.00
N VAL C 60 21.75 47.23 43.94
CA VAL C 60 21.32 45.89 43.55
C VAL C 60 20.02 45.50 44.24
N TYR C 61 19.06 45.01 43.46
CA TYR C 61 17.71 44.80 43.97
C TYR C 61 17.31 43.34 43.95
N ALA C 62 16.68 42.89 45.03
CA ALA C 62 16.23 41.51 45.17
C ALA C 62 14.72 41.40 45.40
N ASP C 63 14.03 40.81 44.44
CA ASP C 63 12.58 40.65 44.50
C ASP C 63 12.22 39.21 44.83
N SER C 64 11.40 39.03 45.85
CA SER C 64 11.02 37.71 46.33
C SER C 64 9.53 37.47 46.20
N PHE C 65 9.16 36.25 45.81
CA PHE C 65 7.77 35.80 45.77
C PHE C 65 7.66 34.35 45.34
N VAL C 66 6.46 33.81 45.48
CA VAL C 66 6.20 32.40 45.21
C VAL C 66 5.22 32.29 44.07
N VAL C 67 5.52 31.40 43.12
CA VAL C 67 4.57 31.04 42.07
C VAL C 67 4.53 29.52 41.77
N LYS C 68 3.45 29.12 41.10
CA LYS C 68 3.25 27.80 40.53
C LYS C 68 4.37 27.43 39.58
N GLY C 69 4.73 26.14 39.56
CA GLY C 69 5.66 25.60 38.57
C GLY C 69 5.48 26.23 37.19
N ASP C 70 4.33 26.01 36.57
CA ASP C 70 4.07 26.49 35.20
C ASP C 70 4.11 28.01 35.06
N ASP C 71 4.29 28.70 36.18
CA ASP C 71 4.26 30.15 36.14
C ASP C 71 5.65 30.77 36.07
N VAL C 72 6.69 29.98 36.35
CA VAL C 72 8.07 30.49 36.30
C VAL C 72 8.45 31.05 34.91
N ARG C 73 8.09 30.33 33.85
CA ARG C 73 8.26 30.82 32.47
C ARG C 73 8.06 32.34 32.35
N GLN C 74 7.16 32.88 33.15
CA GLN C 74 6.69 34.25 32.97
C GLN C 74 7.61 35.31 33.57
N ILE C 75 8.63 34.89 34.31
CA ILE C 75 9.56 35.87 34.85
C ILE C 75 10.77 35.97 33.91
N ALA C 76 10.54 36.75 32.85
CA ALA C 76 11.49 37.00 31.76
C ALA C 76 10.97 38.16 30.88
N PRO C 77 11.88 38.90 30.22
CA PRO C 77 11.44 39.88 29.23
C PRO C 77 10.48 39.29 28.19
N GLY C 78 9.55 40.11 27.69
CA GLY C 78 8.45 39.64 26.84
C GLY C 78 7.39 39.01 27.72
N GLN C 79 7.12 37.73 27.47
CA GLN C 79 6.31 36.88 28.38
C GLN C 79 4.79 37.10 28.51
N THR C 80 4.10 35.96 28.57
CA THR C 80 2.67 35.81 28.28
C THR C 80 1.72 36.64 29.17
N GLY C 81 1.16 36.06 30.23
CA GLY C 81 0.03 36.69 30.92
C GLY C 81 -0.09 36.63 32.43
N VAL C 82 -1.34 36.65 32.91
CA VAL C 82 -1.72 36.66 34.33
C VAL C 82 -0.63 37.07 35.31
N ILE C 83 0.37 36.22 35.50
CA ILE C 83 1.44 36.50 36.43
C ILE C 83 2.32 37.61 35.93
N ALA C 84 2.66 37.55 34.65
CA ALA C 84 3.45 38.60 34.00
C ALA C 84 2.58 39.84 33.71
N ASP C 85 1.29 39.63 33.52
CA ASP C 85 0.39 40.72 33.14
C ASP C 85 -0.14 41.54 34.32
N TYR C 86 -0.35 40.91 35.47
CA TYR C 86 -1.00 41.57 36.58
C TYR C 86 -0.24 41.55 37.91
N ASN C 87 0.84 40.78 38.00
CA ASN C 87 1.52 40.59 39.28
C ASN C 87 3.00 41.01 39.28
N TYR C 88 3.75 40.54 38.28
CA TYR C 88 5.17 40.83 38.20
C TYR C 88 5.73 40.97 36.76
N LYS C 89 5.82 42.20 36.26
CA LYS C 89 6.31 42.43 34.91
C LYS C 89 7.78 42.84 34.91
N LEU C 90 8.55 42.18 34.04
CA LEU C 90 10.00 42.41 33.89
C LEU C 90 10.25 43.12 32.54
N PRO C 91 11.08 44.19 32.56
CA PRO C 91 11.17 45.06 31.36
C PRO C 91 11.75 44.33 30.16
N ASP C 92 11.31 44.74 28.97
CA ASP C 92 11.76 44.12 27.72
C ASP C 92 13.27 44.14 27.62
N ASP C 93 13.86 45.26 28.05
CA ASP C 93 15.29 45.47 27.93
C ASP C 93 15.97 45.14 29.26
N PHE C 94 16.64 46.17 29.80
CA PHE C 94 17.17 46.23 31.17
C PHE C 94 16.95 44.96 31.98
N MET C 95 18.04 44.32 32.42
CA MET C 95 17.92 43.09 33.21
C MET C 95 19.13 42.62 34.04
N GLY C 96 18.88 41.57 34.82
CA GLY C 96 19.86 40.90 35.66
C GLY C 96 19.71 39.38 35.65
N CYS C 97 19.18 38.79 36.72
CA CYS C 97 19.07 37.33 36.85
C CYS C 97 17.84 36.84 37.63
N VAL C 98 17.42 35.62 37.33
CA VAL C 98 16.19 35.02 37.84
C VAL C 98 16.49 33.62 38.34
N LEU C 99 16.13 33.35 39.58
CA LEU C 99 16.38 32.06 40.20
C LEU C 99 15.12 31.48 40.81
N ALA C 100 14.99 30.15 40.72
CA ALA C 100 13.84 29.47 41.28
C ALA C 100 14.17 28.09 41.85
N TRP C 101 13.37 27.65 42.81
CA TRP C 101 13.56 26.38 43.51
C TRP C 101 12.21 25.82 43.96
N ASN C 102 12.03 24.51 43.86
CA ASN C 102 10.76 23.90 44.25
C ASN C 102 10.62 23.86 45.74
N THR C 103 9.51 24.37 46.28
CA THR C 103 9.32 24.43 47.74
C THR C 103 8.12 23.65 48.25
N ARG C 104 7.82 22.56 47.58
CA ARG C 104 6.72 21.69 47.96
C ARG C 104 6.82 21.38 49.45
N ASN C 105 8.05 21.16 49.90
CA ASN C 105 8.31 20.70 51.25
C ASN C 105 7.82 21.66 52.32
N ILE C 106 7.92 22.95 52.01
CA ILE C 106 7.55 24.02 52.94
C ILE C 106 6.18 24.60 52.61
N ASP C 107 5.98 24.96 51.35
CA ASP C 107 4.83 25.74 50.97
C ASP C 107 3.60 24.94 50.54
N ALA C 108 3.66 23.62 50.71
CA ALA C 108 2.48 22.80 50.46
C ALA C 108 2.15 21.96 51.68
N THR C 109 0.87 21.94 52.04
CA THR C 109 0.35 20.93 52.95
C THR C 109 -0.33 19.92 52.07
N SER C 110 -0.12 18.64 52.36
CA SER C 110 -0.90 17.60 51.72
C SER C 110 -2.36 18.05 51.61
N THR C 111 -2.79 18.81 52.61
CA THR C 111 -4.19 19.15 52.77
C THR C 111 -4.63 20.41 52.01
N GLY C 112 -3.66 21.26 51.65
CA GLY C 112 -3.97 22.48 50.92
C GLY C 112 -3.49 23.73 51.63
N ASN C 113 -2.70 24.53 50.91
CA ASN C 113 -2.15 25.75 51.46
C ASN C 113 -2.57 26.91 50.56
N TYR C 114 -3.56 27.66 51.02
CA TYR C 114 -4.17 28.70 50.20
C TYR C 114 -3.69 30.05 50.64
N ASN C 115 -2.54 30.09 51.32
CA ASN C 115 -1.98 31.35 51.80
C ASN C 115 -1.73 32.23 50.62
N TYR C 116 -0.95 31.69 49.68
CA TYR C 116 -0.42 32.44 48.53
C TYR C 116 -1.51 32.80 47.54
N LYS C 117 -1.50 34.06 47.13
CA LYS C 117 -2.46 34.55 46.14
C LYS C 117 -1.74 35.06 44.91
N TYR C 118 -2.52 35.45 43.90
CA TYR C 118 -2.02 36.13 42.69
C TYR C 118 -3.20 36.79 41.96
N ARG C 119 -2.92 37.78 41.12
CA ARG C 119 -3.97 38.54 40.45
C ARG C 119 -4.33 37.95 39.11
N TYR C 120 -5.62 37.86 38.82
CA TYR C 120 -6.05 37.38 37.52
C TYR C 120 -6.91 38.38 36.74
N LEU C 121 -7.20 39.53 37.35
CA LEU C 121 -8.05 40.53 36.72
C LEU C 121 -7.62 41.97 36.99
N ARG C 122 -7.46 42.76 35.93
CA ARG C 122 -7.08 44.15 36.05
C ARG C 122 -7.43 44.91 34.79
N HIS C 123 -8.08 46.06 34.96
CA HIS C 123 -8.26 47.02 33.87
C HIS C 123 -6.89 47.61 33.60
N GLY C 124 -6.14 46.94 32.71
CA GLY C 124 -4.82 47.41 32.27
C GLY C 124 -3.67 46.56 32.75
N LYS C 125 -2.74 46.27 31.85
CA LYS C 125 -1.50 45.55 32.16
C LYS C 125 -0.54 46.45 32.96
N LEU C 126 0.34 45.82 33.73
CA LEU C 126 1.30 46.53 34.56
C LEU C 126 2.46 47.10 33.76
N ARG C 127 2.98 48.24 34.20
CA ARG C 127 4.28 48.70 33.72
C ARG C 127 5.32 47.87 34.46
N PRO C 128 6.54 47.68 33.89
CA PRO C 128 7.52 46.85 34.61
C PRO C 128 7.80 47.34 36.03
N PHE C 129 8.18 46.41 36.92
CA PHE C 129 8.52 46.73 38.31
C PHE C 129 7.44 47.47 39.10
N GLU C 130 6.24 47.55 38.52
CA GLU C 130 5.09 48.15 39.19
C GLU C 130 4.44 47.12 40.12
N ARG C 131 3.64 47.59 41.08
CA ARG C 131 3.04 46.74 42.11
C ARG C 131 1.59 47.13 42.34
N ASP C 132 0.73 46.12 42.47
CA ASP C 132 -0.67 46.39 42.75
C ASP C 132 -1.12 45.54 43.94
N ILE C 133 -1.49 46.24 45.01
CA ILE C 133 -1.85 45.67 46.30
C ILE C 133 -3.33 45.96 46.54
N SER C 134 -4.01 46.41 45.48
CA SER C 134 -5.40 46.81 45.61
C SER C 134 -6.35 45.65 45.45
N ASN C 135 -7.24 45.53 46.42
CA ASN C 135 -8.23 44.48 46.49
C ASN C 135 -9.65 44.98 46.26
N VAL C 136 -9.92 45.49 45.06
CA VAL C 136 -11.26 46.02 44.75
C VAL C 136 -12.05 45.08 43.84
N PRO C 137 -13.31 44.77 44.22
CA PRO C 137 -14.16 43.92 43.39
C PRO C 137 -14.28 44.51 41.98
N PHE C 138 -13.99 43.66 40.99
CA PHE C 138 -13.75 44.05 39.59
C PHE C 138 -14.99 43.87 38.74
N SER C 139 -15.25 44.82 37.83
CA SER C 139 -16.35 44.71 36.90
C SER C 139 -15.84 45.13 35.54
N PRO C 140 -16.00 44.25 34.54
CA PRO C 140 -15.32 44.40 33.23
C PRO C 140 -15.70 45.67 32.48
N ASP C 141 -16.71 46.37 33.01
CA ASP C 141 -17.16 47.65 32.46
C ASP C 141 -16.80 48.82 33.38
N GLY C 142 -15.74 48.66 34.17
CA GLY C 142 -15.21 49.71 35.05
C GLY C 142 -16.17 50.21 36.12
N LYS C 143 -17.29 49.52 36.30
CA LYS C 143 -18.34 49.90 37.24
C LYS C 143 -17.95 49.69 38.72
N PRO C 144 -18.73 50.28 39.65
CA PRO C 144 -18.68 49.84 41.05
C PRO C 144 -19.32 48.46 41.17
N CYS C 145 -18.99 47.74 42.23
CA CYS C 145 -19.26 46.32 42.27
C CYS C 145 -19.68 45.87 43.65
N THR C 146 -20.84 45.24 43.75
CA THR C 146 -21.30 44.74 45.03
C THR C 146 -21.63 43.24 44.96
N PRO C 147 -20.60 42.38 45.06
CA PRO C 147 -20.79 40.93 44.98
C PRO C 147 -21.75 40.41 46.06
N PRO C 148 -22.26 39.18 45.89
CA PRO C 148 -21.94 38.24 44.81
C PRO C 148 -22.71 38.50 43.50
N ALA C 149 -23.14 39.74 43.31
CA ALA C 149 -23.78 40.18 42.06
C ALA C 149 -23.06 39.63 40.83
N LEU C 150 -23.83 39.30 39.80
CA LEU C 150 -23.31 38.77 38.55
C LEU C 150 -22.35 39.78 37.96
N ASN C 151 -21.29 39.30 37.32
CA ASN C 151 -20.24 40.15 36.72
C ASN C 151 -19.35 40.94 37.70
N CYS C 152 -19.48 40.65 38.99
CA CYS C 152 -18.53 41.08 40.02
C CYS C 152 -17.56 39.96 40.32
N TYR C 153 -16.28 40.31 40.39
CA TYR C 153 -15.25 39.34 40.72
C TYR C 153 -14.21 39.97 41.63
N TRP C 154 -13.75 39.22 42.62
CA TRP C 154 -12.55 39.58 43.38
C TRP C 154 -11.36 39.21 42.52
N PRO C 155 -10.45 40.16 42.27
CA PRO C 155 -9.36 39.98 41.32
C PRO C 155 -8.20 39.10 41.81
N LEU C 156 -8.23 38.70 43.08
CA LEU C 156 -7.18 37.89 43.67
C LEU C 156 -7.59 36.42 43.74
N ASN C 157 -6.72 35.52 43.28
CA ASN C 157 -6.98 34.08 43.38
C ASN C 157 -5.98 33.34 44.25
N ASP C 158 -6.48 32.53 45.17
CA ASP C 158 -5.66 31.65 46.01
C ASP C 158 -5.06 30.53 45.16
N TYR C 159 -3.74 30.36 45.23
CA TYR C 159 -3.06 29.36 44.41
C TYR C 159 -3.45 27.93 44.81
N GLY C 160 -3.50 27.65 46.11
CA GLY C 160 -3.84 26.29 46.57
C GLY C 160 -2.77 25.25 46.25
N PHE C 161 -1.80 25.11 47.15
CA PHE C 161 -0.66 24.21 46.96
C PHE C 161 -0.79 22.90 47.74
N TYR C 162 -1.23 21.87 47.03
CA TYR C 162 -1.26 20.53 47.60
C TYR C 162 0.04 19.84 47.26
N THR C 163 0.50 19.03 48.19
CA THR C 163 1.76 18.33 48.06
C THR C 163 1.75 17.38 46.85
N THR C 164 0.57 16.94 46.44
CA THR C 164 0.43 15.81 45.52
C THR C 164 0.27 16.17 44.05
N THR C 165 -0.07 17.42 43.77
CA THR C 165 -0.27 17.91 42.40
C THR C 165 0.91 17.64 41.47
N GLY C 166 0.69 17.84 40.17
CA GLY C 166 1.78 17.83 39.18
C GLY C 166 2.83 18.88 39.52
N ILE C 167 4.07 18.66 39.06
CA ILE C 167 5.20 19.55 39.35
C ILE C 167 4.89 20.96 38.90
N GLY C 168 4.22 21.09 37.76
CA GLY C 168 3.79 22.38 37.26
C GLY C 168 2.83 23.11 38.17
N TYR C 169 2.35 22.43 39.20
CA TYR C 169 1.33 22.98 40.11
C TYR C 169 1.77 23.08 41.56
N GLN C 170 3.02 22.67 41.78
CA GLN C 170 3.69 22.76 43.07
C GLN C 170 4.33 24.13 43.23
N PRO C 171 4.64 24.55 44.48
CA PRO C 171 5.07 25.92 44.69
C PRO C 171 6.55 26.10 44.43
N TYR C 172 6.89 27.23 43.81
CA TYR C 172 8.28 27.60 43.59
C TYR C 172 8.56 28.98 44.13
N ARG C 173 9.59 29.12 44.97
CA ARG C 173 10.03 30.44 45.38
C ARG C 173 10.88 31.03 44.27
N VAL C 174 10.74 32.34 44.06
CA VAL C 174 11.44 33.07 43.00
C VAL C 174 12.15 34.30 43.54
N VAL C 175 13.37 34.53 43.06
CA VAL C 175 14.17 35.69 43.49
C VAL C 175 14.79 36.37 42.29
N VAL C 176 14.35 37.59 42.01
CA VAL C 176 14.86 38.33 40.86
C VAL C 176 15.92 39.34 41.27
N LEU C 177 17.10 39.23 40.67
CA LEU C 177 18.23 40.09 40.98
C LEU C 177 18.46 41.11 39.88
N SER C 178 18.20 42.38 40.18
CA SER C 178 18.34 43.44 39.20
C SER C 178 19.59 44.27 39.53
N PHE C 179 20.21 44.86 38.50
CA PHE C 179 21.53 45.50 38.64
C PHE C 179 21.59 47.03 38.47
N GLU C 180 21.85 47.71 39.59
CA GLU C 180 21.97 49.17 39.64
C GLU C 180 22.87 49.63 40.79
N CYS D 1 1.24 -59.88 -30.00
CA CYS D 1 2.63 -60.43 -29.96
C CYS D 1 3.60 -59.55 -30.76
N PRO D 2 3.39 -59.43 -32.10
CA PRO D 2 4.32 -58.63 -32.88
C PRO D 2 4.20 -57.13 -32.60
N PHE D 3 4.18 -56.76 -31.32
CA PHE D 3 4.11 -55.35 -30.92
C PHE D 3 5.47 -54.68 -31.03
N GLY D 4 6.52 -55.41 -30.66
CA GLY D 4 7.89 -54.99 -30.93
C GLY D 4 8.11 -54.75 -32.41
N GLU D 5 7.50 -55.58 -33.25
CA GLU D 5 7.53 -55.40 -34.71
C GLU D 5 6.87 -54.08 -35.12
N VAL D 6 5.86 -53.65 -34.37
CA VAL D 6 5.12 -52.43 -34.70
C VAL D 6 5.81 -51.19 -34.12
N PHE D 7 6.04 -51.19 -32.82
CA PHE D 7 6.60 -50.00 -32.18
C PHE D 7 7.87 -50.16 -31.37
N ASN D 8 8.65 -51.16 -31.74
CA ASN D 8 10.08 -51.10 -31.56
C ASN D 8 10.69 -51.06 -32.94
N ALA D 9 9.81 -50.88 -33.94
CA ALA D 9 10.19 -50.79 -35.35
C ALA D 9 11.17 -49.65 -35.56
N THR D 10 12.11 -49.86 -36.46
CA THR D 10 13.19 -48.91 -36.69
C THR D 10 12.78 -47.78 -37.62
N LYS D 11 12.10 -48.12 -38.71
CA LYS D 11 11.62 -47.11 -39.64
C LYS D 11 10.12 -46.91 -39.44
N PHE D 12 9.65 -45.67 -39.65
CA PHE D 12 8.22 -45.34 -39.67
C PHE D 12 7.89 -44.54 -40.93
N PRO D 13 6.68 -44.72 -41.48
CA PRO D 13 6.25 -44.00 -42.68
C PRO D 13 5.85 -42.57 -42.42
N SER D 14 5.81 -41.75 -43.48
CA SER D 14 5.18 -40.42 -43.44
C SER D 14 3.71 -40.60 -43.12
N VAL D 15 3.03 -39.53 -42.69
CA VAL D 15 1.62 -39.64 -42.36
C VAL D 15 0.80 -39.97 -43.59
N TYR D 16 0.90 -39.14 -44.64
CA TYR D 16 -0.01 -39.25 -45.77
C TYR D 16 -0.02 -40.66 -46.34
N ALA D 17 1.11 -41.35 -46.19
CA ALA D 17 1.26 -42.73 -46.61
C ALA D 17 1.56 -43.63 -45.40
N TRP D 18 0.57 -43.74 -44.52
CA TRP D 18 0.66 -44.56 -43.31
C TRP D 18 0.52 -46.07 -43.60
N GLU D 19 1.25 -46.89 -42.85
CA GLU D 19 1.14 -48.35 -42.97
C GLU D 19 0.14 -48.91 -41.98
N ARG D 20 -0.56 -49.95 -42.43
CA ARG D 20 -1.48 -50.72 -41.62
C ARG D 20 -0.88 -52.12 -41.49
N LYS D 21 -0.94 -52.69 -40.29
CA LYS D 21 -0.45 -54.05 -40.08
C LYS D 21 -1.53 -54.92 -39.42
N LYS D 22 -2.07 -55.87 -40.18
CA LYS D 22 -3.11 -56.76 -39.65
C LYS D 22 -2.56 -57.77 -38.64
N ILE D 23 -3.22 -57.87 -37.49
CA ILE D 23 -2.87 -58.83 -36.44
C ILE D 23 -4.10 -59.62 -36.04
N SER D 24 -4.00 -60.94 -36.15
CA SER D 24 -5.05 -61.86 -35.69
C SER D 24 -4.46 -63.18 -35.19
N ASN D 25 -5.29 -64.01 -34.56
CA ASN D 25 -4.85 -65.25 -33.91
C ASN D 25 -3.98 -64.98 -32.69
N CYS D 26 -2.79 -64.40 -32.92
CA CYS D 26 -1.84 -64.03 -31.87
C CYS D 26 -2.50 -63.54 -30.59
N VAL D 27 -2.00 -64.05 -29.47
CA VAL D 27 -2.48 -63.62 -28.16
C VAL D 27 -1.68 -62.42 -27.66
N ALA D 28 -2.38 -61.32 -27.39
CA ALA D 28 -1.78 -60.14 -26.79
C ALA D 28 -1.89 -60.20 -25.27
N ASP D 29 -1.39 -59.17 -24.60
CA ASP D 29 -1.48 -59.05 -23.16
C ASP D 29 -1.54 -57.59 -22.72
N TYR D 30 -1.05 -56.71 -23.59
CA TYR D 30 -1.06 -55.24 -23.41
C TYR D 30 -0.14 -54.71 -22.31
N SER D 31 0.34 -55.60 -21.44
CA SER D 31 1.31 -55.20 -20.41
C SER D 31 2.55 -54.58 -21.04
N VAL D 32 2.85 -55.01 -22.26
CA VAL D 32 3.97 -54.48 -23.05
C VAL D 32 3.84 -52.98 -23.29
N LEU D 33 2.60 -52.50 -23.36
CA LEU D 33 2.34 -51.08 -23.60
C LEU D 33 1.66 -50.37 -22.42
N TYR D 34 0.92 -51.13 -21.62
CA TYR D 34 0.19 -50.60 -20.48
C TYR D 34 1.16 -50.08 -19.41
N ASN D 35 2.19 -50.89 -19.15
CA ASN D 35 3.12 -50.64 -18.04
C ASN D 35 4.32 -49.77 -18.43
N SER D 36 4.08 -48.52 -18.83
CA SER D 36 5.17 -47.60 -19.18
C SER D 36 4.78 -46.11 -19.27
N THR D 37 5.71 -45.25 -18.86
CA THR D 37 5.63 -43.81 -19.10
C THR D 37 6.70 -43.45 -20.15
N PHE D 38 6.71 -44.23 -21.22
CA PHE D 38 7.53 -43.97 -22.39
C PHE D 38 6.64 -43.24 -23.40
N PHE D 39 5.34 -43.38 -23.23
CA PHE D 39 4.34 -42.76 -24.11
C PHE D 39 3.96 -41.38 -23.60
N SER D 40 3.43 -40.55 -24.51
CA SER D 40 3.04 -39.19 -24.20
C SER D 40 1.57 -38.96 -24.52
N THR D 41 0.93 -39.96 -25.13
CA THR D 41 -0.47 -39.84 -25.48
C THR D 41 -1.35 -40.96 -24.88
N PHE D 42 -1.38 -42.14 -25.50
CA PHE D 42 -2.09 -43.30 -24.94
C PHE D 42 -3.52 -42.95 -24.43
N LYS D 43 -4.39 -42.54 -25.35
CA LYS D 43 -5.78 -42.20 -25.03
C LYS D 43 -6.75 -43.13 -25.76
N CYS D 44 -7.90 -43.39 -25.15
CA CYS D 44 -8.82 -44.41 -25.70
C CYS D 44 -10.28 -43.97 -25.89
N TYR D 45 -10.90 -44.53 -26.94
CA TYR D 45 -12.20 -44.10 -27.43
C TYR D 45 -13.17 -45.27 -27.59
N GLY D 46 -13.18 -46.16 -26.60
CA GLY D 46 -14.02 -47.35 -26.63
C GLY D 46 -13.94 -48.12 -25.34
N VAL D 47 -12.72 -48.23 -24.80
CA VAL D 47 -12.43 -49.01 -23.59
C VAL D 47 -11.14 -48.56 -22.89
N SER D 48 -10.68 -49.38 -21.93
CA SER D 48 -9.35 -49.27 -21.28
C SER D 48 -9.15 -50.44 -20.32
N ALA D 49 -9.61 -51.62 -20.75
CA ALA D 49 -9.57 -52.83 -19.93
C ALA D 49 -8.66 -53.90 -20.56
N THR D 50 -8.78 -55.13 -20.09
CA THR D 50 -7.91 -56.21 -20.54
C THR D 50 -8.64 -57.54 -20.71
N LYS D 51 -8.21 -58.27 -21.74
CA LYS D 51 -8.57 -59.67 -21.96
C LYS D 51 -7.68 -60.23 -23.07
N LEU D 52 -6.98 -61.32 -22.76
CA LEU D 52 -5.96 -61.90 -23.65
C LEU D 52 -6.53 -62.53 -24.93
N ASN D 53 -6.29 -61.86 -26.07
CA ASN D 53 -6.79 -62.28 -27.37
C ASN D 53 -5.67 -62.59 -28.33
N VAL D 60 -7.60 -56.98 -35.25
CA VAL D 60 -6.79 -55.93 -34.64
C VAL D 60 -5.91 -55.23 -35.68
N TYR D 61 -6.00 -53.91 -35.76
CA TYR D 61 -5.25 -53.17 -36.76
C TYR D 61 -4.38 -52.05 -36.18
N ALA D 62 -3.09 -52.11 -36.51
CA ALA D 62 -2.10 -51.14 -36.02
C ALA D 62 -1.61 -50.22 -37.13
N ASP D 63 -1.85 -48.92 -36.95
CA ASP D 63 -1.52 -47.93 -37.96
C ASP D 63 -0.31 -47.08 -37.55
N SER D 64 0.64 -46.95 -38.47
CA SER D 64 1.90 -46.26 -38.20
C SER D 64 2.12 -45.02 -39.05
N PHE D 65 2.73 -44.01 -38.43
CA PHE D 65 3.18 -42.78 -39.07
C PHE D 65 3.81 -41.87 -38.03
N VAL D 66 4.48 -40.83 -38.51
CA VAL D 66 5.18 -39.89 -37.64
C VAL D 66 4.62 -38.50 -37.89
N VAL D 67 4.59 -37.68 -36.85
CA VAL D 67 4.06 -36.32 -36.97
C VAL D 67 4.71 -35.30 -36.03
N LYS D 68 4.56 -34.03 -36.44
CA LYS D 68 4.83 -32.87 -35.61
C LYS D 68 4.07 -33.00 -34.28
N GLY D 69 4.76 -32.74 -33.16
CA GLY D 69 4.12 -32.76 -31.84
C GLY D 69 2.74 -32.12 -31.77
N ASP D 70 2.56 -31.00 -32.49
CA ASP D 70 1.31 -30.24 -32.43
C ASP D 70 0.17 -30.83 -33.27
N ASP D 71 0.48 -31.81 -34.11
CA ASP D 71 -0.55 -32.46 -34.90
C ASP D 71 -1.02 -33.76 -34.26
N VAL D 72 -0.36 -34.21 -33.21
CA VAL D 72 -0.82 -35.37 -32.43
C VAL D 72 -2.28 -35.22 -31.97
N ARG D 73 -2.67 -34.00 -31.59
CA ARG D 73 -4.02 -33.68 -31.16
C ARG D 73 -5.10 -34.16 -32.16
N GLN D 74 -4.76 -34.14 -33.44
CA GLN D 74 -5.69 -34.42 -34.55
C GLN D 74 -5.95 -35.90 -34.81
N ILE D 75 -5.06 -36.77 -34.31
CA ILE D 75 -5.29 -38.21 -34.43
C ILE D 75 -6.34 -38.60 -33.40
N ALA D 76 -7.57 -38.20 -33.69
CA ALA D 76 -8.72 -38.37 -32.81
C ALA D 76 -10.04 -38.20 -33.58
N PRO D 77 -11.09 -38.94 -33.18
CA PRO D 77 -12.38 -38.74 -33.84
C PRO D 77 -12.87 -37.28 -33.73
N GLY D 78 -13.48 -36.78 -34.81
CA GLY D 78 -13.74 -35.35 -34.99
C GLY D 78 -12.49 -34.72 -35.59
N GLN D 79 -12.18 -33.51 -35.15
CA GLN D 79 -10.84 -32.90 -35.36
C GLN D 79 -10.60 -32.07 -36.63
N THR D 80 -9.72 -31.07 -36.46
CA THR D 80 -9.64 -29.86 -37.26
C THR D 80 -9.39 -30.08 -38.76
N GLY D 81 -8.12 -30.18 -39.16
CA GLY D 81 -7.78 -30.20 -40.57
C GLY D 81 -6.36 -30.59 -40.97
N VAL D 82 -6.03 -30.31 -42.23
CA VAL D 82 -4.74 -30.63 -42.85
C VAL D 82 -4.22 -32.07 -42.62
N ILE D 83 -3.93 -32.43 -41.38
CA ILE D 83 -3.53 -33.81 -41.04
C ILE D 83 -4.75 -34.72 -41.02
N ALA D 84 -5.77 -34.34 -40.23
CA ALA D 84 -6.99 -35.13 -40.13
C ALA D 84 -7.78 -35.08 -41.44
N ASP D 85 -7.69 -33.94 -42.13
CA ASP D 85 -8.41 -33.72 -43.38
C ASP D 85 -7.81 -34.48 -44.56
N TYR D 86 -6.50 -34.38 -44.75
CA TYR D 86 -5.88 -34.82 -45.99
C TYR D 86 -4.91 -35.99 -45.84
N ASN D 87 -4.70 -36.44 -44.61
CA ASN D 87 -3.67 -37.45 -44.37
C ASN D 87 -4.23 -38.68 -43.67
N TYR D 88 -4.95 -38.46 -42.58
CA TYR D 88 -5.47 -39.56 -41.80
C TYR D 88 -6.73 -39.11 -41.09
N LYS D 89 -7.86 -39.64 -41.54
CA LYS D 89 -9.15 -39.37 -40.91
C LYS D 89 -9.53 -40.51 -39.99
N LEU D 90 -9.93 -40.16 -38.76
CA LEU D 90 -10.38 -41.15 -37.79
C LEU D 90 -11.90 -41.02 -37.65
N PRO D 91 -12.63 -42.15 -37.76
CA PRO D 91 -14.09 -42.14 -37.74
C PRO D 91 -14.64 -41.69 -36.40
N ASP D 92 -15.74 -40.95 -36.46
CA ASP D 92 -16.39 -40.37 -35.28
C ASP D 92 -16.88 -41.46 -34.32
N ASP D 93 -16.87 -42.70 -34.80
CA ASP D 93 -17.36 -43.86 -34.06
C ASP D 93 -16.26 -44.91 -33.90
N PHE D 94 -16.50 -46.10 -34.47
CA PHE D 94 -15.58 -47.26 -34.49
C PHE D 94 -14.15 -46.88 -34.09
N MET D 95 -13.72 -47.36 -32.93
CA MET D 95 -12.40 -47.00 -32.45
C MET D 95 -11.62 -48.01 -31.59
N GLY D 96 -10.32 -47.75 -31.50
CA GLY D 96 -9.41 -48.36 -30.54
C GLY D 96 -8.57 -47.27 -29.89
N CYS D 97 -7.29 -47.53 -29.66
CA CYS D 97 -6.44 -46.57 -28.96
C CYS D 97 -5.34 -45.93 -29.81
N VAL D 98 -5.02 -44.68 -29.49
CA VAL D 98 -3.95 -43.93 -30.13
C VAL D 98 -2.82 -43.74 -29.13
N LEU D 99 -1.64 -44.23 -29.49
CA LEU D 99 -0.45 -44.03 -28.69
C LEU D 99 0.49 -43.13 -29.45
N ALA D 100 1.22 -42.29 -28.70
CA ALA D 100 2.25 -41.43 -29.28
C ALA D 100 3.40 -41.28 -28.31
N TRP D 101 4.59 -41.04 -28.87
CA TRP D 101 5.80 -40.89 -28.06
C TRP D 101 6.88 -40.17 -28.85
N ASN D 102 7.60 -39.28 -28.14
CA ASN D 102 8.63 -38.40 -28.71
C ASN D 102 9.82 -39.14 -29.31
N THR D 103 10.21 -38.72 -30.51
CA THR D 103 11.33 -39.33 -31.22
C THR D 103 12.41 -38.33 -31.63
N ARG D 104 12.46 -37.20 -30.94
CA ARG D 104 13.50 -36.21 -31.13
C ARG D 104 14.84 -36.88 -31.42
N ASN D 105 15.27 -37.77 -30.52
CA ASN D 105 16.54 -38.50 -30.64
C ASN D 105 16.65 -39.34 -31.91
N ILE D 106 15.53 -39.92 -32.33
CA ILE D 106 15.51 -40.86 -33.44
C ILE D 106 15.28 -40.18 -34.79
N ASP D 107 14.34 -39.23 -34.84
CA ASP D 107 13.85 -38.71 -36.12
C ASP D 107 14.24 -37.27 -36.43
N ALA D 108 15.23 -36.74 -35.72
CA ALA D 108 15.69 -35.37 -35.96
C ALA D 108 17.22 -35.27 -35.91
N THR D 109 17.81 -34.69 -36.95
CA THR D 109 19.24 -34.36 -36.94
C THR D 109 19.39 -32.92 -36.47
N SER D 110 20.60 -32.52 -36.15
CA SER D 110 20.80 -31.12 -35.79
C SER D 110 20.79 -30.28 -37.07
N THR D 111 20.99 -30.94 -38.20
CA THR D 111 21.07 -30.24 -39.47
C THR D 111 19.74 -30.28 -40.22
N GLY D 112 18.81 -31.11 -39.72
CA GLY D 112 17.47 -31.18 -40.25
C GLY D 112 17.21 -32.46 -40.98
N ASN D 113 16.05 -33.05 -40.71
CA ASN D 113 15.58 -34.23 -41.43
C ASN D 113 14.24 -33.94 -42.10
N TYR D 114 14.12 -34.33 -43.36
CA TYR D 114 12.95 -33.99 -44.15
C TYR D 114 12.26 -35.22 -44.74
N ASN D 115 12.88 -36.38 -44.55
CA ASN D 115 12.37 -37.65 -45.09
C ASN D 115 10.88 -37.83 -44.87
N TYR D 116 10.39 -37.37 -43.71
CA TYR D 116 8.97 -37.40 -43.39
C TYR D 116 8.23 -36.27 -44.09
N LYS D 117 7.10 -36.61 -44.67
CA LYS D 117 6.32 -35.67 -45.47
C LYS D 117 4.84 -35.64 -45.06
N TYR D 118 4.06 -34.75 -45.68
CA TYR D 118 2.60 -34.77 -45.51
C TYR D 118 1.83 -33.93 -46.52
N ARG D 119 0.62 -34.40 -46.80
CA ARG D 119 -0.32 -33.75 -47.72
C ARG D 119 -0.95 -32.53 -47.03
N TYR D 120 -0.81 -31.36 -47.65
CA TYR D 120 -1.45 -30.14 -47.15
C TYR D 120 -2.49 -29.58 -48.11
N LEU D 121 -2.68 -30.25 -49.24
CA LEU D 121 -3.68 -29.87 -50.26
C LEU D 121 -4.35 -31.06 -50.96
N ARG D 122 -5.69 -31.05 -50.93
CA ARG D 122 -6.50 -32.08 -51.57
C ARG D 122 -7.92 -31.59 -51.85
N HIS D 123 -8.40 -31.89 -53.07
CA HIS D 123 -9.78 -31.61 -53.43
C HIS D 123 -10.65 -32.55 -52.62
N GLY D 124 -11.38 -31.98 -51.66
CA GLY D 124 -12.23 -32.78 -50.77
C GLY D 124 -11.45 -33.45 -49.65
N LYS D 125 -12.08 -33.57 -48.50
CA LYS D 125 -11.48 -34.22 -47.34
C LYS D 125 -11.62 -35.74 -47.41
N LEU D 126 -10.83 -36.44 -46.60
CA LEU D 126 -10.82 -37.90 -46.60
C LEU D 126 -11.99 -38.50 -45.82
N ARG D 127 -12.50 -39.63 -46.32
CA ARG D 127 -13.36 -40.51 -45.54
C ARG D 127 -12.46 -41.21 -44.52
N PRO D 128 -13.00 -41.52 -43.33
CA PRO D 128 -12.27 -42.28 -42.29
C PRO D 128 -11.50 -43.50 -42.83
N PHE D 129 -10.30 -43.72 -42.29
CA PHE D 129 -9.38 -44.81 -42.71
C PHE D 129 -8.97 -44.86 -44.20
N GLU D 130 -9.34 -43.85 -44.96
CA GLU D 130 -8.92 -43.67 -46.36
C GLU D 130 -7.41 -43.35 -46.45
N ARG D 131 -6.90 -43.24 -47.68
CA ARG D 131 -5.46 -43.09 -47.92
C ARG D 131 -5.15 -42.59 -49.32
N ASP D 132 -4.55 -41.41 -49.38
CA ASP D 132 -4.12 -40.81 -50.64
C ASP D 132 -2.59 -40.72 -50.65
N ILE D 133 -1.99 -41.29 -51.69
CA ILE D 133 -0.54 -41.23 -51.91
C ILE D 133 -0.22 -40.57 -53.25
N SER D 134 -1.25 -40.05 -53.93
CA SER D 134 -1.05 -39.46 -55.26
C SER D 134 -0.29 -38.12 -55.21
N ASN D 135 0.98 -38.19 -55.62
CA ASN D 135 1.85 -37.02 -55.78
C ASN D 135 1.57 -36.32 -57.11
N VAL D 136 0.36 -35.76 -57.23
CA VAL D 136 -0.10 -35.10 -58.47
C VAL D 136 -0.39 -33.62 -58.23
N PRO D 137 0.29 -32.72 -58.96
CA PRO D 137 0.21 -31.26 -58.73
C PRO D 137 -1.22 -30.70 -58.72
N PHE D 138 -1.38 -29.57 -58.05
CA PHE D 138 -2.69 -29.08 -57.59
C PHE D 138 -3.03 -27.70 -58.16
N SER D 139 -4.29 -27.53 -58.55
CA SER D 139 -4.82 -26.22 -58.89
C SER D 139 -6.15 -26.03 -58.18
N PRO D 140 -6.34 -24.87 -57.54
CA PRO D 140 -7.57 -24.56 -56.78
C PRO D 140 -8.89 -24.70 -57.58
N ASP D 141 -8.78 -24.82 -58.91
CA ASP D 141 -9.97 -24.90 -59.77
C ASP D 141 -10.05 -26.16 -60.64
N GLY D 142 -9.39 -27.22 -60.19
CA GLY D 142 -9.49 -28.53 -60.84
C GLY D 142 -8.52 -28.80 -61.98
N LYS D 143 -8.04 -27.74 -62.63
CA LYS D 143 -7.18 -27.82 -63.81
C LYS D 143 -5.85 -28.57 -63.60
N PRO D 144 -5.30 -29.18 -64.67
CA PRO D 144 -3.93 -29.74 -64.64
C PRO D 144 -2.85 -28.68 -64.49
N CYS D 145 -1.63 -29.10 -64.15
CA CYS D 145 -0.55 -28.19 -63.73
C CYS D 145 0.82 -28.49 -64.35
N THR D 146 1.60 -27.43 -64.60
CA THR D 146 2.99 -27.57 -65.04
C THR D 146 3.93 -26.60 -64.30
N PRO D 147 4.28 -26.91 -63.03
CA PRO D 147 5.25 -26.09 -62.29
C PRO D 147 6.54 -25.87 -63.08
N PRO D 148 7.17 -24.68 -62.94
CA PRO D 148 6.84 -23.62 -61.98
C PRO D 148 5.75 -22.64 -62.48
N ALA D 149 4.51 -23.14 -62.58
CA ALA D 149 3.37 -22.34 -63.03
C ALA D 149 2.59 -21.73 -61.86
N LEU D 150 1.91 -20.62 -62.15
CA LEU D 150 1.16 -19.86 -61.16
C LEU D 150 -0.05 -20.65 -60.67
N ASN D 151 -0.22 -20.69 -59.34
CA ASN D 151 -1.31 -21.43 -58.69
C ASN D 151 -1.21 -22.95 -58.83
N CYS D 152 0.03 -23.42 -58.99
CA CYS D 152 0.32 -24.85 -58.97
C CYS D 152 1.29 -25.16 -57.84
N TYR D 153 0.90 -26.08 -56.98
CA TYR D 153 1.70 -26.46 -55.83
C TYR D 153 1.69 -27.99 -55.64
N TRP D 154 2.87 -28.58 -55.44
CA TRP D 154 2.98 -29.99 -55.10
C TRP D 154 2.33 -30.18 -53.73
N PRO D 155 1.38 -31.13 -53.63
CA PRO D 155 0.58 -31.28 -52.40
C PRO D 155 1.32 -31.87 -51.20
N LEU D 156 2.60 -32.23 -51.39
CA LEU D 156 3.38 -32.82 -50.31
C LEU D 156 4.36 -31.82 -49.67
N ASN D 157 4.34 -31.76 -48.34
CA ASN D 157 5.28 -30.93 -47.59
C ASN D 157 6.24 -31.74 -46.73
N ASP D 158 7.48 -31.25 -46.65
CA ASP D 158 8.46 -31.79 -45.73
C ASP D 158 8.28 -31.14 -44.36
N TYR D 159 8.38 -31.94 -43.30
CA TYR D 159 8.29 -31.41 -41.95
C TYR D 159 9.50 -30.54 -41.58
N GLY D 160 10.70 -31.06 -41.81
CA GLY D 160 11.90 -30.41 -41.29
C GLY D 160 11.99 -30.57 -39.78
N PHE D 161 12.42 -31.75 -39.34
CA PHE D 161 12.68 -32.03 -37.94
C PHE D 161 14.11 -31.66 -37.59
N TYR D 162 14.23 -30.60 -36.82
CA TYR D 162 15.51 -30.14 -36.31
C TYR D 162 15.54 -30.48 -34.84
N THR D 163 16.73 -30.84 -34.36
CA THR D 163 16.92 -31.34 -33.00
C THR D 163 16.53 -30.29 -31.93
N THR D 164 16.46 -29.03 -32.37
CA THR D 164 16.36 -27.87 -31.50
C THR D 164 14.96 -27.28 -31.27
N THR D 165 14.01 -27.61 -32.15
CA THR D 165 12.69 -26.97 -32.13
C THR D 165 11.91 -27.18 -30.82
N GLY D 166 10.81 -26.43 -30.67
CA GLY D 166 9.87 -26.60 -29.56
C GLY D 166 9.18 -27.95 -29.64
N ILE D 167 8.75 -28.47 -28.49
CA ILE D 167 8.16 -29.80 -28.40
C ILE D 167 7.11 -29.91 -29.49
N GLY D 168 6.30 -28.87 -29.60
CA GLY D 168 5.22 -28.82 -30.59
C GLY D 168 5.67 -29.05 -32.00
N TYR D 169 6.95 -28.79 -32.30
CA TYR D 169 7.54 -29.00 -33.62
C TYR D 169 8.51 -30.18 -33.71
N GLN D 170 8.69 -30.91 -32.61
CA GLN D 170 9.48 -32.14 -32.64
C GLN D 170 8.67 -33.34 -33.19
N PRO D 171 9.37 -34.40 -33.64
CA PRO D 171 8.68 -35.58 -34.16
C PRO D 171 8.11 -36.52 -33.10
N TYR D 172 6.89 -36.99 -33.34
CA TYR D 172 6.29 -38.03 -32.52
C TYR D 172 5.92 -39.16 -33.45
N ARG D 173 6.16 -40.39 -33.00
CA ARG D 173 5.63 -41.59 -33.65
C ARG D 173 4.21 -41.84 -33.12
N VAL D 174 3.37 -42.46 -33.96
CA VAL D 174 1.97 -42.72 -33.62
C VAL D 174 1.53 -44.12 -34.03
N VAL D 175 1.04 -44.87 -33.05
CA VAL D 175 0.52 -46.21 -33.30
C VAL D 175 -0.96 -46.20 -32.96
N VAL D 176 -1.79 -46.55 -33.94
CA VAL D 176 -3.24 -46.54 -33.79
C VAL D 176 -3.78 -47.95 -33.79
N LEU D 177 -4.28 -48.39 -32.64
CA LEU D 177 -4.86 -49.72 -32.54
C LEU D 177 -6.36 -49.67 -32.76
N SER D 178 -6.83 -50.43 -33.74
CA SER D 178 -8.25 -50.51 -34.04
C SER D 178 -8.72 -51.91 -33.67
N PHE D 179 -9.98 -52.04 -33.29
CA PHE D 179 -10.48 -53.33 -32.80
C PHE D 179 -11.65 -53.89 -33.61
N GLU D 180 -11.50 -55.13 -34.04
CA GLU D 180 -12.46 -55.81 -34.89
C GLU D 180 -12.79 -57.16 -34.25
C1 NAG E . -11.87 32.57 20.66
C2 NAG E . -10.85 33.50 20.00
C3 NAG E . -9.44 32.97 20.28
C4 NAG E . -9.18 32.84 21.79
C5 NAG E . -10.36 32.25 22.58
C6 NAG E . -10.39 32.90 23.96
C7 NAG E . -11.01 34.82 17.87
C8 NAG E . -9.97 34.85 16.78
N2 NAG E . -11.11 33.66 18.57
O3 NAG E . -8.49 33.86 19.73
O4 NAG E . -7.94 32.19 22.05
O5 NAG E . -11.65 32.51 22.06
O6 NAG E . -9.53 32.16 24.81
O7 NAG E . -11.72 35.82 18.03
C1 NAG E . -7.14 33.02 22.94
C2 NAG E . -5.97 32.22 23.51
C3 NAG E . -4.68 33.02 23.78
C4 NAG E . -4.38 34.03 22.69
C5 NAG E . -5.59 34.94 22.40
C6 NAG E . -5.40 35.65 21.05
C7 NAG E . -6.41 30.32 24.97
C8 NAG E . -7.50 29.77 25.84
N2 NAG E . -6.40 31.64 24.77
O3 NAG E . -3.60 32.13 23.87
O4 NAG E . -3.29 34.84 23.08
O5 NAG E . -6.88 34.33 22.43
O6 NAG E . -5.30 37.04 21.25
O7 NAG E . -5.58 29.56 24.49
C1 BMA E . -2.04 34.40 22.50
C2 BMA E . -1.19 35.62 22.16
C3 BMA E . 0.07 35.13 21.44
C4 BMA E . 0.83 34.11 22.31
C5 BMA E . -0.11 32.99 22.83
C6 BMA E . 0.48 32.08 23.93
O2 BMA E . -0.88 36.30 23.35
O3 BMA E . 0.89 36.22 21.01
O4 BMA E . 1.89 33.56 21.56
O5 BMA E . -1.31 33.54 23.36
O6 BMA E . 1.84 31.71 23.69
C1 NAG F . -10.82 -14.05 -42.71
C2 NAG F . -11.85 -14.77 -41.84
C3 NAG F . -11.14 -15.74 -40.91
C4 NAG F . -10.26 -16.70 -41.71
C5 NAG F . -9.36 -15.88 -42.64
C6 NAG F . -8.52 -16.77 -43.54
C7 NAG F . -13.85 -13.37 -41.59
C8 NAG F . -14.07 -11.89 -41.50
N2 NAG F . -12.69 -13.83 -41.10
O3 NAG F . -12.07 -16.48 -40.14
O4 NAG F . -9.48 -17.46 -40.82
O5 NAG F . -10.12 -15.03 -43.46
O6 NAG F . -7.43 -17.27 -42.79
O7 NAG F . -14.71 -14.09 -42.09
C1 NAG F . -9.79 -18.87 -40.87
C2 NAG F . -8.75 -19.60 -40.02
C3 NAG F . -9.13 -21.05 -39.73
C4 NAG F . -10.57 -21.11 -39.23
C5 NAG F . -11.43 -20.52 -40.35
C6 NAG F . -12.92 -20.76 -40.15
C7 NAG F . -6.41 -18.90 -40.05
C8 NAG F . -5.12 -18.84 -40.81
N2 NAG F . -7.43 -19.53 -40.63
O3 NAG F . -8.23 -21.61 -38.80
O4 NAG F . -10.95 -22.43 -38.93
O5 NAG F . -11.13 -19.14 -40.44
O6 NAG F . -13.46 -19.72 -39.36
O7 NAG F . -6.48 -18.38 -38.93
C1 BMA F . -10.95 -22.65 -37.50
C2 BMA F . -12.18 -23.48 -37.13
C3 BMA F . -12.07 -24.17 -35.77
C4 BMA F . -10.66 -24.70 -35.52
C5 BMA F . -9.63 -23.60 -35.74
C6 BMA F . -8.23 -24.09 -35.40
O2 BMA F . -12.48 -24.42 -38.15
O3 BMA F . -12.99 -25.24 -35.70
O4 BMA F . -10.58 -25.20 -34.20
O5 BMA F . -9.71 -23.20 -37.10
O6 BMA F . -7.27 -23.37 -36.14
C1 NAG G . -6.31 4.59 56.09
C2 NAG G . -6.01 6.09 55.97
C3 NAG G . -5.54 6.75 57.28
C4 NAG G . -6.25 6.20 58.51
C5 NAG G . -6.18 4.68 58.52
C6 NAG G . -6.90 4.12 59.74
C7 NAG G . -5.26 7.08 53.85
C8 NAG G . -4.93 6.46 52.52
N2 NAG G . -5.01 6.33 54.93
O3 NAG G . -5.76 8.13 57.18
O4 NAG G . -5.66 6.74 59.68
O5 NAG G . -6.80 4.18 57.36
O6 NAG G . -6.15 3.04 60.27
O7 NAG G . -5.73 8.22 53.90
C1 NAG H . 11.63 7.70 31.88
C2 NAG H . 12.77 8.59 31.35
C3 NAG H . 14.11 7.89 31.63
C4 NAG H . 14.30 7.71 33.13
C5 NAG H . 13.07 7.08 33.84
C6 NAG H . 13.11 7.44 35.34
C7 NAG H . 12.44 10.22 29.56
C8 NAG H . 11.21 10.56 28.76
N2 NAG H . 12.60 8.94 29.95
O3 NAG H . 15.16 8.65 31.08
O4 NAG H . 15.43 6.89 33.42
O5 NAG H . 11.78 7.45 33.29
O6 NAG H . 14.23 6.89 36.02
O7 NAG H . 13.25 11.09 29.87
C1 NAG I . 11.85 -0.89 20.53
C2 NAG I . 13.11 -0.66 21.39
C3 NAG I . 14.25 -1.52 20.87
C4 NAG I . 13.79 -2.95 21.10
C5 NAG I . 12.63 -3.13 20.12
C6 NAG I . 12.07 -4.54 20.05
C7 NAG I . 12.86 1.70 22.14
C8 NAG I . 13.54 3.04 22.22
N2 NAG I . 13.52 0.75 21.46
O3 NAG I . 15.46 -1.24 21.53
O4 NAG I . 14.86 -3.85 20.90
O5 NAG I . 11.56 -2.27 20.48
O6 NAG I . 10.67 -4.45 19.85
O7 NAG I . 11.74 1.51 22.66
ZN ZN J . -10.60 1.89 30.27
CL CL K . -33.19 -10.02 28.15
C1 NAG L . 7.54 -23.91 -14.04
C2 NAG L . 6.17 -24.60 -13.91
C3 NAG L . 5.97 -25.14 -12.48
C4 NAG L . 7.20 -25.89 -11.96
C5 NAG L . 8.51 -25.15 -12.23
C6 NAG L . 9.69 -26.08 -11.94
C7 NAG L . 4.17 -24.05 -15.24
C8 NAG L . 3.70 -22.97 -16.18
N2 NAG L . 5.08 -23.71 -14.32
O3 NAG L . 4.85 -26.01 -12.41
O4 NAG L . 7.06 -26.16 -10.58
O5 NAG L . 8.62 -24.71 -13.57
O6 NAG L . 10.84 -25.28 -11.85
O7 NAG L . 3.68 -25.19 -15.36
ZN ZN M . 15.19 -5.11 -26.27
CL CL N . 27.22 13.48 -30.88
C1 NAG O . 21.59 30.00 53.42
C2 NAG O . 21.94 29.02 52.29
C3 NAG O . 22.99 28.01 52.77
C4 NAG O . 24.21 28.71 53.38
C5 NAG O . 23.84 29.85 54.34
C6 NAG O . 25.08 30.70 54.59
C7 NAG O . 20.06 28.70 50.68
C8 NAG O . 18.63 28.24 50.54
N2 NAG O . 20.75 28.33 51.79
O3 NAG O . 23.43 27.24 51.69
O4 NAG O . 25.02 27.75 54.03
O5 NAG O . 22.78 30.66 53.83
O6 NAG O . 24.91 31.56 55.70
O7 NAG O . 20.54 29.41 49.79
C1 NAG P . 10.72 -53.52 -27.55
C2 NAG P . 9.61 -53.64 -26.51
C3 NAG P . 10.10 -54.54 -25.37
C4 NAG P . 10.17 -55.94 -26.00
C5 NAG P . 11.14 -55.93 -27.21
C6 NAG P . 10.95 -57.20 -28.05
C7 NAG P . 7.83 -52.08 -26.38
C8 NAG P . 7.34 -50.71 -25.98
N2 NAG P . 9.08 -52.38 -26.04
O3 NAG P . 9.21 -54.51 -24.28
O4 NAG P . 10.56 -56.90 -25.02
O5 NAG P . 11.02 -54.80 -28.09
O6 NAG P . 11.93 -57.25 -29.07
O7 NAG P . 7.10 -52.87 -26.99
#